data_5QOR
# 
_entry.id   5QOR 
# 
_audit_conform.dict_name       mmcif_pdbx.dic 
_audit_conform.dict_version    5.387 
_audit_conform.dict_location   http://mmcif.pdb.org/dictionaries/ascii/mmcif_pdbx.dic 
# 
loop_
_database_2.database_id 
_database_2.database_code 
_database_2.pdbx_database_accession 
_database_2.pdbx_DOI 
PDB   5QOR         pdb_00005qor 10.2210/pdb5qor/pdb 
WWPDB D_1001402216 ?            ?                   
# 
loop_
_pdbx_audit_revision_history.ordinal 
_pdbx_audit_revision_history.data_content_type 
_pdbx_audit_revision_history.major_revision 
_pdbx_audit_revision_history.minor_revision 
_pdbx_audit_revision_history.revision_date 
1 'Structure model' 1 0 2019-05-08 
2 'Structure model' 1 1 2019-11-20 
3 'Structure model' 1 2 2024-03-06 
# 
_pdbx_audit_revision_details.ordinal             1 
_pdbx_audit_revision_details.revision_ordinal    1 
_pdbx_audit_revision_details.data_content_type   'Structure model' 
_pdbx_audit_revision_details.provider            repository 
_pdbx_audit_revision_details.type                'Initial release' 
_pdbx_audit_revision_details.description         ? 
_pdbx_audit_revision_details.details             ? 
# 
loop_
_pdbx_audit_revision_group.ordinal 
_pdbx_audit_revision_group.revision_ordinal 
_pdbx_audit_revision_group.data_content_type 
_pdbx_audit_revision_group.group 
1 2 'Structure model' 'Data collection'     
2 3 'Structure model' 'Data collection'     
3 3 'Structure model' 'Database references' 
# 
loop_
_pdbx_audit_revision_category.ordinal 
_pdbx_audit_revision_category.revision_ordinal 
_pdbx_audit_revision_category.data_content_type 
_pdbx_audit_revision_category.category 
1 2 'Structure model' diffrn_source  
2 3 'Structure model' chem_comp_atom 
3 3 'Structure model' chem_comp_bond 
4 3 'Structure model' database_2     
# 
loop_
_pdbx_audit_revision_item.ordinal 
_pdbx_audit_revision_item.revision_ordinal 
_pdbx_audit_revision_item.data_content_type 
_pdbx_audit_revision_item.item 
1 2 'Structure model' '_diffrn_source.pdbx_synchrotron_beamline' 
2 2 'Structure model' '_diffrn_source.type'                      
3 3 'Structure model' '_database_2.pdbx_DOI'                     
4 3 'Structure model' '_database_2.pdbx_database_accession'      
# 
_pdbx_database_status.entry_id                        5QOR 
_pdbx_database_status.status_code                     REL 
_pdbx_database_status.status_code_sf                  REL 
_pdbx_database_status.status_code_mr                  ? 
_pdbx_database_status.status_code_cs                  ? 
_pdbx_database_status.recvd_initial_deposition_date   2019-02-22 
_pdbx_database_status.deposit_site                    RCSB 
_pdbx_database_status.process_site                    RCSB 
_pdbx_database_status.SG_entry                        ? 
_pdbx_database_status.pdb_format_compatible           Y 
_pdbx_database_status.methods_development_category    ? 
_pdbx_database_status.status_code_nmr_data            ? 
# 
loop_
_audit_author.name 
_audit_author.pdbx_ordinal 
_audit_author.identifier_ORCID 
'Nelson, E.R.'      1  ? 
'Velupillai, S.'    2  ? 
'Talon, R.'         3  ? 
'Collins, P.M.'     4  ? 
'Krojer, T.'        5  ? 
'Wang, D.'          6  ? 
'Brandao-Neto, J.'  7  ? 
'Douangamath, A.'   8  ? 
'Burgess-Brown, N.' 9  ? 
'Arrowsmith, C.H.'  10 ? 
'Bountra, C.'       11 ? 
'Huber, K.'         12 ? 
'von Delft, F.'     13 ? 
# 
_citation.id                        primary 
_citation.title                     'PanDDA analysis group deposition' 
_citation.journal_abbrev            'To Be Published' 
_citation.journal_volume            ? 
_citation.page_first                ? 
_citation.page_last                 ? 
_citation.year                      ? 
_citation.journal_id_ASTM           ? 
_citation.country                   ? 
_citation.journal_id_ISSN           ? 
_citation.journal_id_CSD            0353 
_citation.book_publisher            ? 
_citation.pdbx_database_id_PubMed   ? 
_citation.pdbx_database_id_DOI      ? 
# 
loop_
_citation_author.citation_id 
_citation_author.name 
_citation_author.identifier_ORCID 
_citation_author.ordinal 
primary 'Nelson, E.R.'      ? 1  
primary 'Velupillai, S.'    ? 2  
primary 'Talon, R.'         ? 3  
primary 'Collins, P.M.'     ? 4  
primary 'Krojer, T.'        ? 5  
primary 'Wang, D.'          ? 6  
primary 'Brandao-Neto, J.'  ? 7  
primary 'Douangamath, A.'   ? 8  
primary 'Burgess-Brown, N.' ? 9  
primary 'Arrowsmith, C.H.'  ? 10 
primary 'Bountra, C.'       ? 11 
primary 'Huber, K.'         ? 12 
primary 'von Delft, F.'     ? 13 
# 
loop_
_entity.id 
_entity.type 
_entity.src_method 
_entity.pdbx_description 
_entity.formula_weight 
_entity.pdbx_number_of_molecules 
_entity.pdbx_ec 
_entity.pdbx_mutation 
_entity.pdbx_fragment 
_entity.details 
1 polymer     man 'DCP2 (NUDT20)'                                                         19073.738 1  3.6.1.62 ? 
'UNP residues 95-260' ? 
2 non-polymer syn 1,2-ETHANEDIOL                                                          62.068    2  ?        ? ? ? 
3 non-polymer syn 'DIMETHYL SULFOXIDE'                                                    78.133    1  ?        ? ? ? 
4 non-polymer syn 'ACETATE ION'                                                           59.044    2  ?        ? ? ? 
5 non-polymer syn 'N-[(4-fluorophenyl)methyl]-2-(propan-2-yl)-1H-imidazole-5-carboxamide' 261.295   1  ?        ? ? ? 
6 water       nat water                                                                   18.015    90 ?        ? ? ? 
# 
_entity_name_com.entity_id   1 
_entity_name_com.name        
'Nucleoside diphosphate-linked moiety X motif 20, Nudix motif 20, mRNA-decapping enzyme 2, hDpc, m7GpppN-mRNA hydrolase' 
# 
_entity_poly.entity_id                      1 
_entity_poly.type                           'polypeptide(L)' 
_entity_poly.nstd_linkage                   no 
_entity_poly.nstd_monomer                   no 
_entity_poly.pdbx_seq_one_letter_code       
;SMGVPTYGAIILDETLENVLLVQGYLAKSGWGFPKGKVNKEEAPHDCAAREVFEETGFDIKDYICKDDYIELRINDQLAR
LYIIPGIPKDTKFNPKTRREIRNIEWFSIEKLPCHRNDMTPKSKLGLAPNKFFMAIPFIRPLRDWLSRRFGDSSDSDNGF
SSTGSTP
;
_entity_poly.pdbx_seq_one_letter_code_can   
;SMGVPTYGAIILDETLENVLLVQGYLAKSGWGFPKGKVNKEEAPHDCAAREVFEETGFDIKDYICKDDYIELRINDQLAR
LYIIPGIPKDTKFNPKTRREIRNIEWFSIEKLPCHRNDMTPKSKLGLAPNKFFMAIPFIRPLRDWLSRRFGDSSDSDNGF
SSTGSTP
;
_entity_poly.pdbx_strand_id                 A 
_entity_poly.pdbx_target_identifier         ? 
# 
loop_
_pdbx_entity_nonpoly.entity_id 
_pdbx_entity_nonpoly.name 
_pdbx_entity_nonpoly.comp_id 
2 1,2-ETHANEDIOL                                                          EDO 
3 'DIMETHYL SULFOXIDE'                                                    DMS 
4 'ACETATE ION'                                                           ACT 
5 'N-[(4-fluorophenyl)methyl]-2-(propan-2-yl)-1H-imidazole-5-carboxamide' LEY 
6 water                                                                   HOH 
# 
loop_
_entity_poly_seq.entity_id 
_entity_poly_seq.num 
_entity_poly_seq.mon_id 
_entity_poly_seq.hetero 
1 1   SER n 
1 2   MET n 
1 3   GLY n 
1 4   VAL n 
1 5   PRO n 
1 6   THR n 
1 7   TYR n 
1 8   GLY n 
1 9   ALA n 
1 10  ILE n 
1 11  ILE n 
1 12  LEU n 
1 13  ASP n 
1 14  GLU n 
1 15  THR n 
1 16  LEU n 
1 17  GLU n 
1 18  ASN n 
1 19  VAL n 
1 20  LEU n 
1 21  LEU n 
1 22  VAL n 
1 23  GLN n 
1 24  GLY n 
1 25  TYR n 
1 26  LEU n 
1 27  ALA n 
1 28  LYS n 
1 29  SER n 
1 30  GLY n 
1 31  TRP n 
1 32  GLY n 
1 33  PHE n 
1 34  PRO n 
1 35  LYS n 
1 36  GLY n 
1 37  LYS n 
1 38  VAL n 
1 39  ASN n 
1 40  LYS n 
1 41  GLU n 
1 42  GLU n 
1 43  ALA n 
1 44  PRO n 
1 45  HIS n 
1 46  ASP n 
1 47  CYS n 
1 48  ALA n 
1 49  ALA n 
1 50  ARG n 
1 51  GLU n 
1 52  VAL n 
1 53  PHE n 
1 54  GLU n 
1 55  GLU n 
1 56  THR n 
1 57  GLY n 
1 58  PHE n 
1 59  ASP n 
1 60  ILE n 
1 61  LYS n 
1 62  ASP n 
1 63  TYR n 
1 64  ILE n 
1 65  CYS n 
1 66  LYS n 
1 67  ASP n 
1 68  ASP n 
1 69  TYR n 
1 70  ILE n 
1 71  GLU n 
1 72  LEU n 
1 73  ARG n 
1 74  ILE n 
1 75  ASN n 
1 76  ASP n 
1 77  GLN n 
1 78  LEU n 
1 79  ALA n 
1 80  ARG n 
1 81  LEU n 
1 82  TYR n 
1 83  ILE n 
1 84  ILE n 
1 85  PRO n 
1 86  GLY n 
1 87  ILE n 
1 88  PRO n 
1 89  LYS n 
1 90  ASP n 
1 91  THR n 
1 92  LYS n 
1 93  PHE n 
1 94  ASN n 
1 95  PRO n 
1 96  LYS n 
1 97  THR n 
1 98  ARG n 
1 99  ARG n 
1 100 GLU n 
1 101 ILE n 
1 102 ARG n 
1 103 ASN n 
1 104 ILE n 
1 105 GLU n 
1 106 TRP n 
1 107 PHE n 
1 108 SER n 
1 109 ILE n 
1 110 GLU n 
1 111 LYS n 
1 112 LEU n 
1 113 PRO n 
1 114 CYS n 
1 115 HIS n 
1 116 ARG n 
1 117 ASN n 
1 118 ASP n 
1 119 MET n 
1 120 THR n 
1 121 PRO n 
1 122 LYS n 
1 123 SER n 
1 124 LYS n 
1 125 LEU n 
1 126 GLY n 
1 127 LEU n 
1 128 ALA n 
1 129 PRO n 
1 130 ASN n 
1 131 LYS n 
1 132 PHE n 
1 133 PHE n 
1 134 MET n 
1 135 ALA n 
1 136 ILE n 
1 137 PRO n 
1 138 PHE n 
1 139 ILE n 
1 140 ARG n 
1 141 PRO n 
1 142 LEU n 
1 143 ARG n 
1 144 ASP n 
1 145 TRP n 
1 146 LEU n 
1 147 SER n 
1 148 ARG n 
1 149 ARG n 
1 150 PHE n 
1 151 GLY n 
1 152 ASP n 
1 153 SER n 
1 154 SER n 
1 155 ASP n 
1 156 SER n 
1 157 ASP n 
1 158 ASN n 
1 159 GLY n 
1 160 PHE n 
1 161 SER n 
1 162 SER n 
1 163 THR n 
1 164 GLY n 
1 165 SER n 
1 166 THR n 
1 167 PRO n 
# 
_entity_src_gen.entity_id                          1 
_entity_src_gen.pdbx_src_id                        1 
_entity_src_gen.pdbx_alt_source_flag               sample 
_entity_src_gen.pdbx_seq_type                      'Biological sequence' 
_entity_src_gen.pdbx_beg_seq_num                   1 
_entity_src_gen.pdbx_end_seq_num                   167 
_entity_src_gen.gene_src_common_name               Human 
_entity_src_gen.gene_src_genus                     ? 
_entity_src_gen.pdbx_gene_src_gene                 'DCP2, NUDT20' 
_entity_src_gen.gene_src_species                   ? 
_entity_src_gen.gene_src_strain                    ? 
_entity_src_gen.gene_src_tissue                    ? 
_entity_src_gen.gene_src_tissue_fraction           ? 
_entity_src_gen.gene_src_details                   ? 
_entity_src_gen.pdbx_gene_src_fragment             ? 
_entity_src_gen.pdbx_gene_src_scientific_name      'Homo sapiens' 
_entity_src_gen.pdbx_gene_src_ncbi_taxonomy_id     9606 
_entity_src_gen.pdbx_gene_src_variant              ? 
_entity_src_gen.pdbx_gene_src_cell_line            ? 
_entity_src_gen.pdbx_gene_src_atcc                 ? 
_entity_src_gen.pdbx_gene_src_organ                ? 
_entity_src_gen.pdbx_gene_src_organelle            ? 
_entity_src_gen.pdbx_gene_src_cell                 ? 
_entity_src_gen.pdbx_gene_src_cellular_location    ? 
_entity_src_gen.host_org_common_name               ? 
_entity_src_gen.pdbx_host_org_scientific_name      'Escherichia coli' 
_entity_src_gen.pdbx_host_org_ncbi_taxonomy_id     562 
_entity_src_gen.host_org_genus                     ? 
_entity_src_gen.pdbx_host_org_gene                 ? 
_entity_src_gen.pdbx_host_org_organ                ? 
_entity_src_gen.host_org_species                   ? 
_entity_src_gen.pdbx_host_org_tissue               ? 
_entity_src_gen.pdbx_host_org_tissue_fraction      ? 
_entity_src_gen.pdbx_host_org_strain               ? 
_entity_src_gen.pdbx_host_org_variant              ? 
_entity_src_gen.pdbx_host_org_cell_line            ? 
_entity_src_gen.pdbx_host_org_atcc                 ? 
_entity_src_gen.pdbx_host_org_culture_collection   ? 
_entity_src_gen.pdbx_host_org_cell                 ? 
_entity_src_gen.pdbx_host_org_organelle            ? 
_entity_src_gen.pdbx_host_org_cellular_location    ? 
_entity_src_gen.pdbx_host_org_vector_type          ? 
_entity_src_gen.pdbx_host_org_vector               ? 
_entity_src_gen.host_org_details                   ? 
_entity_src_gen.expression_system_id               ? 
_entity_src_gen.plasmid_name                       ? 
_entity_src_gen.plasmid_details                    ? 
_entity_src_gen.pdbx_description                   ? 
# 
loop_
_chem_comp.id 
_chem_comp.type 
_chem_comp.mon_nstd_flag 
_chem_comp.name 
_chem_comp.pdbx_synonyms 
_chem_comp.formula 
_chem_comp.formula_weight 
ACT non-polymer         . 'ACETATE ION'                                                           ?                 'C2 H3 O2 -1' 
59.044  
ALA 'L-peptide linking' y ALANINE                                                                 ?                 'C3 H7 N O2' 
89.093  
ARG 'L-peptide linking' y ARGININE                                                                ?                 
'C6 H15 N4 O2 1' 175.209 
ASN 'L-peptide linking' y ASPARAGINE                                                              ?                 'C4 H8 N2 O3' 
132.118 
ASP 'L-peptide linking' y 'ASPARTIC ACID'                                                         ?                 'C4 H7 N O4' 
133.103 
CYS 'L-peptide linking' y CYSTEINE                                                                ?                 'C3 H7 N O2 S' 
121.158 
DMS non-polymer         . 'DIMETHYL SULFOXIDE'                                                    ?                 'C2 H6 O S' 
78.133  
EDO non-polymer         . 1,2-ETHANEDIOL                                                          'ETHYLENE GLYCOL' 'C2 H6 O2' 
62.068  
GLN 'L-peptide linking' y GLUTAMINE                                                               ?                 'C5 H10 N2 O3' 
146.144 
GLU 'L-peptide linking' y 'GLUTAMIC ACID'                                                         ?                 'C5 H9 N O4' 
147.129 
GLY 'peptide linking'   y GLYCINE                                                                 ?                 'C2 H5 N O2' 
75.067  
HIS 'L-peptide linking' y HISTIDINE                                                               ?                 
'C6 H10 N3 O2 1' 156.162 
HOH non-polymer         . WATER                                                                   ?                 'H2 O' 18.015  
ILE 'L-peptide linking' y ISOLEUCINE                                                              ?                 'C6 H13 N O2' 
131.173 
LEU 'L-peptide linking' y LEUCINE                                                                 ?                 'C6 H13 N O2' 
131.173 
LEY non-polymer         . 'N-[(4-fluorophenyl)methyl]-2-(propan-2-yl)-1H-imidazole-5-carboxamide' ?                 
'C14 H16 F N3 O' 261.295 
LYS 'L-peptide linking' y LYSINE                                                                  ?                 
'C6 H15 N2 O2 1' 147.195 
MET 'L-peptide linking' y METHIONINE                                                              ?                 
'C5 H11 N O2 S'  149.211 
PHE 'L-peptide linking' y PHENYLALANINE                                                           ?                 'C9 H11 N O2' 
165.189 
PRO 'L-peptide linking' y PROLINE                                                                 ?                 'C5 H9 N O2' 
115.130 
SER 'L-peptide linking' y SERINE                                                                  ?                 'C3 H7 N O3' 
105.093 
THR 'L-peptide linking' y THREONINE                                                               ?                 'C4 H9 N O3' 
119.119 
TRP 'L-peptide linking' y TRYPTOPHAN                                                              ?                 
'C11 H12 N2 O2'  204.225 
TYR 'L-peptide linking' y TYROSINE                                                                ?                 'C9 H11 N O3' 
181.189 
VAL 'L-peptide linking' y VALINE                                                                  ?                 'C5 H11 N O2' 
117.146 
# 
loop_
_pdbx_poly_seq_scheme.asym_id 
_pdbx_poly_seq_scheme.entity_id 
_pdbx_poly_seq_scheme.seq_id 
_pdbx_poly_seq_scheme.mon_id 
_pdbx_poly_seq_scheme.ndb_seq_num 
_pdbx_poly_seq_scheme.pdb_seq_num 
_pdbx_poly_seq_scheme.auth_seq_num 
_pdbx_poly_seq_scheme.pdb_mon_id 
_pdbx_poly_seq_scheme.auth_mon_id 
_pdbx_poly_seq_scheme.pdb_strand_id 
_pdbx_poly_seq_scheme.pdb_ins_code 
_pdbx_poly_seq_scheme.hetero 
A 1 1   SER 1   94  ?   ?   ?   A . n 
A 1 2   MET 2   95  ?   ?   ?   A . n 
A 1 3   GLY 3   96  96  GLY GLY A . n 
A 1 4   VAL 4   97  97  VAL VAL A . n 
A 1 5   PRO 5   98  98  PRO PRO A . n 
A 1 6   THR 6   99  99  THR THR A . n 
A 1 7   TYR 7   100 100 TYR TYR A . n 
A 1 8   GLY 8   101 101 GLY GLY A . n 
A 1 9   ALA 9   102 102 ALA ALA A . n 
A 1 10  ILE 10  103 103 ILE ILE A . n 
A 1 11  ILE 11  104 104 ILE ILE A . n 
A 1 12  LEU 12  105 105 LEU LEU A . n 
A 1 13  ASP 13  106 106 ASP ASP A . n 
A 1 14  GLU 14  107 107 GLU GLU A . n 
A 1 15  THR 15  108 108 THR THR A . n 
A 1 16  LEU 16  109 109 LEU LEU A . n 
A 1 17  GLU 17  110 110 GLU GLU A . n 
A 1 18  ASN 18  111 111 ASN ASN A . n 
A 1 19  VAL 19  112 112 VAL VAL A . n 
A 1 20  LEU 20  113 113 LEU LEU A . n 
A 1 21  LEU 21  114 114 LEU LEU A . n 
A 1 22  VAL 22  115 115 VAL VAL A . n 
A 1 23  GLN 23  116 116 GLN GLN A . n 
A 1 24  GLY 24  117 117 GLY GLY A . n 
A 1 25  TYR 25  118 118 TYR TYR A . n 
A 1 26  LEU 26  119 119 LEU LEU A . n 
A 1 27  ALA 27  120 120 ALA ALA A . n 
A 1 28  LYS 28  121 121 LYS LYS A . n 
A 1 29  SER 29  122 122 SER SER A . n 
A 1 30  GLY 30  123 123 GLY GLY A . n 
A 1 31  TRP 31  124 124 TRP TRP A . n 
A 1 32  GLY 32  125 125 GLY GLY A . n 
A 1 33  PHE 33  126 126 PHE PHE A . n 
A 1 34  PRO 34  127 127 PRO PRO A . n 
A 1 35  LYS 35  128 128 LYS LYS A . n 
A 1 36  GLY 36  129 129 GLY GLY A . n 
A 1 37  LYS 37  130 130 LYS LYS A . n 
A 1 38  VAL 38  131 131 VAL VAL A . n 
A 1 39  ASN 39  132 132 ASN ASN A . n 
A 1 40  LYS 40  133 133 LYS LYS A . n 
A 1 41  GLU 41  134 134 GLU GLU A . n 
A 1 42  GLU 42  135 135 GLU GLU A . n 
A 1 43  ALA 43  136 136 ALA ALA A . n 
A 1 44  PRO 44  137 137 PRO PRO A . n 
A 1 45  HIS 45  138 138 HIS HIS A . n 
A 1 46  ASP 46  139 139 ASP ASP A . n 
A 1 47  CYS 47  140 140 CYS CYS A . n 
A 1 48  ALA 48  141 141 ALA ALA A . n 
A 1 49  ALA 49  142 142 ALA ALA A . n 
A 1 50  ARG 50  143 143 ARG ARG A . n 
A 1 51  GLU 51  144 144 GLU GLU A . n 
A 1 52  VAL 52  145 145 VAL VAL A . n 
A 1 53  PHE 53  146 146 PHE PHE A . n 
A 1 54  GLU 54  147 147 GLU GLU A . n 
A 1 55  GLU 55  148 148 GLU GLU A . n 
A 1 56  THR 56  149 149 THR THR A . n 
A 1 57  GLY 57  150 150 GLY GLY A . n 
A 1 58  PHE 58  151 151 PHE PHE A . n 
A 1 59  ASP 59  152 152 ASP ASP A . n 
A 1 60  ILE 60  153 153 ILE ILE A . n 
A 1 61  LYS 61  154 154 LYS LYS A . n 
A 1 62  ASP 62  155 155 ASP ASP A . n 
A 1 63  TYR 63  156 156 TYR TYR A . n 
A 1 64  ILE 64  157 157 ILE ILE A . n 
A 1 65  CYS 65  158 158 CYS CYS A . n 
A 1 66  LYS 66  159 159 LYS LYS A . n 
A 1 67  ASP 67  160 160 ASP ASP A . n 
A 1 68  ASP 68  161 161 ASP ASP A . n 
A 1 69  TYR 69  162 162 TYR TYR A . n 
A 1 70  ILE 70  163 163 ILE ILE A . n 
A 1 71  GLU 71  164 164 GLU GLU A . n 
A 1 72  LEU 72  165 165 LEU LEU A . n 
A 1 73  ARG 73  166 166 ARG ARG A . n 
A 1 74  ILE 74  167 167 ILE ILE A . n 
A 1 75  ASN 75  168 168 ASN ASN A . n 
A 1 76  ASP 76  169 169 ASP ASP A . n 
A 1 77  GLN 77  170 170 GLN GLN A . n 
A 1 78  LEU 78  171 171 LEU LEU A . n 
A 1 79  ALA 79  172 172 ALA ALA A . n 
A 1 80  ARG 80  173 173 ARG ARG A . n 
A 1 81  LEU 81  174 174 LEU LEU A . n 
A 1 82  TYR 82  175 175 TYR TYR A . n 
A 1 83  ILE 83  176 176 ILE ILE A . n 
A 1 84  ILE 84  177 177 ILE ILE A . n 
A 1 85  PRO 85  178 178 PRO PRO A . n 
A 1 86  GLY 86  179 179 GLY GLY A . n 
A 1 87  ILE 87  180 180 ILE ILE A . n 
A 1 88  PRO 88  181 181 PRO PRO A . n 
A 1 89  LYS 89  182 182 LYS LYS A . n 
A 1 90  ASP 90  183 183 ASP ASP A . n 
A 1 91  THR 91  184 184 THR THR A . n 
A 1 92  LYS 92  185 185 LYS LYS A . n 
A 1 93  PHE 93  186 186 PHE PHE A . n 
A 1 94  ASN 94  187 187 ASN ASN A . n 
A 1 95  PRO 95  188 188 PRO PRO A . n 
A 1 96  LYS 96  189 189 LYS LYS A . n 
A 1 97  THR 97  190 190 THR THR A . n 
A 1 98  ARG 98  191 191 ARG ARG A . n 
A 1 99  ARG 99  192 192 ARG ARG A . n 
A 1 100 GLU 100 193 193 GLU GLU A . n 
A 1 101 ILE 101 194 194 ILE ILE A . n 
A 1 102 ARG 102 195 195 ARG ARG A . n 
A 1 103 ASN 103 196 196 ASN ASN A . n 
A 1 104 ILE 104 197 197 ILE ILE A . n 
A 1 105 GLU 105 198 198 GLU GLU A . n 
A 1 106 TRP 106 199 199 TRP TRP A . n 
A 1 107 PHE 107 200 200 PHE PHE A . n 
A 1 108 SER 108 201 201 SER SER A . n 
A 1 109 ILE 109 202 202 ILE ILE A . n 
A 1 110 GLU 110 203 203 GLU GLU A . n 
A 1 111 LYS 111 204 204 LYS LYS A . n 
A 1 112 LEU 112 205 205 LEU LEU A . n 
A 1 113 PRO 113 206 206 PRO PRO A . n 
A 1 114 CYS 114 207 207 CYS CYS A . n 
A 1 115 HIS 115 208 208 HIS HIS A . n 
A 1 116 ARG 116 209 209 ARG ARG A . n 
A 1 117 ASN 117 210 210 ASN ASN A . n 
A 1 118 ASP 118 211 211 ASP ASP A . n 
A 1 119 MET 119 212 212 MET MET A . n 
A 1 120 THR 120 213 213 THR THR A . n 
A 1 121 PRO 121 214 214 PRO PRO A . n 
A 1 122 LYS 122 215 215 LYS LYS A . n 
A 1 123 SER 123 216 216 SER SER A . n 
A 1 124 LYS 124 217 217 LYS LYS A . n 
A 1 125 LEU 125 218 218 LEU LEU A . n 
A 1 126 GLY 126 219 219 GLY GLY A . n 
A 1 127 LEU 127 220 220 LEU LEU A . n 
A 1 128 ALA 128 221 221 ALA ALA A . n 
A 1 129 PRO 129 222 222 PRO PRO A . n 
A 1 130 ASN 130 223 223 ASN ASN A . n 
A 1 131 LYS 131 224 224 LYS LYS A . n 
A 1 132 PHE 132 225 225 PHE PHE A . n 
A 1 133 PHE 133 226 226 PHE PHE A . n 
A 1 134 MET 134 227 227 MET MET A . n 
A 1 135 ALA 135 228 228 ALA ALA A . n 
A 1 136 ILE 136 229 229 ILE ILE A . n 
A 1 137 PRO 137 230 230 PRO PRO A . n 
A 1 138 PHE 138 231 231 PHE PHE A . n 
A 1 139 ILE 139 232 232 ILE ILE A . n 
A 1 140 ARG 140 233 233 ARG ARG A . n 
A 1 141 PRO 141 234 234 PRO PRO A . n 
A 1 142 LEU 142 235 235 LEU LEU A . n 
A 1 143 ARG 143 236 236 ARG ARG A . n 
A 1 144 ASP 144 237 237 ASP ASP A . n 
A 1 145 TRP 145 238 238 TRP TRP A . n 
A 1 146 LEU 146 239 239 LEU LEU A . n 
A 1 147 SER 147 240 240 SER SER A . n 
A 1 148 ARG 148 241 241 ARG ARG A . n 
A 1 149 ARG 149 242 242 ARG ARG A . n 
A 1 150 PHE 150 243 243 PHE PHE A . n 
A 1 151 GLY 151 244 244 GLY GLY A . n 
A 1 152 ASP 152 245 ?   ?   ?   A . n 
A 1 153 SER 153 246 ?   ?   ?   A . n 
A 1 154 SER 154 247 ?   ?   ?   A . n 
A 1 155 ASP 155 248 ?   ?   ?   A . n 
A 1 156 SER 156 249 ?   ?   ?   A . n 
A 1 157 ASP 157 250 ?   ?   ?   A . n 
A 1 158 ASN 158 251 ?   ?   ?   A . n 
A 1 159 GLY 159 252 ?   ?   ?   A . n 
A 1 160 PHE 160 253 ?   ?   ?   A . n 
A 1 161 SER 161 254 ?   ?   ?   A . n 
A 1 162 SER 162 255 ?   ?   ?   A . n 
A 1 163 THR 163 256 ?   ?   ?   A . n 
A 1 164 GLY 164 257 ?   ?   ?   A . n 
A 1 165 SER 165 258 ?   ?   ?   A . n 
A 1 166 THR 166 259 ?   ?   ?   A . n 
A 1 167 PRO 167 260 ?   ?   ?   A . n 
# 
loop_
_pdbx_nonpoly_scheme.asym_id 
_pdbx_nonpoly_scheme.entity_id 
_pdbx_nonpoly_scheme.mon_id 
_pdbx_nonpoly_scheme.ndb_seq_num 
_pdbx_nonpoly_scheme.pdb_seq_num 
_pdbx_nonpoly_scheme.auth_seq_num 
_pdbx_nonpoly_scheme.pdb_mon_id 
_pdbx_nonpoly_scheme.auth_mon_id 
_pdbx_nonpoly_scheme.pdb_strand_id 
_pdbx_nonpoly_scheme.pdb_ins_code 
B 2 EDO 1  301 2   EDO EDO A . 
C 2 EDO 1  302 3   EDO EDO A . 
D 3 DMS 1  303 1   DMS DMS A . 
E 4 ACT 1  304 1   ACT ACT A . 
F 4 ACT 1  305 2   ACT ACT A . 
G 5 LEY 1  306 1   LEY LIG A . 
H 6 HOH 1  401 83  HOH HOH A . 
H 6 HOH 2  402 102 HOH HOH A . 
H 6 HOH 3  403 33  HOH HOH A . 
H 6 HOH 4  404 88  HOH HOH A . 
H 6 HOH 5  405 70  HOH HOH A . 
H 6 HOH 6  406 39  HOH HOH A . 
H 6 HOH 7  407 66  HOH HOH A . 
H 6 HOH 8  408 67  HOH HOH A . 
H 6 HOH 9  409 104 HOH HOH A . 
H 6 HOH 10 410 10  HOH HOH A . 
H 6 HOH 11 411 60  HOH HOH A . 
H 6 HOH 12 412 17  HOH HOH A . 
H 6 HOH 13 413 100 HOH HOH A . 
H 6 HOH 14 414 65  HOH HOH A . 
H 6 HOH 15 415 13  HOH HOH A . 
H 6 HOH 16 416 4   HOH HOH A . 
H 6 HOH 17 417 8   HOH HOH A . 
H 6 HOH 18 418 78  HOH HOH A . 
H 6 HOH 19 419 90  HOH HOH A . 
H 6 HOH 20 420 68  HOH HOH A . 
H 6 HOH 21 421 12  HOH HOH A . 
H 6 HOH 22 422 5   HOH HOH A . 
H 6 HOH 23 423 96  HOH HOH A . 
H 6 HOH 24 424 29  HOH HOH A . 
H 6 HOH 25 425 1   HOH HOH A . 
H 6 HOH 26 426 71  HOH HOH A . 
H 6 HOH 27 427 24  HOH HOH A . 
H 6 HOH 28 428 38  HOH HOH A . 
H 6 HOH 29 429 23  HOH HOH A . 
H 6 HOH 30 430 55  HOH HOH A . 
H 6 HOH 31 431 27  HOH HOH A . 
H 6 HOH 32 432 6   HOH HOH A . 
H 6 HOH 33 433 14  HOH HOH A . 
H 6 HOH 34 434 31  HOH HOH A . 
H 6 HOH 35 435 106 HOH HOH A . 
H 6 HOH 36 436 85  HOH HOH A . 
H 6 HOH 37 437 76  HOH HOH A . 
H 6 HOH 38 438 32  HOH HOH A . 
H 6 HOH 39 439 95  HOH HOH A . 
H 6 HOH 40 440 79  HOH HOH A . 
H 6 HOH 41 441 15  HOH HOH A . 
H 6 HOH 42 442 7   HOH HOH A . 
H 6 HOH 43 443 18  HOH HOH A . 
H 6 HOH 44 444 11  HOH HOH A . 
H 6 HOH 45 445 35  HOH HOH A . 
H 6 HOH 46 446 107 HOH HOH A . 
H 6 HOH 47 447 43  HOH HOH A . 
H 6 HOH 48 448 94  HOH HOH A . 
H 6 HOH 49 449 3   HOH HOH A . 
H 6 HOH 50 450 2   HOH HOH A . 
H 6 HOH 51 451 80  HOH HOH A . 
H 6 HOH 52 452 36  HOH HOH A . 
H 6 HOH 53 453 46  HOH HOH A . 
H 6 HOH 54 454 22  HOH HOH A . 
H 6 HOH 55 455 9   HOH HOH A . 
H 6 HOH 56 456 30  HOH HOH A . 
H 6 HOH 57 457 57  HOH HOH A . 
H 6 HOH 58 458 84  HOH HOH A . 
H 6 HOH 59 459 21  HOH HOH A . 
H 6 HOH 60 460 25  HOH HOH A . 
H 6 HOH 61 461 47  HOH HOH A . 
H 6 HOH 62 462 69  HOH HOH A . 
H 6 HOH 63 463 105 HOH HOH A . 
H 6 HOH 64 464 62  HOH HOH A . 
H 6 HOH 65 465 59  HOH HOH A . 
H 6 HOH 66 466 91  HOH HOH A . 
H 6 HOH 67 467 72  HOH HOH A . 
H 6 HOH 68 468 97  HOH HOH A . 
H 6 HOH 69 469 28  HOH HOH A . 
H 6 HOH 70 470 42  HOH HOH A . 
H 6 HOH 71 471 103 HOH HOH A . 
H 6 HOH 72 472 40  HOH HOH A . 
H 6 HOH 73 473 52  HOH HOH A . 
H 6 HOH 74 474 81  HOH HOH A . 
H 6 HOH 75 475 101 HOH HOH A . 
H 6 HOH 76 476 75  HOH HOH A . 
H 6 HOH 77 477 19  HOH HOH A . 
H 6 HOH 78 478 92  HOH HOH A . 
H 6 HOH 79 479 50  HOH HOH A . 
H 6 HOH 80 480 16  HOH HOH A . 
H 6 HOH 81 481 87  HOH HOH A . 
H 6 HOH 82 482 86  HOH HOH A . 
H 6 HOH 83 483 26  HOH HOH A . 
H 6 HOH 84 484 109 HOH HOH A . 
H 6 HOH 85 485 98  HOH HOH A . 
H 6 HOH 86 486 56  HOH HOH A . 
H 6 HOH 87 487 20  HOH HOH A . 
H 6 HOH 88 488 51  HOH HOH A . 
H 6 HOH 89 489 93  HOH HOH A . 
H 6 HOH 90 490 41  HOH HOH A . 
# 
loop_
_pdbx_unobs_or_zero_occ_atoms.id 
_pdbx_unobs_or_zero_occ_atoms.PDB_model_num 
_pdbx_unobs_or_zero_occ_atoms.polymer_flag 
_pdbx_unobs_or_zero_occ_atoms.occupancy_flag 
_pdbx_unobs_or_zero_occ_atoms.auth_asym_id 
_pdbx_unobs_or_zero_occ_atoms.auth_comp_id 
_pdbx_unobs_or_zero_occ_atoms.auth_seq_id 
_pdbx_unobs_or_zero_occ_atoms.PDB_ins_code 
_pdbx_unobs_or_zero_occ_atoms.auth_atom_id 
_pdbx_unobs_or_zero_occ_atoms.label_alt_id 
_pdbx_unobs_or_zero_occ_atoms.label_asym_id 
_pdbx_unobs_or_zero_occ_atoms.label_comp_id 
_pdbx_unobs_or_zero_occ_atoms.label_seq_id 
_pdbx_unobs_or_zero_occ_atoms.label_atom_id 
1  1 Y 1 A LYS 130 ? CE  ? A LYS 37  CE  
2  1 Y 1 A LYS 130 ? NZ  ? A LYS 37  NZ  
3  1 Y 1 A LYS 133 ? CG  ? A LYS 40  CG  
4  1 Y 1 A LYS 133 ? CD  ? A LYS 40  CD  
5  1 Y 1 A LYS 133 ? CE  ? A LYS 40  CE  
6  1 Y 1 A LYS 133 ? NZ  ? A LYS 40  NZ  
7  1 Y 1 A GLU 134 ? CG  ? A GLU 41  CG  
8  1 Y 1 A GLU 134 ? CD  ? A GLU 41  CD  
9  1 Y 1 A GLU 134 ? OE1 ? A GLU 41  OE1 
10 1 Y 1 A GLU 134 ? OE2 ? A GLU 41  OE2 
11 1 Y 1 A LYS 159 ? CD  ? A LYS 66  CD  
12 1 Y 1 A LYS 159 ? CE  ? A LYS 66  CE  
13 1 Y 1 A LYS 159 ? NZ  ? A LYS 66  NZ  
14 1 Y 1 A LYS 185 ? CE  ? A LYS 92  CE  
15 1 Y 1 A LYS 185 ? NZ  ? A LYS 92  NZ  
16 1 Y 1 A LYS 215 ? CD  ? A LYS 122 CD  
17 1 Y 1 A LYS 215 ? CE  ? A LYS 122 CE  
18 1 Y 1 A LYS 215 ? NZ  ? A LYS 122 NZ  
19 1 Y 1 A LYS 217 ? CE  ? A LYS 124 CE  
20 1 Y 1 A LYS 217 ? NZ  ? A LYS 124 NZ  
21 1 Y 1 A ARG 241 ? CD  ? A ARG 148 CD  
22 1 Y 1 A ARG 241 ? NE  ? A ARG 148 NE  
23 1 Y 1 A ARG 241 ? CZ  ? A ARG 148 CZ  
24 1 Y 1 A ARG 241 ? NH1 ? A ARG 148 NH1 
25 1 Y 1 A ARG 241 ? NH2 ? A ARG 148 NH2 
# 
loop_
_software.pdbx_ordinal 
_software.name 
_software.version 
_software.date 
_software.type 
_software.contact_author 
_software.contact_author_email 
_software.classification 
_software.location 
_software.language 
_software.citation_id 
1 REFMAC      5.8.0158 ?               program 'Garib N. Murshudov' garib@ysbl.york.ac.uk    refinement        
http://www.ccp4.ac.uk/dist/html/refmac5.html        Fortran_77 ? 
2 Aimless     0.5.32   29/03/17        program 'Phil Evans'         ?                        'data scaling'    
http://www.mrc-lmb.cam.ac.uk/harry/pre/aimless.html ?          ? 
3 PDB_EXTRACT 3.23     'SEP. 23, 2016' package PDB                  deposit@deposit.rcsb.org 'data extraction' 
http://sw-tools.pdb.org/apps/PDB_EXTRACT/           C++        ? 
4 XDS         .        ?               program ?                    ?                        'data reduction'  ? ?          ? 
5 REFMAC      .        ?               program ?                    ?                        phasing           ? ?          ? 
# 
_cell.entry_id           5QOR 
_cell.length_a           48.083 
_cell.length_b           60.392 
_cell.length_c           65.686 
_cell.angle_alpha        90.000 
_cell.angle_beta         90.000 
_cell.angle_gamma        90.000 
_cell.Z_PDB              4 
_cell.pdbx_unique_axis   ? 
# 
_symmetry.entry_id                         5QOR 
_symmetry.space_group_name_H-M             'P 21 21 21' 
_symmetry.pdbx_full_space_group_name_H-M   ? 
_symmetry.cell_setting                     ? 
_symmetry.Int_Tables_number                19 
# 
_exptl.crystals_number   1 
_exptl.entry_id          5QOR 
_exptl.method            'X-RAY DIFFRACTION' 
# 
_exptl_crystal.id                    1 
_exptl_crystal.pdbx_mosaicity        0.080 
_exptl_crystal.pdbx_mosaicity_esd    ? 
_exptl_crystal.density_Matthews      2.50 
_exptl_crystal.density_diffrn        ? 
_exptl_crystal.density_meas          ? 
_exptl_crystal.density_meas_temp     ? 
_exptl_crystal.density_percent_sol   50.80 
_exptl_crystal.size_max              ? 
_exptl_crystal.size_mid              ? 
_exptl_crystal.size_min              ? 
_exptl_crystal.size_rad              ? 
_exptl_crystal.description           ? 
# 
_exptl_crystal_grow.crystal_id      1 
_exptl_crystal_grow.method          'VAPOR DIFFUSION, SITTING DROP' 
_exptl_crystal_grow.pH              4.5 
_exptl_crystal_grow.temp            277 
_exptl_crystal_grow.pdbx_details    '0.1 M acetate, pH 4.5, 5-25% PEG3350' 
_exptl_crystal_grow.temp_details    ? 
_exptl_crystal_grow.pdbx_pH_range   ? 
# 
_diffrn.id                     1 
_diffrn.ambient_temp           ? 
_diffrn.crystal_id             1 
_diffrn.ambient_temp_details   ? 
# 
_diffrn_detector.detector               PIXEL 
_diffrn_detector.type                   'DECTRIS PILATUS 2M' 
_diffrn_detector.pdbx_collection_date   2017-07-26 
_diffrn_detector.diffrn_id              1 
_diffrn_detector.details                ? 
# 
_diffrn_radiation.diffrn_id                        1 
_diffrn_radiation.wavelength_id                    1 
_diffrn_radiation.pdbx_diffrn_protocol             'SINGLE WAVELENGTH' 
_diffrn_radiation.pdbx_monochromatic_or_laue_m_l   ? 
_diffrn_radiation.monochromator                    ? 
_diffrn_radiation.pdbx_scattering_type             x-ray 
# 
_diffrn_radiation_wavelength.id           1 
_diffrn_radiation_wavelength.wavelength   0.91587 
_diffrn_radiation_wavelength.wt           1.0 
# 
_diffrn_source.diffrn_id                   1 
_diffrn_source.source                      SYNCHROTRON 
_diffrn_source.type                        'DIAMOND BEAMLINE I04-1' 
_diffrn_source.pdbx_wavelength_list        0.91587 
_diffrn_source.pdbx_synchrotron_site       Diamond 
_diffrn_source.pdbx_synchrotron_beamline   I04-1 
_diffrn_source.pdbx_wavelength             ? 
# 
_reflns.entry_id                     5QOR 
_reflns.pdbx_diffrn_id               1 
_reflns.pdbx_ordinal                 1 
_reflns.observed_criterion_sigma_I   ? 
_reflns.observed_criterion_sigma_F   ? 
_reflns.d_resolution_low             28.850 
_reflns.d_resolution_high            1.950 
_reflns.number_obs                   14501 
_reflns.number_all                   ? 
_reflns.percent_possible_obs         99.800 
_reflns.pdbx_Rmerge_I_obs            0.067 
_reflns.pdbx_Rsym_value              ? 
_reflns.pdbx_netI_over_sigmaI        18.300 
_reflns.B_iso_Wilson_estimate        ? 
_reflns.pdbx_redundancy              6.500 
_reflns.pdbx_Rrim_I_all              0.073 
_reflns.pdbx_Rpim_I_all              0.028 
_reflns.pdbx_CC_half                 0.999 
_reflns.pdbx_netI_over_av_sigmaI     ? 
_reflns.pdbx_number_measured_all     93838 
_reflns.pdbx_scaling_rejects         0 
_reflns.pdbx_chi_squared             ? 
_reflns.Rmerge_F_all                 ? 
_reflns.Rmerge_F_obs                 ? 
_reflns.observed_criterion_F_max     ? 
_reflns.observed_criterion_F_min     ? 
_reflns.observed_criterion_I_max     ? 
_reflns.observed_criterion_I_min     ? 
_reflns.pdbx_d_res_high_opt          ? 
_reflns.pdbx_d_res_low_opt           ? 
_reflns.details                      ? 
# 
loop_
_reflns_shell.pdbx_diffrn_id 
_reflns_shell.pdbx_ordinal 
_reflns_shell.d_res_high 
_reflns_shell.d_res_low 
_reflns_shell.number_measured_obs 
_reflns_shell.number_measured_all 
_reflns_shell.number_unique_obs 
_reflns_shell.pdbx_rejects 
_reflns_shell.Rmerge_I_obs 
_reflns_shell.meanI_over_sigI_obs 
_reflns_shell.pdbx_Rsym_value 
_reflns_shell.pdbx_chi_squared 
_reflns_shell.pdbx_redundancy 
_reflns_shell.percent_possible_obs 
_reflns_shell.pdbx_netI_over_sigmaI_obs 
_reflns_shell.number_possible 
_reflns_shell.number_unique_all 
_reflns_shell.Rmerge_F_all 
_reflns_shell.Rmerge_F_obs 
_reflns_shell.Rmerge_I_all 
_reflns_shell.meanI_over_sigI_all 
_reflns_shell.percent_possible_all 
_reflns_shell.pdbx_Rrim_I_all 
_reflns_shell.pdbx_Rpim_I_all 
_reflns_shell.pdbx_CC_half 
1 1 1.950 2.000  ? 6769 ? ? 1.093 ? ? ? 6.600 ? 1.900  ? 1031 ? ? ? ? 98.700 1.189 0.461 0.770 
1 2 8.720 28.850 ? 1125 ? ? 0.022 ? ? ? 5.700 ? 62.300 ? 198  ? ? ? ? 97.200 0.025 0.011 0.999 
# 
_refine.entry_id                                 5QOR 
_refine.pdbx_refine_id                           'X-RAY DIFFRACTION' 
_refine.ls_d_res_high                            1.9500 
_refine.ls_d_res_low                             44.5000 
_refine.pdbx_ls_sigma_F                          0.000 
_refine.pdbx_data_cutoff_high_absF               ? 
_refine.pdbx_data_cutoff_low_absF                ? 
_refine.ls_percent_reflns_obs                    99.6800 
_refine.ls_number_reflns_obs                     13775 
_refine.ls_number_reflns_all                     ? 
_refine.pdbx_ls_cross_valid_method               THROUGHOUT 
_refine.ls_matrix_type                           ? 
_refine.pdbx_R_Free_selection_details            RANDOM 
_refine.details                                  
'HYDROGENS HAVE BEEN ADDED IN THE RIDING POSITIONS U VALUES : REFINED INDIVIDUALLY' 
_refine.ls_R_factor_all                          ? 
_refine.ls_R_factor_obs                          0.1982 
_refine.ls_R_factor_R_work                       0.1958 
_refine.ls_wR_factor_R_work                      ? 
_refine.ls_R_factor_R_free                       0.2497 
_refine.ls_wR_factor_R_free                      ? 
_refine.ls_percent_reflns_R_free                 4.7000 
_refine.ls_number_reflns_R_free                  685 
_refine.ls_number_reflns_R_work                  ? 
_refine.ls_R_factor_R_free_error                 ? 
_refine.B_iso_mean                               40.7880 
_refine.solvent_model_param_bsol                 ? 
_refine.solvent_model_param_ksol                 ? 
_refine.pdbx_isotropic_thermal_model             ? 
_refine.aniso_B[1][1]                            2.8400 
_refine.aniso_B[2][2]                            -2.6700 
_refine.aniso_B[3][3]                            -0.1800 
_refine.aniso_B[1][2]                            0.0000 
_refine.aniso_B[1][3]                            -0.0000 
_refine.aniso_B[2][3]                            0.0000 
_refine.correlation_coeff_Fo_to_Fc               0.9600 
_refine.correlation_coeff_Fo_to_Fc_free          0.9200 
_refine.overall_SU_R_Cruickshank_DPI             ? 
_refine.pdbx_overall_SU_R_free_Cruickshank_DPI   ? 
_refine.pdbx_overall_SU_R_Blow_DPI               ? 
_refine.pdbx_overall_SU_R_free_Blow_DPI          ? 
_refine.overall_SU_R_free                        ? 
_refine.pdbx_overall_ESU_R                       0.1790 
_refine.pdbx_overall_ESU_R_Free                  0.1680 
_refine.overall_SU_ML                            0.1410 
_refine.overall_SU_B                             5.1800 
_refine.solvent_model_details                    MASK 
_refine.pdbx_solvent_vdw_probe_radii             1.2000 
_refine.pdbx_solvent_ion_probe_radii             0.8000 
_refine.pdbx_solvent_shrinkage_radii             0.8000 
_refine.ls_number_parameters                     ? 
_refine.ls_number_restraints                     ? 
_refine.pdbx_starting_model                      'PDB entry 5MP0' 
_refine.pdbx_method_to_determine_struct          'FOURIER SYNTHESIS' 
_refine.pdbx_stereochemistry_target_values       'MAXIMUM LIKELIHOOD' 
_refine.pdbx_stereochem_target_val_spec_case     ? 
_refine.overall_FOM_work_R_set                   ? 
_refine.B_iso_max                                101.940 
_refine.B_iso_min                                20.070 
_refine.pdbx_overall_phase_error                 ? 
_refine.occupancy_max                            ? 
_refine.occupancy_min                            ? 
_refine.pdbx_diffrn_id                           1 
_refine.pdbx_TLS_residual_ADP_flag               ? 
_refine.pdbx_ls_sigma_I                          ? 
_refine.pdbx_data_cutoff_high_rms_absF           ? 
_refine.ls_R_factor_R_free_error_details         ? 
# 
_refine_hist.cycle_id                         final 
_refine_hist.pdbx_refine_id                   'X-RAY DIFFRACTION' 
_refine_hist.d_res_high                       1.9500 
_refine_hist.d_res_low                        44.5000 
_refine_hist.pdbx_number_atoms_ligand         39 
_refine_hist.number_atoms_solvent             90 
_refine_hist.number_atoms_total               1324 
_refine_hist.pdbx_number_residues_total       149 
_refine_hist.pdbx_B_iso_mean_ligand           62.80 
_refine_hist.pdbx_B_iso_mean_solvent          47.43 
_refine_hist.pdbx_number_atoms_protein        1195 
_refine_hist.pdbx_number_atoms_nucleic_acid   0 
# 
loop_
_refine_ls_restr.pdbx_refine_id 
_refine_ls_restr.type 
_refine_ls_restr.number 
_refine_ls_restr.dev_ideal 
_refine_ls_restr.dev_ideal_target 
_refine_ls_restr.weight 
_refine_ls_restr.pdbx_restraint_function 
'X-RAY DIFFRACTION' r_bond_refined_d       1757 0.015  0.019  ? ? 
'X-RAY DIFFRACTION' r_bond_other_d         1430 0.003  0.020  ? ? 
'X-RAY DIFFRACTION' r_angle_refined_deg    2089 1.753  1.961  ? ? 
'X-RAY DIFFRACTION' r_angle_other_deg      3301 1.096  2.970  ? ? 
'X-RAY DIFFRACTION' r_dihedral_angle_1_deg 190  6.655  5.000  ? ? 
'X-RAY DIFFRACTION' r_dihedral_angle_2_deg 75   31.885 21.467 ? ? 
'X-RAY DIFFRACTION' r_dihedral_angle_3_deg 256  15.884 15.000 ? ? 
'X-RAY DIFFRACTION' r_dihedral_angle_4_deg 19   19.747 15.000 ? ? 
'X-RAY DIFFRACTION' r_chiral_restr         205  0.110  0.200  ? ? 
'X-RAY DIFFRACTION' r_gen_planes_refined   1782 0.010  0.021  ? ? 
'X-RAY DIFFRACTION' r_gen_planes_other     371  0.003  0.020  ? ? 
'X-RAY DIFFRACTION' r_mcbond_it            793  3.313  3.878  ? ? 
'X-RAY DIFFRACTION' r_mcbond_other         788  3.269  3.857  ? ? 
'X-RAY DIFFRACTION' r_mcangle_it           916  5.092  5.707  ? ? 
# 
_refine_ls_shell.d_res_high                       1.9490 
_refine_ls_shell.d_res_low                        1.9990 
_refine_ls_shell.pdbx_total_number_of_bins_used   20 
_refine_ls_shell.percent_reflns_obs               98.3800 
_refine_ls_shell.number_reflns_R_work             974 
_refine_ls_shell.R_factor_all                     ? 
_refine_ls_shell.R_factor_R_work                  0.3430 
_refine_ls_shell.R_factor_R_free                  0.3380 
_refine_ls_shell.percent_reflns_R_free            ? 
_refine_ls_shell.number_reflns_R_free             56 
_refine_ls_shell.R_factor_R_free_error            ? 
_refine_ls_shell.number_reflns_all                1030 
_refine_ls_shell.number_reflns_obs                ? 
_refine_ls_shell.pdbx_refine_id                   'X-RAY DIFFRACTION' 
# 
_struct.entry_id                  5QOR 
_struct.title                     
'PanDDA analysis group deposition -- Crystal Structure of DCP2 (NUDT20) in complex with Z1203490773' 
_struct.pdbx_model_details        ? 
_struct.pdbx_CASP_flag            ? 
_struct.pdbx_model_type_details   ? 
# 
_struct_keywords.entry_id        5QOR 
_struct_keywords.text            'SGC - Diamond I04-1 fragment screening, PanDDA, XChemExplorer, HYDROLASE' 
_struct_keywords.pdbx_keywords   HYDROLASE 
# 
loop_
_struct_asym.id 
_struct_asym.pdbx_blank_PDB_chainid_flag 
_struct_asym.pdbx_modified 
_struct_asym.entity_id 
_struct_asym.details 
A N N 1 ? 
B N N 2 ? 
C N N 2 ? 
D N N 3 ? 
E N N 4 ? 
F N N 4 ? 
G N N 5 ? 
H N N 6 ? 
# 
_struct_ref.id                         1 
_struct_ref.db_name                    UNP 
_struct_ref.db_code                    DCP2_HUMAN 
_struct_ref.pdbx_db_accession          Q8IU60 
_struct_ref.pdbx_db_isoform            ? 
_struct_ref.entity_id                  1 
_struct_ref.pdbx_seq_one_letter_code   
;MGVPTYGAIILDETLENVLLVQGYLAKSGWGFPKGKVNKEEAPHDCAAREVFEETGFDIKDYICKDDYIELRINDQLARL
YIIPGIPKDTKFNPKTRREIRNIEWFSIEKLPCHRNDMTPKSKLGLAPNKFFMAIPFIRPLRDWLSRRFGDSSDSDNGFS
STGSTP
;
_struct_ref.pdbx_align_begin           95 
# 
_struct_ref_seq.align_id                      1 
_struct_ref_seq.ref_id                        1 
_struct_ref_seq.pdbx_PDB_id_code              5QOR 
_struct_ref_seq.pdbx_strand_id                A 
_struct_ref_seq.seq_align_beg                 2 
_struct_ref_seq.pdbx_seq_align_beg_ins_code   ? 
_struct_ref_seq.seq_align_end                 167 
_struct_ref_seq.pdbx_seq_align_end_ins_code   ? 
_struct_ref_seq.pdbx_db_accession             Q8IU60 
_struct_ref_seq.db_align_beg                  95 
_struct_ref_seq.pdbx_db_align_beg_ins_code    ? 
_struct_ref_seq.db_align_end                  260 
_struct_ref_seq.pdbx_db_align_end_ins_code    ? 
_struct_ref_seq.pdbx_auth_seq_align_beg       95 
_struct_ref_seq.pdbx_auth_seq_align_end       260 
# 
_struct_ref_seq_dif.align_id                     1 
_struct_ref_seq_dif.pdbx_pdb_id_code             5QOR 
_struct_ref_seq_dif.mon_id                       SER 
_struct_ref_seq_dif.pdbx_pdb_strand_id           A 
_struct_ref_seq_dif.seq_num                      1 
_struct_ref_seq_dif.pdbx_pdb_ins_code            ? 
_struct_ref_seq_dif.pdbx_seq_db_name             UNP 
_struct_ref_seq_dif.pdbx_seq_db_accession_code   Q8IU60 
_struct_ref_seq_dif.db_mon_id                    ? 
_struct_ref_seq_dif.pdbx_seq_db_seq_num          ? 
_struct_ref_seq_dif.details                      'expression tag' 
_struct_ref_seq_dif.pdbx_auth_seq_num            94 
_struct_ref_seq_dif.pdbx_ordinal                 1 
# 
_pdbx_struct_assembly.id                   1 
_pdbx_struct_assembly.details              author_and_software_defined_assembly 
_pdbx_struct_assembly.method_details       PISA 
_pdbx_struct_assembly.oligomeric_details   monomeric 
_pdbx_struct_assembly.oligomeric_count     1 
# 
loop_
_pdbx_struct_assembly_prop.biol_id 
_pdbx_struct_assembly_prop.type 
_pdbx_struct_assembly_prop.value 
_pdbx_struct_assembly_prop.details 
1 'ABSA (A^2)' 880  ? 
1 MORE         5    ? 
1 'SSA (A^2)'  8560 ? 
# 
_pdbx_struct_assembly_gen.assembly_id       1 
_pdbx_struct_assembly_gen.oper_expression   1 
_pdbx_struct_assembly_gen.asym_id_list      A,B,C,D,E,F,G,H 
# 
_pdbx_struct_oper_list.id                   1 
_pdbx_struct_oper_list.type                 'identity operation' 
_pdbx_struct_oper_list.name                 1_555 
_pdbx_struct_oper_list.symmetry_operation   x,y,z 
_pdbx_struct_oper_list.matrix[1][1]         1.0000000000 
_pdbx_struct_oper_list.matrix[1][2]         0.0000000000 
_pdbx_struct_oper_list.matrix[1][3]         0.0000000000 
_pdbx_struct_oper_list.vector[1]            0.0000000000 
_pdbx_struct_oper_list.matrix[2][1]         0.0000000000 
_pdbx_struct_oper_list.matrix[2][2]         1.0000000000 
_pdbx_struct_oper_list.matrix[2][3]         0.0000000000 
_pdbx_struct_oper_list.vector[2]            0.0000000000 
_pdbx_struct_oper_list.matrix[3][1]         0.0000000000 
_pdbx_struct_oper_list.matrix[3][2]         0.0000000000 
_pdbx_struct_oper_list.matrix[3][3]         1.0000000000 
_pdbx_struct_oper_list.vector[3]            0.0000000000 
# 
loop_
_struct_conf.conf_type_id 
_struct_conf.id 
_struct_conf.pdbx_PDB_helix_id 
_struct_conf.beg_label_comp_id 
_struct_conf.beg_label_asym_id 
_struct_conf.beg_label_seq_id 
_struct_conf.pdbx_beg_PDB_ins_code 
_struct_conf.end_label_comp_id 
_struct_conf.end_label_asym_id 
_struct_conf.end_label_seq_id 
_struct_conf.pdbx_end_PDB_ins_code 
_struct_conf.beg_auth_comp_id 
_struct_conf.beg_auth_asym_id 
_struct_conf.beg_auth_seq_id 
_struct_conf.end_auth_comp_id 
_struct_conf.end_auth_asym_id 
_struct_conf.end_auth_seq_id 
_struct_conf.pdbx_PDB_helix_class 
_struct_conf.details 
_struct_conf.pdbx_PDB_helix_length 
HELX_P HELX_P1 AA1 TYR A 25  ? SER A 29  ? TYR A 118 SER A 122 5 ? 5  
HELX_P HELX_P2 AA2 ALA A 43  ? GLY A 57  ? ALA A 136 GLY A 150 1 ? 15 
HELX_P HELX_P3 AA3 GLU A 110 ? LEU A 112 ? GLU A 203 LEU A 205 5 ? 3  
HELX_P HELX_P4 AA4 MET A 119 ? SER A 123 ? MET A 212 SER A 216 5 ? 5  
HELX_P HELX_P5 AA5 ALA A 135 ? PHE A 150 ? ALA A 228 PHE A 243 1 ? 16 
# 
_struct_conf_type.id          HELX_P 
_struct_conf_type.criteria    ? 
_struct_conf_type.reference   ? 
# 
loop_
_struct_sheet.id 
_struct_sheet.type 
_struct_sheet.number_strands 
_struct_sheet.details 
AA1 ? 4 ? 
AA2 ? 3 ? 
# 
loop_
_struct_sheet_order.sheet_id 
_struct_sheet_order.range_id_1 
_struct_sheet_order.range_id_2 
_struct_sheet_order.offset 
_struct_sheet_order.sense 
AA1 1 2 ? anti-parallel 
AA1 2 3 ? parallel      
AA1 3 4 ? anti-parallel 
AA2 1 2 ? anti-parallel 
AA2 2 3 ? anti-parallel 
# 
loop_
_struct_sheet_range.sheet_id 
_struct_sheet_range.id 
_struct_sheet_range.beg_label_comp_id 
_struct_sheet_range.beg_label_asym_id 
_struct_sheet_range.beg_label_seq_id 
_struct_sheet_range.pdbx_beg_PDB_ins_code 
_struct_sheet_range.end_label_comp_id 
_struct_sheet_range.end_label_asym_id 
_struct_sheet_range.end_label_seq_id 
_struct_sheet_range.pdbx_end_PDB_ins_code 
_struct_sheet_range.beg_auth_comp_id 
_struct_sheet_range.beg_auth_asym_id 
_struct_sheet_range.beg_auth_seq_id 
_struct_sheet_range.end_auth_comp_id 
_struct_sheet_range.end_auth_asym_id 
_struct_sheet_range.end_auth_seq_id 
AA1 1 LYS A 35  ? LYS A 37  ? LYS A 128 LYS A 130 
AA1 2 THR A 6   ? ILE A 11  ? THR A 99  ILE A 104 
AA1 3 GLN A 77  ? ILE A 84  ? GLN A 170 ILE A 177 
AA1 4 TYR A 69  ? ILE A 74  ? TYR A 162 ILE A 167 
AA2 1 TRP A 31  ? GLY A 32  ? TRP A 124 GLY A 125 
AA2 2 ASN A 18  ? GLN A 23  ? ASN A 111 GLN A 116 
AA2 3 ASN A 103 ? SER A 108 ? ASN A 196 SER A 201 
# 
loop_
_pdbx_struct_sheet_hbond.sheet_id 
_pdbx_struct_sheet_hbond.range_id_1 
_pdbx_struct_sheet_hbond.range_id_2 
_pdbx_struct_sheet_hbond.range_1_label_atom_id 
_pdbx_struct_sheet_hbond.range_1_label_comp_id 
_pdbx_struct_sheet_hbond.range_1_label_asym_id 
_pdbx_struct_sheet_hbond.range_1_label_seq_id 
_pdbx_struct_sheet_hbond.range_1_PDB_ins_code 
_pdbx_struct_sheet_hbond.range_1_auth_atom_id 
_pdbx_struct_sheet_hbond.range_1_auth_comp_id 
_pdbx_struct_sheet_hbond.range_1_auth_asym_id 
_pdbx_struct_sheet_hbond.range_1_auth_seq_id 
_pdbx_struct_sheet_hbond.range_2_label_atom_id 
_pdbx_struct_sheet_hbond.range_2_label_comp_id 
_pdbx_struct_sheet_hbond.range_2_label_asym_id 
_pdbx_struct_sheet_hbond.range_2_label_seq_id 
_pdbx_struct_sheet_hbond.range_2_PDB_ins_code 
_pdbx_struct_sheet_hbond.range_2_auth_atom_id 
_pdbx_struct_sheet_hbond.range_2_auth_comp_id 
_pdbx_struct_sheet_hbond.range_2_auth_asym_id 
_pdbx_struct_sheet_hbond.range_2_auth_seq_id 
AA1 1 2 O GLY A 36 ? O GLY A 129 N TYR A 7   ? N TYR A 100 
AA1 2 3 N ILE A 10 ? N ILE A 103 O ILE A 84  ? O ILE A 177 
AA1 3 4 O LEU A 81 ? O LEU A 174 N ILE A 70  ? N ILE A 163 
AA2 1 2 O GLY A 32 ? O GLY A 125 N VAL A 22  ? N VAL A 115 
AA2 2 3 N LEU A 21 ? N LEU A 114 O GLU A 105 ? O GLU A 198 
# 
loop_
_struct_site.id 
_struct_site.pdbx_evidence_code 
_struct_site.pdbx_auth_asym_id 
_struct_site.pdbx_auth_comp_id 
_struct_site.pdbx_auth_seq_id 
_struct_site.pdbx_auth_ins_code 
_struct_site.pdbx_num_residues 
_struct_site.details 
AC1 Software A EDO 301 ? 5 'binding site for residue EDO A 301' 
AC2 Software A EDO 302 ? 4 'binding site for residue EDO A 302' 
AC3 Software A DMS 303 ? 2 'binding site for residue DMS A 303' 
AC4 Software A ACT 304 ? 4 'binding site for residue ACT A 304' 
AC5 Software A ACT 305 ? 4 'binding site for residue ACT A 305' 
AC6 Software A LEY 306 ? 7 'binding site for residue LEY A 306' 
# 
loop_
_struct_site_gen.id 
_struct_site_gen.site_id 
_struct_site_gen.pdbx_num_res 
_struct_site_gen.label_comp_id 
_struct_site_gen.label_asym_id 
_struct_site_gen.label_seq_id 
_struct_site_gen.pdbx_auth_ins_code 
_struct_site_gen.auth_comp_id 
_struct_site_gen.auth_asym_id 
_struct_site_gen.auth_seq_id 
_struct_site_gen.label_atom_id 
_struct_site_gen.label_alt_id 
_struct_site_gen.symmetry 
_struct_site_gen.details 
1  AC1 5 ALA A 49  ? ALA A 142 . ? 1_555 ? 
2  AC1 5 PHE A 53  ? PHE A 146 . ? 1_555 ? 
3  AC1 5 ASP A 59  ? ASP A 152 . ? 1_555 ? 
4  AC1 5 LYS A 61  ? LYS A 154 . ? 1_555 ? 
5  AC1 5 HOH H .   ? HOH A 468 . ? 1_555 ? 
6  AC2 4 PRO A 129 ? PRO A 222 . ? 1_555 ? 
7  AC2 4 ASN A 130 ? ASN A 223 . ? 1_555 ? 
8  AC2 4 LYS A 131 ? LYS A 224 . ? 1_555 ? 
9  AC2 4 ACT F .   ? ACT A 305 . ? 1_555 ? 
10 AC3 2 ASN A 18  ? ASN A 111 . ? 1_555 ? 
11 AC3 2 TRP A 106 ? TRP A 199 . ? 1_555 ? 
12 AC4 4 SER A 29  ? SER A 122 . ? 1_555 ? 
13 AC4 4 TYR A 63  ? TYR A 156 . ? 3_357 ? 
14 AC4 4 PRO A 88  ? PRO A 181 . ? 3_357 ? 
15 AC4 4 HOH H .   ? HOH A 420 . ? 1_555 ? 
16 AC5 4 ARG A 116 ? ARG A 209 . ? 1_555 ? 
17 AC5 4 PRO A 129 ? PRO A 222 . ? 1_555 ? 
18 AC5 4 ASN A 130 ? ASN A 223 . ? 1_555 ? 
19 AC5 4 EDO C .   ? EDO A 302 . ? 1_555 ? 
20 AC6 7 GLY A 24  ? GLY A 117 . ? 1_555 ? 
21 AC6 7 ALA A 27  ? ALA A 120 . ? 1_555 ? 
22 AC6 7 LYS A 28  ? LYS A 121 . ? 1_555 ? 
23 AC6 7 GLY A 30  ? GLY A 123 . ? 1_555 ? 
24 AC6 7 GLU A 55  ? GLU A 148 . ? 1_555 ? 
25 AC6 7 ILE A 101 ? ILE A 194 . ? 1_555 ? 
26 AC6 7 MET A 134 ? MET A 227 . ? 1_555 ? 
# 
_pdbx_validate_rmsd_angle.id                         1 
_pdbx_validate_rmsd_angle.PDB_model_num              1 
_pdbx_validate_rmsd_angle.auth_atom_id_1             CB 
_pdbx_validate_rmsd_angle.auth_asym_id_1             A 
_pdbx_validate_rmsd_angle.auth_comp_id_1             ASP 
_pdbx_validate_rmsd_angle.auth_seq_id_1              169 
_pdbx_validate_rmsd_angle.PDB_ins_code_1             ? 
_pdbx_validate_rmsd_angle.label_alt_id_1             ? 
_pdbx_validate_rmsd_angle.auth_atom_id_2             CG 
_pdbx_validate_rmsd_angle.auth_asym_id_2             A 
_pdbx_validate_rmsd_angle.auth_comp_id_2             ASP 
_pdbx_validate_rmsd_angle.auth_seq_id_2              169 
_pdbx_validate_rmsd_angle.PDB_ins_code_2             ? 
_pdbx_validate_rmsd_angle.label_alt_id_2             ? 
_pdbx_validate_rmsd_angle.auth_atom_id_3             OD2 
_pdbx_validate_rmsd_angle.auth_asym_id_3             A 
_pdbx_validate_rmsd_angle.auth_comp_id_3             ASP 
_pdbx_validate_rmsd_angle.auth_seq_id_3              169 
_pdbx_validate_rmsd_angle.PDB_ins_code_3             ? 
_pdbx_validate_rmsd_angle.label_alt_id_3             ? 
_pdbx_validate_rmsd_angle.angle_value                112.80 
_pdbx_validate_rmsd_angle.angle_target_value         118.30 
_pdbx_validate_rmsd_angle.angle_deviation            -5.50 
_pdbx_validate_rmsd_angle.angle_standard_deviation   0.90 
_pdbx_validate_rmsd_angle.linker_flag                N 
# 
loop_
_pdbx_validate_torsion.id 
_pdbx_validate_torsion.PDB_model_num 
_pdbx_validate_torsion.auth_comp_id 
_pdbx_validate_torsion.auth_asym_id 
_pdbx_validate_torsion.auth_seq_id 
_pdbx_validate_torsion.PDB_ins_code 
_pdbx_validate_torsion.label_alt_id 
_pdbx_validate_torsion.phi 
_pdbx_validate_torsion.psi 
1 1 LEU A 119 ? ? 62.91   -115.14 
2 1 LYS A 121 ? ? -97.89  40.74   
3 1 GLU A 134 ? ? 70.20   -5.24   
4 1 THR A 190 ? A -118.06 79.63   
# 
_phasing.method   MR 
# 
loop_
_pdbx_unobs_or_zero_occ_residues.id 
_pdbx_unobs_or_zero_occ_residues.PDB_model_num 
_pdbx_unobs_or_zero_occ_residues.polymer_flag 
_pdbx_unobs_or_zero_occ_residues.occupancy_flag 
_pdbx_unobs_or_zero_occ_residues.auth_asym_id 
_pdbx_unobs_or_zero_occ_residues.auth_comp_id 
_pdbx_unobs_or_zero_occ_residues.auth_seq_id 
_pdbx_unobs_or_zero_occ_residues.PDB_ins_code 
_pdbx_unobs_or_zero_occ_residues.label_asym_id 
_pdbx_unobs_or_zero_occ_residues.label_comp_id 
_pdbx_unobs_or_zero_occ_residues.label_seq_id 
1  1 Y 1 A SER 94  ? A SER 1   
2  1 Y 1 A MET 95  ? A MET 2   
3  1 Y 1 A ASP 245 ? A ASP 152 
4  1 Y 1 A SER 246 ? A SER 153 
5  1 Y 1 A SER 247 ? A SER 154 
6  1 Y 1 A ASP 248 ? A ASP 155 
7  1 Y 1 A SER 249 ? A SER 156 
8  1 Y 1 A ASP 250 ? A ASP 157 
9  1 Y 1 A ASN 251 ? A ASN 158 
10 1 Y 1 A GLY 252 ? A GLY 159 
11 1 Y 1 A PHE 253 ? A PHE 160 
12 1 Y 1 A SER 254 ? A SER 161 
13 1 Y 1 A SER 255 ? A SER 162 
14 1 Y 1 A THR 256 ? A THR 163 
15 1 Y 1 A GLY 257 ? A GLY 164 
16 1 Y 1 A SER 258 ? A SER 165 
17 1 Y 1 A THR 259 ? A THR 166 
18 1 Y 1 A PRO 260 ? A PRO 167 
# 
loop_
_chem_comp_atom.comp_id 
_chem_comp_atom.atom_id 
_chem_comp_atom.type_symbol 
_chem_comp_atom.pdbx_aromatic_flag 
_chem_comp_atom.pdbx_stereo_config 
_chem_comp_atom.pdbx_ordinal 
ACT C    C N N 1   
ACT O    O N N 2   
ACT OXT  O N N 3   
ACT CH3  C N N 4   
ACT H1   H N N 5   
ACT H2   H N N 6   
ACT H3   H N N 7   
ALA N    N N N 8   
ALA CA   C N S 9   
ALA C    C N N 10  
ALA O    O N N 11  
ALA CB   C N N 12  
ALA OXT  O N N 13  
ALA H    H N N 14  
ALA H2   H N N 15  
ALA HA   H N N 16  
ALA HB1  H N N 17  
ALA HB2  H N N 18  
ALA HB3  H N N 19  
ALA HXT  H N N 20  
ARG N    N N N 21  
ARG CA   C N S 22  
ARG C    C N N 23  
ARG O    O N N 24  
ARG CB   C N N 25  
ARG CG   C N N 26  
ARG CD   C N N 27  
ARG NE   N N N 28  
ARG CZ   C N N 29  
ARG NH1  N N N 30  
ARG NH2  N N N 31  
ARG OXT  O N N 32  
ARG H    H N N 33  
ARG H2   H N N 34  
ARG HA   H N N 35  
ARG HB2  H N N 36  
ARG HB3  H N N 37  
ARG HG2  H N N 38  
ARG HG3  H N N 39  
ARG HD2  H N N 40  
ARG HD3  H N N 41  
ARG HE   H N N 42  
ARG HH11 H N N 43  
ARG HH12 H N N 44  
ARG HH21 H N N 45  
ARG HH22 H N N 46  
ARG HXT  H N N 47  
ASN N    N N N 48  
ASN CA   C N S 49  
ASN C    C N N 50  
ASN O    O N N 51  
ASN CB   C N N 52  
ASN CG   C N N 53  
ASN OD1  O N N 54  
ASN ND2  N N N 55  
ASN OXT  O N N 56  
ASN H    H N N 57  
ASN H2   H N N 58  
ASN HA   H N N 59  
ASN HB2  H N N 60  
ASN HB3  H N N 61  
ASN HD21 H N N 62  
ASN HD22 H N N 63  
ASN HXT  H N N 64  
ASP N    N N N 65  
ASP CA   C N S 66  
ASP C    C N N 67  
ASP O    O N N 68  
ASP CB   C N N 69  
ASP CG   C N N 70  
ASP OD1  O N N 71  
ASP OD2  O N N 72  
ASP OXT  O N N 73  
ASP H    H N N 74  
ASP H2   H N N 75  
ASP HA   H N N 76  
ASP HB2  H N N 77  
ASP HB3  H N N 78  
ASP HD2  H N N 79  
ASP HXT  H N N 80  
CYS N    N N N 81  
CYS CA   C N R 82  
CYS C    C N N 83  
CYS O    O N N 84  
CYS CB   C N N 85  
CYS SG   S N N 86  
CYS OXT  O N N 87  
CYS H    H N N 88  
CYS H2   H N N 89  
CYS HA   H N N 90  
CYS HB2  H N N 91  
CYS HB3  H N N 92  
CYS HG   H N N 93  
CYS HXT  H N N 94  
DMS S    S N N 95  
DMS O    O N N 96  
DMS C1   C N N 97  
DMS C2   C N N 98  
DMS H11  H N N 99  
DMS H12  H N N 100 
DMS H13  H N N 101 
DMS H21  H N N 102 
DMS H22  H N N 103 
DMS H23  H N N 104 
EDO C1   C N N 105 
EDO O1   O N N 106 
EDO C2   C N N 107 
EDO O2   O N N 108 
EDO H11  H N N 109 
EDO H12  H N N 110 
EDO HO1  H N N 111 
EDO H21  H N N 112 
EDO H22  H N N 113 
EDO HO2  H N N 114 
GLN N    N N N 115 
GLN CA   C N S 116 
GLN C    C N N 117 
GLN O    O N N 118 
GLN CB   C N N 119 
GLN CG   C N N 120 
GLN CD   C N N 121 
GLN OE1  O N N 122 
GLN NE2  N N N 123 
GLN OXT  O N N 124 
GLN H    H N N 125 
GLN H2   H N N 126 
GLN HA   H N N 127 
GLN HB2  H N N 128 
GLN HB3  H N N 129 
GLN HG2  H N N 130 
GLN HG3  H N N 131 
GLN HE21 H N N 132 
GLN HE22 H N N 133 
GLN HXT  H N N 134 
GLU N    N N N 135 
GLU CA   C N S 136 
GLU C    C N N 137 
GLU O    O N N 138 
GLU CB   C N N 139 
GLU CG   C N N 140 
GLU CD   C N N 141 
GLU OE1  O N N 142 
GLU OE2  O N N 143 
GLU OXT  O N N 144 
GLU H    H N N 145 
GLU H2   H N N 146 
GLU HA   H N N 147 
GLU HB2  H N N 148 
GLU HB3  H N N 149 
GLU HG2  H N N 150 
GLU HG3  H N N 151 
GLU HE2  H N N 152 
GLU HXT  H N N 153 
GLY N    N N N 154 
GLY CA   C N N 155 
GLY C    C N N 156 
GLY O    O N N 157 
GLY OXT  O N N 158 
GLY H    H N N 159 
GLY H2   H N N 160 
GLY HA2  H N N 161 
GLY HA3  H N N 162 
GLY HXT  H N N 163 
HIS N    N N N 164 
HIS CA   C N S 165 
HIS C    C N N 166 
HIS O    O N N 167 
HIS CB   C N N 168 
HIS CG   C Y N 169 
HIS ND1  N Y N 170 
HIS CD2  C Y N 171 
HIS CE1  C Y N 172 
HIS NE2  N Y N 173 
HIS OXT  O N N 174 
HIS H    H N N 175 
HIS H2   H N N 176 
HIS HA   H N N 177 
HIS HB2  H N N 178 
HIS HB3  H N N 179 
HIS HD1  H N N 180 
HIS HD2  H N N 181 
HIS HE1  H N N 182 
HIS HE2  H N N 183 
HIS HXT  H N N 184 
HOH O    O N N 185 
HOH H1   H N N 186 
HOH H2   H N N 187 
ILE N    N N N 188 
ILE CA   C N S 189 
ILE C    C N N 190 
ILE O    O N N 191 
ILE CB   C N S 192 
ILE CG1  C N N 193 
ILE CG2  C N N 194 
ILE CD1  C N N 195 
ILE OXT  O N N 196 
ILE H    H N N 197 
ILE H2   H N N 198 
ILE HA   H N N 199 
ILE HB   H N N 200 
ILE HG12 H N N 201 
ILE HG13 H N N 202 
ILE HG21 H N N 203 
ILE HG22 H N N 204 
ILE HG23 H N N 205 
ILE HD11 H N N 206 
ILE HD12 H N N 207 
ILE HD13 H N N 208 
ILE HXT  H N N 209 
LEU N    N N N 210 
LEU CA   C N S 211 
LEU C    C N N 212 
LEU O    O N N 213 
LEU CB   C N N 214 
LEU CG   C N N 215 
LEU CD1  C N N 216 
LEU CD2  C N N 217 
LEU OXT  O N N 218 
LEU H    H N N 219 
LEU H2   H N N 220 
LEU HA   H N N 221 
LEU HB2  H N N 222 
LEU HB3  H N N 223 
LEU HG   H N N 224 
LEU HD11 H N N 225 
LEU HD12 H N N 226 
LEU HD13 H N N 227 
LEU HD21 H N N 228 
LEU HD22 H N N 229 
LEU HD23 H N N 230 
LEU HXT  H N N 231 
LEY N1   N Y N 232 
LEY N3   N N N 233 
LEY C4   C Y N 234 
LEY C5   C Y N 235 
LEY C6   C Y N 236 
LEY C7   C N N 237 
LEY C8   C N N 238 
LEY C10  C Y N 239 
LEY C13  C Y N 240 
LEY C1   C N N 241 
LEY C11  C Y N 242 
LEY C12  C Y N 243 
LEY C14  C Y N 244 
LEY C2   C N N 245 
LEY C3   C N N 246 
LEY C9   C Y N 247 
LEY F1   F N N 248 
LEY N2   N Y N 249 
LEY O1   O N N 250 
LEY H1   H N N 251 
LEY H2   H N N 252 
LEY H3   H N N 253 
LEY H4   H N N 254 
LEY H5   H N N 255 
LEY H6   H N N 256 
LEY H7   H N N 257 
LEY H8   H N N 258 
LEY H9   H N N 259 
LEY H10  H N N 260 
LEY H11  H N N 261 
LEY H12  H N N 262 
LEY H13  H N N 263 
LEY H14  H N N 264 
LEY H15  H N N 265 
LEY H16  H N N 266 
LYS N    N N N 267 
LYS CA   C N S 268 
LYS C    C N N 269 
LYS O    O N N 270 
LYS CB   C N N 271 
LYS CG   C N N 272 
LYS CD   C N N 273 
LYS CE   C N N 274 
LYS NZ   N N N 275 
LYS OXT  O N N 276 
LYS H    H N N 277 
LYS H2   H N N 278 
LYS HA   H N N 279 
LYS HB2  H N N 280 
LYS HB3  H N N 281 
LYS HG2  H N N 282 
LYS HG3  H N N 283 
LYS HD2  H N N 284 
LYS HD3  H N N 285 
LYS HE2  H N N 286 
LYS HE3  H N N 287 
LYS HZ1  H N N 288 
LYS HZ2  H N N 289 
LYS HZ3  H N N 290 
LYS HXT  H N N 291 
MET N    N N N 292 
MET CA   C N S 293 
MET C    C N N 294 
MET O    O N N 295 
MET CB   C N N 296 
MET CG   C N N 297 
MET SD   S N N 298 
MET CE   C N N 299 
MET OXT  O N N 300 
MET H    H N N 301 
MET H2   H N N 302 
MET HA   H N N 303 
MET HB2  H N N 304 
MET HB3  H N N 305 
MET HG2  H N N 306 
MET HG3  H N N 307 
MET HE1  H N N 308 
MET HE2  H N N 309 
MET HE3  H N N 310 
MET HXT  H N N 311 
PHE N    N N N 312 
PHE CA   C N S 313 
PHE C    C N N 314 
PHE O    O N N 315 
PHE CB   C N N 316 
PHE CG   C Y N 317 
PHE CD1  C Y N 318 
PHE CD2  C Y N 319 
PHE CE1  C Y N 320 
PHE CE2  C Y N 321 
PHE CZ   C Y N 322 
PHE OXT  O N N 323 
PHE H    H N N 324 
PHE H2   H N N 325 
PHE HA   H N N 326 
PHE HB2  H N N 327 
PHE HB3  H N N 328 
PHE HD1  H N N 329 
PHE HD2  H N N 330 
PHE HE1  H N N 331 
PHE HE2  H N N 332 
PHE HZ   H N N 333 
PHE HXT  H N N 334 
PRO N    N N N 335 
PRO CA   C N S 336 
PRO C    C N N 337 
PRO O    O N N 338 
PRO CB   C N N 339 
PRO CG   C N N 340 
PRO CD   C N N 341 
PRO OXT  O N N 342 
PRO H    H N N 343 
PRO HA   H N N 344 
PRO HB2  H N N 345 
PRO HB3  H N N 346 
PRO HG2  H N N 347 
PRO HG3  H N N 348 
PRO HD2  H N N 349 
PRO HD3  H N N 350 
PRO HXT  H N N 351 
SER N    N N N 352 
SER CA   C N S 353 
SER C    C N N 354 
SER O    O N N 355 
SER CB   C N N 356 
SER OG   O N N 357 
SER OXT  O N N 358 
SER H    H N N 359 
SER H2   H N N 360 
SER HA   H N N 361 
SER HB2  H N N 362 
SER HB3  H N N 363 
SER HG   H N N 364 
SER HXT  H N N 365 
THR N    N N N 366 
THR CA   C N S 367 
THR C    C N N 368 
THR O    O N N 369 
THR CB   C N R 370 
THR OG1  O N N 371 
THR CG2  C N N 372 
THR OXT  O N N 373 
THR H    H N N 374 
THR H2   H N N 375 
THR HA   H N N 376 
THR HB   H N N 377 
THR HG1  H N N 378 
THR HG21 H N N 379 
THR HG22 H N N 380 
THR HG23 H N N 381 
THR HXT  H N N 382 
TRP N    N N N 383 
TRP CA   C N S 384 
TRP C    C N N 385 
TRP O    O N N 386 
TRP CB   C N N 387 
TRP CG   C Y N 388 
TRP CD1  C Y N 389 
TRP CD2  C Y N 390 
TRP NE1  N Y N 391 
TRP CE2  C Y N 392 
TRP CE3  C Y N 393 
TRP CZ2  C Y N 394 
TRP CZ3  C Y N 395 
TRP CH2  C Y N 396 
TRP OXT  O N N 397 
TRP H    H N N 398 
TRP H2   H N N 399 
TRP HA   H N N 400 
TRP HB2  H N N 401 
TRP HB3  H N N 402 
TRP HD1  H N N 403 
TRP HE1  H N N 404 
TRP HE3  H N N 405 
TRP HZ2  H N N 406 
TRP HZ3  H N N 407 
TRP HH2  H N N 408 
TRP HXT  H N N 409 
TYR N    N N N 410 
TYR CA   C N S 411 
TYR C    C N N 412 
TYR O    O N N 413 
TYR CB   C N N 414 
TYR CG   C Y N 415 
TYR CD1  C Y N 416 
TYR CD2  C Y N 417 
TYR CE1  C Y N 418 
TYR CE2  C Y N 419 
TYR CZ   C Y N 420 
TYR OH   O N N 421 
TYR OXT  O N N 422 
TYR H    H N N 423 
TYR H2   H N N 424 
TYR HA   H N N 425 
TYR HB2  H N N 426 
TYR HB3  H N N 427 
TYR HD1  H N N 428 
TYR HD2  H N N 429 
TYR HE1  H N N 430 
TYR HE2  H N N 431 
TYR HH   H N N 432 
TYR HXT  H N N 433 
VAL N    N N N 434 
VAL CA   C N S 435 
VAL C    C N N 436 
VAL O    O N N 437 
VAL CB   C N N 438 
VAL CG1  C N N 439 
VAL CG2  C N N 440 
VAL OXT  O N N 441 
VAL H    H N N 442 
VAL H2   H N N 443 
VAL HA   H N N 444 
VAL HB   H N N 445 
VAL HG11 H N N 446 
VAL HG12 H N N 447 
VAL HG13 H N N 448 
VAL HG21 H N N 449 
VAL HG22 H N N 450 
VAL HG23 H N N 451 
VAL HXT  H N N 452 
# 
loop_
_chem_comp_bond.comp_id 
_chem_comp_bond.atom_id_1 
_chem_comp_bond.atom_id_2 
_chem_comp_bond.value_order 
_chem_comp_bond.pdbx_aromatic_flag 
_chem_comp_bond.pdbx_stereo_config 
_chem_comp_bond.pdbx_ordinal 
ACT C   O    doub N N 1   
ACT C   OXT  sing N N 2   
ACT C   CH3  sing N N 3   
ACT CH3 H1   sing N N 4   
ACT CH3 H2   sing N N 5   
ACT CH3 H3   sing N N 6   
ALA N   CA   sing N N 7   
ALA N   H    sing N N 8   
ALA N   H2   sing N N 9   
ALA CA  C    sing N N 10  
ALA CA  CB   sing N N 11  
ALA CA  HA   sing N N 12  
ALA C   O    doub N N 13  
ALA C   OXT  sing N N 14  
ALA CB  HB1  sing N N 15  
ALA CB  HB2  sing N N 16  
ALA CB  HB3  sing N N 17  
ALA OXT HXT  sing N N 18  
ARG N   CA   sing N N 19  
ARG N   H    sing N N 20  
ARG N   H2   sing N N 21  
ARG CA  C    sing N N 22  
ARG CA  CB   sing N N 23  
ARG CA  HA   sing N N 24  
ARG C   O    doub N N 25  
ARG C   OXT  sing N N 26  
ARG CB  CG   sing N N 27  
ARG CB  HB2  sing N N 28  
ARG CB  HB3  sing N N 29  
ARG CG  CD   sing N N 30  
ARG CG  HG2  sing N N 31  
ARG CG  HG3  sing N N 32  
ARG CD  NE   sing N N 33  
ARG CD  HD2  sing N N 34  
ARG CD  HD3  sing N N 35  
ARG NE  CZ   sing N N 36  
ARG NE  HE   sing N N 37  
ARG CZ  NH1  sing N N 38  
ARG CZ  NH2  doub N N 39  
ARG NH1 HH11 sing N N 40  
ARG NH1 HH12 sing N N 41  
ARG NH2 HH21 sing N N 42  
ARG NH2 HH22 sing N N 43  
ARG OXT HXT  sing N N 44  
ASN N   CA   sing N N 45  
ASN N   H    sing N N 46  
ASN N   H2   sing N N 47  
ASN CA  C    sing N N 48  
ASN CA  CB   sing N N 49  
ASN CA  HA   sing N N 50  
ASN C   O    doub N N 51  
ASN C   OXT  sing N N 52  
ASN CB  CG   sing N N 53  
ASN CB  HB2  sing N N 54  
ASN CB  HB3  sing N N 55  
ASN CG  OD1  doub N N 56  
ASN CG  ND2  sing N N 57  
ASN ND2 HD21 sing N N 58  
ASN ND2 HD22 sing N N 59  
ASN OXT HXT  sing N N 60  
ASP N   CA   sing N N 61  
ASP N   H    sing N N 62  
ASP N   H2   sing N N 63  
ASP CA  C    sing N N 64  
ASP CA  CB   sing N N 65  
ASP CA  HA   sing N N 66  
ASP C   O    doub N N 67  
ASP C   OXT  sing N N 68  
ASP CB  CG   sing N N 69  
ASP CB  HB2  sing N N 70  
ASP CB  HB3  sing N N 71  
ASP CG  OD1  doub N N 72  
ASP CG  OD2  sing N N 73  
ASP OD2 HD2  sing N N 74  
ASP OXT HXT  sing N N 75  
CYS N   CA   sing N N 76  
CYS N   H    sing N N 77  
CYS N   H2   sing N N 78  
CYS CA  C    sing N N 79  
CYS CA  CB   sing N N 80  
CYS CA  HA   sing N N 81  
CYS C   O    doub N N 82  
CYS C   OXT  sing N N 83  
CYS CB  SG   sing N N 84  
CYS CB  HB2  sing N N 85  
CYS CB  HB3  sing N N 86  
CYS SG  HG   sing N N 87  
CYS OXT HXT  sing N N 88  
DMS S   O    doub N N 89  
DMS S   C1   sing N N 90  
DMS S   C2   sing N N 91  
DMS C1  H11  sing N N 92  
DMS C1  H12  sing N N 93  
DMS C1  H13  sing N N 94  
DMS C2  H21  sing N N 95  
DMS C2  H22  sing N N 96  
DMS C2  H23  sing N N 97  
EDO C1  O1   sing N N 98  
EDO C1  C2   sing N N 99  
EDO C1  H11  sing N N 100 
EDO C1  H12  sing N N 101 
EDO O1  HO1  sing N N 102 
EDO C2  O2   sing N N 103 
EDO C2  H21  sing N N 104 
EDO C2  H22  sing N N 105 
EDO O2  HO2  sing N N 106 
GLN N   CA   sing N N 107 
GLN N   H    sing N N 108 
GLN N   H2   sing N N 109 
GLN CA  C    sing N N 110 
GLN CA  CB   sing N N 111 
GLN CA  HA   sing N N 112 
GLN C   O    doub N N 113 
GLN C   OXT  sing N N 114 
GLN CB  CG   sing N N 115 
GLN CB  HB2  sing N N 116 
GLN CB  HB3  sing N N 117 
GLN CG  CD   sing N N 118 
GLN CG  HG2  sing N N 119 
GLN CG  HG3  sing N N 120 
GLN CD  OE1  doub N N 121 
GLN CD  NE2  sing N N 122 
GLN NE2 HE21 sing N N 123 
GLN NE2 HE22 sing N N 124 
GLN OXT HXT  sing N N 125 
GLU N   CA   sing N N 126 
GLU N   H    sing N N 127 
GLU N   H2   sing N N 128 
GLU CA  C    sing N N 129 
GLU CA  CB   sing N N 130 
GLU CA  HA   sing N N 131 
GLU C   O    doub N N 132 
GLU C   OXT  sing N N 133 
GLU CB  CG   sing N N 134 
GLU CB  HB2  sing N N 135 
GLU CB  HB3  sing N N 136 
GLU CG  CD   sing N N 137 
GLU CG  HG2  sing N N 138 
GLU CG  HG3  sing N N 139 
GLU CD  OE1  doub N N 140 
GLU CD  OE2  sing N N 141 
GLU OE2 HE2  sing N N 142 
GLU OXT HXT  sing N N 143 
GLY N   CA   sing N N 144 
GLY N   H    sing N N 145 
GLY N   H2   sing N N 146 
GLY CA  C    sing N N 147 
GLY CA  HA2  sing N N 148 
GLY CA  HA3  sing N N 149 
GLY C   O    doub N N 150 
GLY C   OXT  sing N N 151 
GLY OXT HXT  sing N N 152 
HIS N   CA   sing N N 153 
HIS N   H    sing N N 154 
HIS N   H2   sing N N 155 
HIS CA  C    sing N N 156 
HIS CA  CB   sing N N 157 
HIS CA  HA   sing N N 158 
HIS C   O    doub N N 159 
HIS C   OXT  sing N N 160 
HIS CB  CG   sing N N 161 
HIS CB  HB2  sing N N 162 
HIS CB  HB3  sing N N 163 
HIS CG  ND1  sing Y N 164 
HIS CG  CD2  doub Y N 165 
HIS ND1 CE1  doub Y N 166 
HIS ND1 HD1  sing N N 167 
HIS CD2 NE2  sing Y N 168 
HIS CD2 HD2  sing N N 169 
HIS CE1 NE2  sing Y N 170 
HIS CE1 HE1  sing N N 171 
HIS NE2 HE2  sing N N 172 
HIS OXT HXT  sing N N 173 
HOH O   H1   sing N N 174 
HOH O   H2   sing N N 175 
ILE N   CA   sing N N 176 
ILE N   H    sing N N 177 
ILE N   H2   sing N N 178 
ILE CA  C    sing N N 179 
ILE CA  CB   sing N N 180 
ILE CA  HA   sing N N 181 
ILE C   O    doub N N 182 
ILE C   OXT  sing N N 183 
ILE CB  CG1  sing N N 184 
ILE CB  CG2  sing N N 185 
ILE CB  HB   sing N N 186 
ILE CG1 CD1  sing N N 187 
ILE CG1 HG12 sing N N 188 
ILE CG1 HG13 sing N N 189 
ILE CG2 HG21 sing N N 190 
ILE CG2 HG22 sing N N 191 
ILE CG2 HG23 sing N N 192 
ILE CD1 HD11 sing N N 193 
ILE CD1 HD12 sing N N 194 
ILE CD1 HD13 sing N N 195 
ILE OXT HXT  sing N N 196 
LEU N   CA   sing N N 197 
LEU N   H    sing N N 198 
LEU N   H2   sing N N 199 
LEU CA  C    sing N N 200 
LEU CA  CB   sing N N 201 
LEU CA  HA   sing N N 202 
LEU C   O    doub N N 203 
LEU C   OXT  sing N N 204 
LEU CB  CG   sing N N 205 
LEU CB  HB2  sing N N 206 
LEU CB  HB3  sing N N 207 
LEU CG  CD1  sing N N 208 
LEU CG  CD2  sing N N 209 
LEU CG  HG   sing N N 210 
LEU CD1 HD11 sing N N 211 
LEU CD1 HD12 sing N N 212 
LEU CD1 HD13 sing N N 213 
LEU CD2 HD21 sing N N 214 
LEU CD2 HD22 sing N N 215 
LEU CD2 HD23 sing N N 216 
LEU OXT HXT  sing N N 217 
LEY C2  C1   sing N N 218 
LEY C2  C3   sing N N 219 
LEY C2  C4   sing N N 220 
LEY C4  N2   doub Y N 221 
LEY C4  N1   sing Y N 222 
LEY N2  C6   sing Y N 223 
LEY N1  C5   sing Y N 224 
LEY C6  C5   doub Y N 225 
LEY C5  C7   sing N N 226 
LEY C7  N3   sing N N 227 
LEY C7  O1   doub N N 228 
LEY N3  C8   sing N N 229 
LEY C8  C9   sing N N 230 
LEY C9  C14  doub Y N 231 
LEY C9  C10  sing Y N 232 
LEY C14 C13  sing Y N 233 
LEY C10 C11  doub Y N 234 
LEY C13 C12  doub Y N 235 
LEY C11 C12  sing Y N 236 
LEY C12 F1   sing N N 237 
LEY N1  H1   sing N N 238 
LEY N3  H2   sing N N 239 
LEY C6  H3   sing N N 240 
LEY C8  H4   sing N N 241 
LEY C8  H5   sing N N 242 
LEY C10 H6   sing N N 243 
LEY C13 H7   sing N N 244 
LEY C1  H8   sing N N 245 
LEY C1  H9   sing N N 246 
LEY C1  H10  sing N N 247 
LEY C11 H11  sing N N 248 
LEY C14 H12  sing N N 249 
LEY C2  H13  sing N N 250 
LEY C3  H14  sing N N 251 
LEY C3  H15  sing N N 252 
LEY C3  H16  sing N N 253 
LYS N   CA   sing N N 254 
LYS N   H    sing N N 255 
LYS N   H2   sing N N 256 
LYS CA  C    sing N N 257 
LYS CA  CB   sing N N 258 
LYS CA  HA   sing N N 259 
LYS C   O    doub N N 260 
LYS C   OXT  sing N N 261 
LYS CB  CG   sing N N 262 
LYS CB  HB2  sing N N 263 
LYS CB  HB3  sing N N 264 
LYS CG  CD   sing N N 265 
LYS CG  HG2  sing N N 266 
LYS CG  HG3  sing N N 267 
LYS CD  CE   sing N N 268 
LYS CD  HD2  sing N N 269 
LYS CD  HD3  sing N N 270 
LYS CE  NZ   sing N N 271 
LYS CE  HE2  sing N N 272 
LYS CE  HE3  sing N N 273 
LYS NZ  HZ1  sing N N 274 
LYS NZ  HZ2  sing N N 275 
LYS NZ  HZ3  sing N N 276 
LYS OXT HXT  sing N N 277 
MET N   CA   sing N N 278 
MET N   H    sing N N 279 
MET N   H2   sing N N 280 
MET CA  C    sing N N 281 
MET CA  CB   sing N N 282 
MET CA  HA   sing N N 283 
MET C   O    doub N N 284 
MET C   OXT  sing N N 285 
MET CB  CG   sing N N 286 
MET CB  HB2  sing N N 287 
MET CB  HB3  sing N N 288 
MET CG  SD   sing N N 289 
MET CG  HG2  sing N N 290 
MET CG  HG3  sing N N 291 
MET SD  CE   sing N N 292 
MET CE  HE1  sing N N 293 
MET CE  HE2  sing N N 294 
MET CE  HE3  sing N N 295 
MET OXT HXT  sing N N 296 
PHE N   CA   sing N N 297 
PHE N   H    sing N N 298 
PHE N   H2   sing N N 299 
PHE CA  C    sing N N 300 
PHE CA  CB   sing N N 301 
PHE CA  HA   sing N N 302 
PHE C   O    doub N N 303 
PHE C   OXT  sing N N 304 
PHE CB  CG   sing N N 305 
PHE CB  HB2  sing N N 306 
PHE CB  HB3  sing N N 307 
PHE CG  CD1  doub Y N 308 
PHE CG  CD2  sing Y N 309 
PHE CD1 CE1  sing Y N 310 
PHE CD1 HD1  sing N N 311 
PHE CD2 CE2  doub Y N 312 
PHE CD2 HD2  sing N N 313 
PHE CE1 CZ   doub Y N 314 
PHE CE1 HE1  sing N N 315 
PHE CE2 CZ   sing Y N 316 
PHE CE2 HE2  sing N N 317 
PHE CZ  HZ   sing N N 318 
PHE OXT HXT  sing N N 319 
PRO N   CA   sing N N 320 
PRO N   CD   sing N N 321 
PRO N   H    sing N N 322 
PRO CA  C    sing N N 323 
PRO CA  CB   sing N N 324 
PRO CA  HA   sing N N 325 
PRO C   O    doub N N 326 
PRO C   OXT  sing N N 327 
PRO CB  CG   sing N N 328 
PRO CB  HB2  sing N N 329 
PRO CB  HB3  sing N N 330 
PRO CG  CD   sing N N 331 
PRO CG  HG2  sing N N 332 
PRO CG  HG3  sing N N 333 
PRO CD  HD2  sing N N 334 
PRO CD  HD3  sing N N 335 
PRO OXT HXT  sing N N 336 
SER N   CA   sing N N 337 
SER N   H    sing N N 338 
SER N   H2   sing N N 339 
SER CA  C    sing N N 340 
SER CA  CB   sing N N 341 
SER CA  HA   sing N N 342 
SER C   O    doub N N 343 
SER C   OXT  sing N N 344 
SER CB  OG   sing N N 345 
SER CB  HB2  sing N N 346 
SER CB  HB3  sing N N 347 
SER OG  HG   sing N N 348 
SER OXT HXT  sing N N 349 
THR N   CA   sing N N 350 
THR N   H    sing N N 351 
THR N   H2   sing N N 352 
THR CA  C    sing N N 353 
THR CA  CB   sing N N 354 
THR CA  HA   sing N N 355 
THR C   O    doub N N 356 
THR C   OXT  sing N N 357 
THR CB  OG1  sing N N 358 
THR CB  CG2  sing N N 359 
THR CB  HB   sing N N 360 
THR OG1 HG1  sing N N 361 
THR CG2 HG21 sing N N 362 
THR CG2 HG22 sing N N 363 
THR CG2 HG23 sing N N 364 
THR OXT HXT  sing N N 365 
TRP N   CA   sing N N 366 
TRP N   H    sing N N 367 
TRP N   H2   sing N N 368 
TRP CA  C    sing N N 369 
TRP CA  CB   sing N N 370 
TRP CA  HA   sing N N 371 
TRP C   O    doub N N 372 
TRP C   OXT  sing N N 373 
TRP CB  CG   sing N N 374 
TRP CB  HB2  sing N N 375 
TRP CB  HB3  sing N N 376 
TRP CG  CD1  doub Y N 377 
TRP CG  CD2  sing Y N 378 
TRP CD1 NE1  sing Y N 379 
TRP CD1 HD1  sing N N 380 
TRP CD2 CE2  doub Y N 381 
TRP CD2 CE3  sing Y N 382 
TRP NE1 CE2  sing Y N 383 
TRP NE1 HE1  sing N N 384 
TRP CE2 CZ2  sing Y N 385 
TRP CE3 CZ3  doub Y N 386 
TRP CE3 HE3  sing N N 387 
TRP CZ2 CH2  doub Y N 388 
TRP CZ2 HZ2  sing N N 389 
TRP CZ3 CH2  sing Y N 390 
TRP CZ3 HZ3  sing N N 391 
TRP CH2 HH2  sing N N 392 
TRP OXT HXT  sing N N 393 
TYR N   CA   sing N N 394 
TYR N   H    sing N N 395 
TYR N   H2   sing N N 396 
TYR CA  C    sing N N 397 
TYR CA  CB   sing N N 398 
TYR CA  HA   sing N N 399 
TYR C   O    doub N N 400 
TYR C   OXT  sing N N 401 
TYR CB  CG   sing N N 402 
TYR CB  HB2  sing N N 403 
TYR CB  HB3  sing N N 404 
TYR CG  CD1  doub Y N 405 
TYR CG  CD2  sing Y N 406 
TYR CD1 CE1  sing Y N 407 
TYR CD1 HD1  sing N N 408 
TYR CD2 CE2  doub Y N 409 
TYR CD2 HD2  sing N N 410 
TYR CE1 CZ   doub Y N 411 
TYR CE1 HE1  sing N N 412 
TYR CE2 CZ   sing Y N 413 
TYR CE2 HE2  sing N N 414 
TYR CZ  OH   sing N N 415 
TYR OH  HH   sing N N 416 
TYR OXT HXT  sing N N 417 
VAL N   CA   sing N N 418 
VAL N   H    sing N N 419 
VAL N   H2   sing N N 420 
VAL CA  C    sing N N 421 
VAL CA  CB   sing N N 422 
VAL CA  HA   sing N N 423 
VAL C   O    doub N N 424 
VAL C   OXT  sing N N 425 
VAL CB  CG1  sing N N 426 
VAL CB  CG2  sing N N 427 
VAL CB  HB   sing N N 428 
VAL CG1 HG11 sing N N 429 
VAL CG1 HG12 sing N N 430 
VAL CG1 HG13 sing N N 431 
VAL CG2 HG21 sing N N 432 
VAL CG2 HG22 sing N N 433 
VAL CG2 HG23 sing N N 434 
VAL OXT HXT  sing N N 435 
# 
_pdbx_deposit_group.group_id            G_1002061 
_pdbx_deposit_group.group_description   
;XDomainX of XOrganismX DCP2 (NUDT20) screened against the XXX Fragment Library by X-ray Crystallography at the XChem facility of Diamond Light Source beamline I04-1
;
_pdbx_deposit_group.group_title         'PanDDA analysis group deposition' 
_pdbx_deposit_group.group_type          'changed state' 
# 
_pdbx_related_exp_data_set.ordinal              1 
_pdbx_related_exp_data_set.data_reference       10.5281/zenodo.1437589 
_pdbx_related_exp_data_set.metadata_reference   10.5281/zenodo.1437589 
_pdbx_related_exp_data_set.data_set_type        'other data' 
_pdbx_related_exp_data_set.details              'Complete PanDDA analysis' 
# 
_atom_sites.entry_id                    5QOR 
_atom_sites.fract_transf_matrix[1][1]   0.00779057 
_atom_sites.fract_transf_matrix[1][2]   0.01675329 
_atom_sites.fract_transf_matrix[1][3]   -0.00954722 
_atom_sites.fract_transf_matrix[2][1]   -0.00565408 
_atom_sites.fract_transf_matrix[2][2]   -0.00563724 
_atom_sites.fract_transf_matrix[2][3]   -0.01450587 
_atom_sites.fract_transf_matrix[3][1]   -0.01312333 
_atom_sites.fract_transf_matrix[3][2]   0.00738261 
_atom_sites.fract_transf_matrix[3][3]   0.00224618 
_atom_sites.fract_transf_vector[1]      -0.884806 
_atom_sites.fract_transf_vector[2]      0.225536 
_atom_sites.fract_transf_vector[3]      1.167698 
# 
loop_
_atom_type.symbol 
C 
F 
N 
O 
S 
# 
loop_
_atom_site.group_PDB 
_atom_site.id 
_atom_site.type_symbol 
_atom_site.label_atom_id 
_atom_site.label_alt_id 
_atom_site.label_comp_id 
_atom_site.label_asym_id 
_atom_site.label_entity_id 
_atom_site.label_seq_id 
_atom_site.pdbx_PDB_ins_code 
_atom_site.Cartn_x 
_atom_site.Cartn_y 
_atom_site.Cartn_z 
_atom_site.occupancy 
_atom_site.B_iso_or_equiv 
_atom_site.pdbx_formal_charge 
_atom_site.auth_seq_id 
_atom_site.auth_comp_id 
_atom_site.auth_asym_id 
_atom_site.auth_atom_id 
_atom_site.pdbx_PDB_model_num 
ATOM   1    N N   . GLY A 1 3   ? 6.099   16.076  -9.721  1.00 69.22  ? 96  GLY A N   1 
ATOM   2    C CA  . GLY A 1 3   ? 4.925   15.186  -9.433  1.00 71.23  ? 96  GLY A CA  1 
ATOM   3    C C   . GLY A 1 3   ? 4.321   15.472  -8.056  1.00 68.78  ? 96  GLY A C   1 
ATOM   4    O O   . GLY A 1 3   ? 5.032   15.797  -7.088  1.00 78.16  ? 96  GLY A O   1 
ATOM   5    N N   . VAL A 1 4   ? 3.005   15.344  -7.954  1.00 59.36  ? 97  VAL A N   1 
ATOM   6    C CA  . VAL A 1 4   ? 2.310   15.659  -6.683  1.00 59.08  ? 97  VAL A CA  1 
ATOM   7    C C   . VAL A 1 4   ? 2.496   14.505  -5.679  1.00 45.22  ? 97  VAL A C   1 
ATOM   8    O O   . VAL A 1 4   ? 2.189   13.417  -6.043  1.00 40.58  ? 97  VAL A O   1 
ATOM   9    C CB  . VAL A 1 4   ? 0.786   15.782  -6.894  1.00 59.80  ? 97  VAL A CB  1 
ATOM   10   C CG1 . VAL A 1 4   ? 0.126   16.172  -5.572  1.00 57.57  ? 97  VAL A CG1 1 
ATOM   11   C CG2 . VAL A 1 4   ? 0.449   16.760  -8.023  1.00 61.48  ? 97  VAL A CG2 1 
ATOM   12   N N   . PRO A 1 5   ? 2.927   14.764  -4.423  1.00 43.87  ? 98  PRO A N   1 
ATOM   13   C CA  . PRO A 1 5   ? 3.147   13.601  -3.537  1.00 40.53  ? 98  PRO A CA  1 
ATOM   14   C C   . PRO A 1 5   ? 1.885   12.775  -3.271  1.00 39.13  ? 98  PRO A C   1 
ATOM   15   O O   . PRO A 1 5   ? 0.773   13.303  -3.365  1.00 35.12  ? 98  PRO A O   1 
ATOM   16   C CB  . PRO A 1 5   ? 3.722   14.207  -2.250  1.00 42.98  ? 98  PRO A CB  1 
ATOM   17   C CG  . PRO A 1 5   ? 3.763   15.701  -2.468  1.00 44.55  ? 98  PRO A CG  1 
ATOM   18   C CD  . PRO A 1 5   ? 3.549   15.994  -3.903  1.00 40.01  ? 98  PRO A CD  1 
ATOM   19   N N   . THR A 1 6   ? 2.050   11.468  -2.994  1.00 35.06  ? 99  THR A N   1 
ATOM   20   C CA  . THR A 1 6   ? 0.920   10.595  -2.582  1.00 35.52  ? 99  THR A CA  1 
ATOM   21   C C   . THR A 1 6   ? 1.125   10.067  -1.169  1.00 32.44  ? 99  THR A C   1 
ATOM   22   O O   . THR A 1 6   ? 2.244   9.928   -0.691  1.00 31.59  ? 99  THR A O   1 
ATOM   23   C CB  . THR A 1 6   ? 0.721   9.448   -3.568  1.00 35.16  ? 99  THR A CB  1 
ATOM   24   O OG1 . THR A 1 6   ? 1.940   8.696   -3.623  1.00 32.47  ? 99  THR A OG1 1 
ATOM   25   C CG2 . THR A 1 6   ? 0.427   9.994   -4.909  1.00 33.57  ? 99  THR A CG2 1 
ATOM   26   N N   . TYR A 1 7   ? 0.017   9.790   -0.495  1.00 31.33  ? 100 TYR A N   1 
ATOM   27   C CA  . TYR A 1 7   ? 0.023   9.388   0.872   1.00 30.33  ? 100 TYR A CA  1 
ATOM   28   C C   . TYR A 1 7   ? -1.027  8.308   1.028   1.00 28.42  ? 100 TYR A C   1 
ATOM   29   O O   . TYR A 1 7   ? -2.064  8.362   0.414   1.00 29.57  ? 100 TYR A O   1 
ATOM   30   C CB  . TYR A 1 7   ? -0.327  10.590  1.807   1.00 34.94  ? 100 TYR A CB  1 
ATOM   31   C CG  . TYR A 1 7   ? 0.718   11.681  1.760   1.00 32.82  ? 100 TYR A CG  1 
ATOM   32   C CD1 . TYR A 1 7   ? 1.946   11.504  2.374   1.00 37.16  ? 100 TYR A CD1 1 
ATOM   33   C CD2 . TYR A 1 7   ? 0.509   12.840  1.038   1.00 34.51  ? 100 TYR A CD2 1 
ATOM   34   C CE1 . TYR A 1 7   ? 2.937   12.466  2.307   1.00 40.01  ? 100 TYR A CE1 1 
ATOM   35   C CE2 . TYR A 1 7   ? 1.475   13.817  0.943   1.00 36.59  ? 100 TYR A CE2 1 
ATOM   36   C CZ  . TYR A 1 7   ? 2.676   13.650  1.598   1.00 41.54  ? 100 TYR A CZ  1 
ATOM   37   O OH  . TYR A 1 7   ? 3.640   14.613  1.473   1.00 46.02  ? 100 TYR A OH  1 
ATOM   38   N N   . GLY A 1 8   ? -0.751  7.340   1.891   1.00 27.78  ? 101 GLY A N   1 
ATOM   39   C CA  . GLY A 1 8   ? -1.672  6.239   2.115   1.00 26.57  ? 101 GLY A CA  1 
ATOM   40   C C   . GLY A 1 8   ? -1.176  5.439   3.304   1.00 22.57  ? 101 GLY A C   1 
ATOM   41   O O   . GLY A 1 8   ? -0.566  5.972   4.203   1.00 24.14  ? 101 GLY A O   1 
ATOM   42   N N   . ALA A 1 9   ? -1.512  4.165   3.324   1.00 25.25  ? 102 ALA A N   1 
ATOM   43   C CA  . ALA A 1 9   ? -1.188  3.315   4.440   1.00 24.05  ? 102 ALA A CA  1 
ATOM   44   C C   . ALA A 1 9   ? -0.919  1.894   4.016   1.00 23.83  ? 102 ALA A C   1 
ATOM   45   O O   . ALA A 1 9   ? -1.455  1.401   3.008   1.00 21.74  ? 102 ALA A O   1 
ATOM   46   C CB  . ALA A 1 9   ? -2.294  3.309   5.475   1.00 27.64  ? 102 ALA A CB  1 
ATOM   47   N N   . ILE A 1 10  ? -0.051  1.289   4.819   1.00 21.77  ? 103 ILE A N   1 
ATOM   48   C CA  . ILE A 1 10  ? 0.253   -0.131  4.853   1.00 20.72  ? 103 ILE A CA  1 
ATOM   49   C C   . ILE A 1 10  ? -0.375  -0.596  6.118   1.00 20.36  ? 103 ILE A C   1 
ATOM   50   O O   . ILE A 1 10  ? 0.129   -0.301  7.265   1.00 23.44  ? 103 ILE A O   1 
ATOM   51   C CB  . ILE A 1 10  ? 1.757   -0.401  4.933   1.00 21.17  ? 103 ILE A CB  1 
ATOM   52   C CG1 . ILE A 1 10  ? 2.444   0.075   3.687   1.00 23.76  ? 103 ILE A CG1 1 
ATOM   53   C CG2 . ILE A 1 10  ? 1.975   -1.890  5.159   1.00 23.92  ? 103 ILE A CG2 1 
ATOM   54   C CD1 . ILE A 1 10  ? 3.999   0.061   3.728   1.00 27.47  ? 103 ILE A CD1 1 
ATOM   55   N N   . ILE A 1 11  ? -1.507  -1.247  5.960   1.00 21.83  ? 104 ILE A N   1 
ATOM   56   C CA  . ILE A 1 11  ? -2.281  -1.782  7.046   1.00 21.81  ? 104 ILE A CA  1 
ATOM   57   C C   . ILE A 1 11  ? -1.920  -3.251  7.224   1.00 21.72  ? 104 ILE A C   1 
ATOM   58   O O   . ILE A 1 11  ? -1.997  -3.997  6.263   1.00 23.77  ? 104 ILE A O   1 
ATOM   59   C CB  . ILE A 1 11  ? -3.772  -1.650  6.745   1.00 24.05  ? 104 ILE A CB  1 
ATOM   60   C CG1 . ILE A 1 11  ? -4.145  -0.189  6.727   1.00 25.82  ? 104 ILE A CG1 1 
ATOM   61   C CG2 . ILE A 1 11  ? -4.650  -2.351  7.779   1.00 25.99  ? 104 ILE A CG2 1 
ATOM   62   C CD1 . ILE A 1 11  ? -5.489  0.117   6.065   1.00 27.23  ? 104 ILE A CD1 1 
ATOM   63   N N   . LEU A 1 12  ? -1.560  -3.645  8.456   1.00 20.79  ? 105 LEU A N   1 
ATOM   64   C CA  . LEU A 1 12  ? -1.275  -5.007  8.826   1.00 22.49  ? 105 LEU A CA  1 
ATOM   65   C C   . LEU A 1 12  ? -2.279  -5.487  9.840   1.00 25.25  ? 105 LEU A C   1 
ATOM   66   O O   . LEU A 1 12  ? -2.891  -4.703  10.645  1.00 23.96  ? 105 LEU A O   1 
ATOM   67   C CB  . LEU A 1 12  ? 0.108   -5.102  9.436   1.00 23.14  ? 105 LEU A CB  1 
ATOM   68   C CG  . LEU A 1 12  ? 1.206   -4.662  8.488   1.00 26.88  ? 105 LEU A CG  1 
ATOM   69   C CD1 . LEU A 1 12  ? 1.677   -3.260  8.805   1.00 32.65  ? 105 LEU A CD1 1 
ATOM   70   C CD2 . LEU A 1 12  ? 2.359   -5.601  8.486   1.00 33.49  ? 105 LEU A CD2 1 
ATOM   71   N N   . ASP A 1 13  ? -2.419  -6.812  9.858   1.00 25.97  ? 106 ASP A N   1 
ATOM   72   C CA  . ASP A 1 13  ? -3.280  -7.446  10.800  1.00 28.13  ? 106 ASP A CA  1 
ATOM   73   C C   . ASP A 1 13  ? -2.568  -7.612  12.138  1.00 27.63  ? 106 ASP A C   1 
ATOM   74   O O   . ASP A 1 13  ? -1.473  -7.079  12.376  1.00 26.32  ? 106 ASP A O   1 
ATOM   75   C CB  . ASP A 1 13  ? -3.829  -8.761  10.200  1.00 30.47  ? 106 ASP A CB  1 
ATOM   76   C CG  . ASP A 1 13  ? -2.770  -9.835  10.030  1.00 33.41  ? 106 ASP A CG  1 
ATOM   77   O OD1 . ASP A 1 13  ? -1.528  -9.586  10.018  1.00 30.36  ? 106 ASP A OD1 1 
ATOM   78   O OD2 . ASP A 1 13  ? -3.233  -10.932 9.831   1.00 39.34  ? 106 ASP A OD2 1 
ATOM   79   N N   . GLU A 1 14  ? -3.201  -8.364  12.997  1.00 27.25  ? 107 GLU A N   1 
ATOM   80   C CA  . GLU A 1 14  ? -2.748  -8.522  14.357  1.00 33.85  ? 107 GLU A CA  1 
ATOM   81   C C   . GLU A 1 14  ? -1.555  -9.429  14.456  1.00 34.97  ? 107 GLU A C   1 
ATOM   82   O O   . GLU A 1 14  ? -0.774  -9.249  15.368  1.00 34.06  ? 107 GLU A O   1 
ATOM   83   C CB  . GLU A 1 14  ? -3.874  -8.999  15.310  1.00 39.75  ? 107 GLU A CB  1 
ATOM   84   C CG  . GLU A 1 14  ? -4.607  -10.248 14.895  1.00 47.88  ? 107 GLU A CG  1 
ATOM   85   C CD  . GLU A 1 14  ? -5.939  -9.940  14.224  1.00 56.91  ? 107 GLU A CD  1 
ATOM   86   O OE1 . GLU A 1 14  ? -6.003  -9.910  12.975  1.00 50.19  ? 107 GLU A OE1 1 
ATOM   87   O OE2 . GLU A 1 14  ? -6.928  -9.698  14.960  1.00 75.54  ? 107 GLU A OE2 1 
ATOM   88   N N   . THR A 1 15  ? -1.370  -10.346 13.487  1.00 31.83  ? 108 THR A N   1 
ATOM   89   C CA  . THR A 1 15  ? -0.247  -11.252 13.488  1.00 29.87  ? 108 THR A CA  1 
ATOM   90   C C   . THR A 1 15  ? 0.973   -10.628 12.871  1.00 30.95  ? 108 THR A C   1 
ATOM   91   O O   . THR A 1 15  ? 2.083   -11.152 13.015  1.00 31.72  ? 108 THR A O   1 
ATOM   92   C CB  . THR A 1 15  ? -0.511  -12.524 12.643  1.00 37.77  ? 108 THR A CB  1 
ATOM   93   O OG1 . THR A 1 15  ? -0.551  -12.181 11.258  1.00 39.94  ? 108 THR A OG1 1 
ATOM   94   C CG2 . THR A 1 15  ? -1.808  -13.168 13.020  1.00 39.26  ? 108 THR A CG2 1 
ATOM   95   N N   . LEU A 1 16  ? 0.775   -9.533  12.145  1.00 27.39  ? 109 LEU A N   1 
ATOM   96   C CA  . LEU A 1 16  ? 1.845   -8.920  11.355  1.00 28.43  ? 109 LEU A CA  1 
ATOM   97   C C   . LEU A 1 16  ? 2.287   -9.710  10.087  1.00 29.53  ? 109 LEU A C   1 
ATOM   98   O O   . LEU A 1 16  ? 3.297   -9.347  9.461   1.00 31.59  ? 109 LEU A O   1 
ATOM   99   C CB  . LEU A 1 16  ? 3.080   -8.514  12.192  1.00 30.66  ? 109 LEU A CB  1 
ATOM   100  C CG  . LEU A 1 16  ? 2.852   -7.737  13.477  1.00 30.44  ? 109 LEU A CG  1 
ATOM   101  C CD1 . LEU A 1 16  ? 4.139   -7.605  14.271  1.00 34.37  ? 109 LEU A CD1 1 
ATOM   102  C CD2 . LEU A 1 16  ? 2.262   -6.387  13.084  1.00 34.59  ? 109 LEU A CD2 1 
ATOM   103  N N   A GLU A 1 17  ? 1.509   -10.739 9.741   0.25 30.24  ? 110 GLU A N   1 
ATOM   104  N N   B GLU A 1 17  ? 1.539   -10.724 9.689   0.25 31.01  ? 110 GLU A N   1 
ATOM   105  C CA  A GLU A 1 17  ? 1.742   -11.608 8.589   0.25 33.50  ? 110 GLU A CA  1 
ATOM   106  C CA  B GLU A 1 17  ? 1.912   -11.527 8.532   0.25 34.75  ? 110 GLU A CA  1 
ATOM   107  C C   A GLU A 1 17  ? 1.210   -10.988 7.296   0.25 31.82  ? 110 GLU A C   1 
ATOM   108  C C   B GLU A 1 17  ? 1.065   -11.201 7.276   0.25 32.44  ? 110 GLU A C   1 
ATOM   109  O O   A GLU A 1 17  ? 1.845   -11.108 6.246   0.25 31.24  ? 110 GLU A O   1 
ATOM   110  O O   B GLU A 1 17  ? 1.326   -11.764 6.212   0.25 30.30  ? 110 GLU A O   1 
ATOM   111  C CB  A GLU A 1 17  ? 0.998   -12.953 8.753   0.25 33.50  ? 110 GLU A CB  1 
ATOM   112  C CB  B GLU A 1 17  ? 1.814   -13.013 8.906   0.25 37.34  ? 110 GLU A CB  1 
ATOM   113  C CG  A GLU A 1 17  ? 1.553   -13.910 9.791   0.25 36.71  ? 110 GLU A CG  1 
ATOM   114  C CG  B GLU A 1 17  ? 2.522   -13.339 10.216  0.25 40.70  ? 110 GLU A CG  1 
ATOM   115  C CD  A GLU A 1 17  ? 0.634   -15.103 10.035  0.25 37.41  ? 110 GLU A CD  1 
ATOM   116  C CD  B GLU A 1 17  ? 3.919   -13.884 10.040  0.25 43.29  ? 110 GLU A CD  1 
ATOM   117  O OE1 A GLU A 1 17  ? -0.488  -14.921 10.553  0.25 36.40  ? 110 GLU A OE1 1 
ATOM   118  O OE1 B GLU A 1 17  ? 4.071   -14.943 9.409   0.25 49.05  ? 110 GLU A OE1 1 
ATOM   119  O OE2 A GLU A 1 17  ? 1.049   -16.230 9.712   0.25 36.61  ? 110 GLU A OE2 1 
ATOM   120  O OE2 B GLU A 1 17  ? 4.871   -13.274 10.560  0.25 49.51  ? 110 GLU A OE2 1 
ATOM   121  N N   . ASN A 1 18  ? 0.049   -10.334 7.403   1.00 30.79  ? 111 ASN A N   1 
ATOM   122  C CA  . ASN A 1 18  ? -0.770  -9.910  6.271   1.00 29.06  ? 111 ASN A CA  1 
ATOM   123  C C   . ASN A 1 18  ? -0.875  -8.392  6.127   1.00 30.54  ? 111 ASN A C   1 
ATOM   124  O O   . ASN A 1 18  ? -0.953  -7.659  7.118   1.00 27.43  ? 111 ASN A O   1 
ATOM   125  C CB  . ASN A 1 18  ? -2.164  -10.513 6.402   1.00 29.94  ? 111 ASN A CB  1 
ATOM   126  C CG  . ASN A 1 18  ? -2.113  -12.040 6.516   1.00 38.42  ? 111 ASN A CG  1 
ATOM   127  O OD1 . ASN A 1 18  ? -1.728  -12.727 5.565   1.00 37.68  ? 111 ASN A OD1 1 
ATOM   128  N ND2 . ASN A 1 18  ? -2.460  -12.562 7.667   1.00 35.74  ? 111 ASN A ND2 1 
ATOM   129  N N   . VAL A 1 19  ? -0.937  -7.941  4.871   1.00 28.03  ? 112 VAL A N   1 
ATOM   130  C CA  . VAL A 1 19  ? -1.121  -6.539  4.563   1.00 24.31  ? 112 VAL A CA  1 
ATOM   131  C C   . VAL A 1 19  ? -2.361  -6.377  3.722   1.00 23.71  ? 112 VAL A C   1 
ATOM   132  O O   . VAL A 1 19  ? -2.731  -7.293  2.949   1.00 24.58  ? 112 VAL A O   1 
ATOM   133  C CB  . VAL A 1 19  ? 0.058   -5.964  3.788   1.00 24.37  ? 112 VAL A CB  1 
ATOM   134  C CG1 . VAL A 1 19  ? 1.286   -5.882  4.662   1.00 28.29  ? 112 VAL A CG1 1 
ATOM   135  C CG2 . VAL A 1 19  ? 0.363   -6.823  2.538   1.00 24.44  ? 112 VAL A CG2 1 
ATOM   136  N N   . LEU A 1 20  ? -2.949  -5.204  3.787   1.00 20.11  ? 113 LEU A N   1 
ATOM   137  C CA  . LEU A 1 20  ? -4.191  -4.930  3.051   1.00 23.07  ? 113 LEU A CA  1 
ATOM   138  C C   . LEU A 1 20  ? -3.898  -4.249  1.721   1.00 24.59  ? 113 LEU A C   1 
ATOM   139  O O   . LEU A 1 20  ? -3.288  -3.245  1.688   1.00 23.89  ? 113 LEU A O   1 
ATOM   140  C CB  . LEU A 1 20  ? -5.167  -4.083  3.889   1.00 24.99  ? 113 LEU A CB  1 
ATOM   141  C CG  . LEU A 1 20  ? -6.612  -4.037  3.353   1.00 26.03  ? 113 LEU A CG  1 
ATOM   142  C CD1 . LEU A 1 20  ? -7.321  -5.358  3.659   1.00 25.77  ? 113 LEU A CD1 1 
ATOM   143  C CD2 . LEU A 1 20  ? -7.348  -2.838  3.910   1.00 28.55  ? 113 LEU A CD2 1 
ATOM   144  N N   . LEU A 1 21  ? -4.311  -4.874  0.597   1.00 25.28  ? 114 LEU A N   1 
ATOM   145  C CA  . LEU A 1 21  ? -4.080  -4.276  -0.688  1.00 25.01  ? 114 LEU A CA  1 
ATOM   146  C C   . LEU A 1 21  ? -5.411  -4.030  -1.328  1.00 23.18  ? 114 LEU A C   1 
ATOM   147  O O   . LEU A 1 21  ? -6.413  -4.666  -0.989  1.00 23.87  ? 114 LEU A O   1 
ATOM   148  C CB  . LEU A 1 21  ? -3.210  -5.152  -1.606  1.00 24.67  ? 114 LEU A CB  1 
ATOM   149  C CG  . LEU A 1 21  ? -1.824  -5.548  -1.134  1.00 24.03  ? 114 LEU A CG  1 
ATOM   150  C CD1 . LEU A 1 21  ? -1.065  -6.310  -2.198  1.00 27.00  ? 114 LEU A CD1 1 
ATOM   151  C CD2 . LEU A 1 21  ? -1.011  -4.335  -0.722  1.00 25.21  ? 114 LEU A CD2 1 
ATOM   152  N N   . VAL A 1 22  ? -5.424  -3.073  -2.231  1.00 20.07  ? 115 VAL A N   1 
ATOM   153  C CA  . VAL A 1 22  ? -6.608  -2.764  -2.993  1.00 22.82  ? 115 VAL A CA  1 
ATOM   154  C C   . VAL A 1 22  ? -6.288  -2.864  -4.488  1.00 25.60  ? 115 VAL A C   1 
ATOM   155  O O   . VAL A 1 22  ? -5.137  -2.667  -4.929  1.00 22.69  ? 115 VAL A O   1 
ATOM   156  C CB  . VAL A 1 22  ? -7.209  -1.394  -2.712  1.00 25.03  ? 115 VAL A CB  1 
ATOM   157  C CG1 . VAL A 1 22  ? -7.566  -1.262  -1.245  1.00 27.22  ? 115 VAL A CG1 1 
ATOM   158  C CG2 . VAL A 1 22  ? -6.268  -0.291  -3.149  1.00 26.89  ? 115 VAL A CG2 1 
ATOM   159  N N   . GLN A 1 23  ? -7.337  -3.173  -5.250  1.00 24.39  ? 116 GLN A N   1 
ATOM   160  C CA  . GLN A 1 23  ? -7.226  -3.398  -6.690  1.00 25.33  ? 116 GLN A CA  1 
ATOM   161  C C   . GLN A 1 23  ? -8.123  -2.402  -7.371  1.00 25.42  ? 116 GLN A C   1 
ATOM   162  O O   . GLN A 1 23  ? -9.311  -2.294  -7.034  1.00 24.85  ? 116 GLN A O   1 
ATOM   163  C CB  . GLN A 1 23  ? -7.657  -4.831  -6.996  1.00 23.28  ? 116 GLN A CB  1 
ATOM   164  C CG  . GLN A 1 23  ? -7.523  -5.219  -8.463  1.00 24.69  ? 116 GLN A CG  1 
ATOM   165  C CD  . GLN A 1 23  ? -8.115  -6.591  -8.744  1.00 27.06  ? 116 GLN A CD  1 
ATOM   166  O OE1 . GLN A 1 23  ? -9.110  -6.990  -8.143  1.00 32.37  ? 116 GLN A OE1 1 
ATOM   167  N NE2 . GLN A 1 23  ? -7.483  -7.317  -9.601  1.00 26.43  ? 116 GLN A NE2 1 
ATOM   168  N N   . GLY A 1 24  ? -7.576  -1.617  -8.270  1.00 27.04  ? 117 GLY A N   1 
ATOM   169  C CA  . GLY A 1 24  ? -8.392  -0.630  -8.995  1.00 30.05  ? 117 GLY A CA  1 
ATOM   170  C C   . GLY A 1 24  ? -8.808  -1.171  -10.363 1.00 29.36  ? 117 GLY A C   1 
ATOM   171  O O   . GLY A 1 24  ? -8.888  -2.358  -10.574 1.00 28.24  ? 117 GLY A O   1 
ATOM   172  N N   . TYR A 1 25  ? -8.972  -0.256  -11.288 1.00 32.22  ? 118 TYR A N   1 
ATOM   173  C CA  . TYR A 1 25  ? -9.400  -0.527  -12.644 1.00 33.07  ? 118 TYR A CA  1 
ATOM   174  C C   . TYR A 1 25  ? -8.461  0.137   -13.634 1.00 36.58  ? 118 TYR A C   1 
ATOM   175  O O   . TYR A 1 25  ? -7.770  1.128   -13.311 1.00 34.86  ? 118 TYR A O   1 
ATOM   176  C CB  . TYR A 1 25  ? -10.755 0.100   -12.848 1.00 32.27  ? 118 TYR A CB  1 
ATOM   177  C CG  . TYR A 1 25  ? -11.884 -0.563  -12.090 1.00 29.86  ? 118 TYR A CG  1 
ATOM   178  C CD1 . TYR A 1 25  ? -12.267 -1.861  -12.380 1.00 30.72  ? 118 TYR A CD1 1 
ATOM   179  C CD2 . TYR A 1 25  ? -12.500 0.067   -11.047 1.00 28.75  ? 118 TYR A CD2 1 
ATOM   180  C CE1 . TYR A 1 25  ? -13.298 -2.477  -11.686 1.00 29.12  ? 118 TYR A CE1 1 
ATOM   181  C CE2 . TYR A 1 25  ? -13.483 -0.567  -10.322 1.00 30.64  ? 118 TYR A CE2 1 
ATOM   182  C CZ  . TYR A 1 25  ? -13.890 -1.817  -10.676 1.00 30.78  ? 118 TYR A CZ  1 
ATOM   183  O OH  . TYR A 1 25  ? -14.850 -2.448  -10.025 1.00 33.47  ? 118 TYR A OH  1 
ATOM   184  N N   . LEU A 1 26  ? -8.449  -0.412  -14.843 1.00 40.49  ? 119 LEU A N   1 
ATOM   185  C CA  . LEU A 1 26  ? -7.845  0.247   -16.006 1.00 42.65  ? 119 LEU A CA  1 
ATOM   186  C C   . LEU A 1 26  ? -6.365  0.435   -15.790 1.00 43.01  ? 119 LEU A C   1 
ATOM   187  O O   . LEU A 1 26  ? -5.655  -0.551  -15.702 1.00 44.27  ? 119 LEU A O   1 
ATOM   188  C CB  . LEU A 1 26  ? -8.573  1.554   -16.362 1.00 43.76  ? 119 LEU A CB  1 
ATOM   189  C CG  . LEU A 1 26  ? -10.056 1.384   -16.741 1.00 47.97  ? 119 LEU A CG  1 
ATOM   190  C CD1 . LEU A 1 26  ? -10.712 2.752   -16.860 1.00 47.83  ? 119 LEU A CD1 1 
ATOM   191  C CD2 . LEU A 1 26  ? -10.202 0.521   -18.006 1.00 52.25  ? 119 LEU A CD2 1 
ATOM   192  N N   . ALA A 1 27  ? -5.879  1.659   -15.704 1.00 45.82  ? 120 ALA A N   1 
ATOM   193  C CA  . ALA A 1 27  ? -4.443  1.862   -15.506 1.00 50.02  ? 120 ALA A CA  1 
ATOM   194  C C   . ALA A 1 27  ? -4.027  1.385   -14.097 1.00 52.74  ? 120 ALA A C   1 
ATOM   195  O O   . ALA A 1 27  ? -2.926  0.891   -13.919 1.00 52.99  ? 120 ALA A O   1 
ATOM   196  C CB  . ALA A 1 27  ? -4.082  3.331   -15.706 1.00 49.21  ? 120 ALA A CB  1 
ATOM   197  N N   . LYS A 1 28  ? -4.936  1.505   -13.123 1.00 49.04  ? 121 LYS A N   1 
ATOM   198  C CA  . LYS A 1 28  ? -4.710  1.050   -11.763 1.00 43.97  ? 121 LYS A CA  1 
ATOM   199  C C   . LYS A 1 28  ? -5.317  -0.334  -11.482 1.00 39.69  ? 121 LYS A C   1 
ATOM   200  O O   . LYS A 1 28  ? -5.833  -0.621  -10.397 1.00 41.49  ? 121 LYS A O   1 
ATOM   201  C CB  . LYS A 1 28  ? -5.275  2.075   -10.802 1.00 49.45  ? 121 LYS A CB  1 
ATOM   202  C CG  . LYS A 1 28  ? -4.617  3.426   -10.845 1.00 54.36  ? 121 LYS A CG  1 
ATOM   203  C CD  . LYS A 1 28  ? -5.225  4.303   -9.755  1.00 61.97  ? 121 LYS A CD  1 
ATOM   204  C CE  . LYS A 1 28  ? -4.289  5.425   -9.373  1.00 73.81  ? 121 LYS A CE  1 
ATOM   205  N NZ  . LYS A 1 28  ? -5.009  6.474   -8.620  1.00 75.45  ? 121 LYS A NZ  1 
ATOM   206  N N   . SER A 1 29  ? -5.170  -1.202  -12.458 1.00 35.55  ? 122 SER A N   1 
ATOM   207  C CA  . SER A 1 29  ? -5.749  -2.516  -12.506 1.00 42.39  ? 122 SER A CA  1 
ATOM   208  C C   . SER A 1 29  ? -5.164  -3.617  -11.606 1.00 41.87  ? 122 SER A C   1 
ATOM   209  O O   . SER A 1 29  ? -5.806  -4.668  -11.381 1.00 47.01  ? 122 SER A O   1 
ATOM   210  C CB  . SER A 1 29  ? -5.615  -3.048  -13.942 1.00 39.84  ? 122 SER A CB  1 
ATOM   211  O OG  . SER A 1 29  ? -6.402  -4.198  -13.968 1.00 54.18  ? 122 SER A OG  1 
ATOM   212  N N   . GLY A 1 30  ? -3.972  -3.389  -11.093 1.00 37.00  ? 123 GLY A N   1 
ATOM   213  C CA  . GLY A 1 30  ? -3.323  -4.389  -10.269 1.00 35.30  ? 123 GLY A CA  1 
ATOM   214  C C   . GLY A 1 30  ? -3.583  -4.058  -8.810  1.00 34.31  ? 123 GLY A C   1 
ATOM   215  O O   . GLY A 1 30  ? -4.439  -3.210  -8.448  1.00 31.66  ? 123 GLY A O   1 
ATOM   216  N N   . TRP A 1 31  ? -2.810  -4.721  -7.972  1.00 31.30  ? 124 TRP A N   1 
ATOM   217  C CA  . TRP A 1 31  ? -2.952  -4.583  -6.558  1.00 27.45  ? 124 TRP A CA  1 
ATOM   218  C C   . TRP A 1 31  ? -1.909  -3.625  -6.057  1.00 25.65  ? 124 TRP A C   1 
ATOM   219  O O   . TRP A 1 31  ? -0.752  -3.756  -6.445  1.00 29.58  ? 124 TRP A O   1 
ATOM   220  C CB  . TRP A 1 31  ? -2.720  -5.917  -5.884  1.00 25.26  ? 124 TRP A CB  1 
ATOM   221  C CG  . TRP A 1 31  ? -3.826  -6.882  -6.108  1.00 24.72  ? 124 TRP A CG  1 
ATOM   222  C CD1 . TRP A 1 31  ? -3.905  -7.791  -7.092  1.00 27.14  ? 124 TRP A CD1 1 
ATOM   223  C CD2 . TRP A 1 31  ? -5.079  -6.964  -5.388  1.00 26.70  ? 124 TRP A CD2 1 
ATOM   224  N NE1 . TRP A 1 31  ? -5.095  -8.457  -7.013  1.00 28.38  ? 124 TRP A NE1 1 
ATOM   225  C CE2 . TRP A 1 31  ? -5.823  -7.987  -5.968  1.00 25.99  ? 124 TRP A CE2 1 
ATOM   226  C CE3 . TRP A 1 31  ? -5.611  -6.302  -4.284  1.00 23.24  ? 124 TRP A CE3 1 
ATOM   227  C CZ2 . TRP A 1 31  ? -7.080  -8.373  -5.486  1.00 28.09  ? 124 TRP A CZ2 1 
ATOM   228  C CZ3 . TRP A 1 31  ? -6.851  -6.658  -3.828  1.00 24.39  ? 124 TRP A CZ3 1 
ATOM   229  C CH2 . TRP A 1 31  ? -7.581  -7.678  -4.435  1.00 27.04  ? 124 TRP A CH2 1 
ATOM   230  N N   . GLY A 1 32  ? -2.293  -2.780  -5.097  1.00 24.64  ? 125 GLY A N   1 
ATOM   231  C CA  . GLY A 1 32  ? -1.378  -1.858  -4.437  1.00 24.31  ? 125 GLY A CA  1 
ATOM   232  C C   . GLY A 1 32  ? -1.938  -1.397  -3.099  1.00 24.61  ? 125 GLY A C   1 
ATOM   233  O O   . GLY A 1 32  ? -3.037  -1.787  -2.717  1.00 22.87  ? 125 GLY A O   1 
ATOM   234  N N   . PHE A 1 33  ? -1.114  -0.665  -2.344  1.00 22.27  ? 126 PHE A N   1 
ATOM   235  C CA  . PHE A 1 33  ? -1.498  -0.062  -1.095  1.00 23.91  ? 126 PHE A CA  1 
ATOM   236  C C   . PHE A 1 33  ? -2.427  1.109   -1.413  1.00 24.08  ? 126 PHE A C   1 
ATOM   237  O O   . PHE A 1 33  ? -2.252  1.779   -2.408  1.00 23.33  ? 126 PHE A O   1 
ATOM   238  C CB  . PHE A 1 33  ? -0.278  0.404   -0.325  1.00 21.82  ? 126 PHE A CB  1 
ATOM   239  C CG  . PHE A 1 33  ? 0.571   -0.720  0.106   1.00 21.37  ? 126 PHE A CG  1 
ATOM   240  C CD1 . PHE A 1 33  ? 0.164   -1.561  1.105   1.00 24.22  ? 126 PHE A CD1 1 
ATOM   241  C CD2 . PHE A 1 33  ? 1.733   -0.996  -0.538  1.00 22.80  ? 126 PHE A CD2 1 
ATOM   242  C CE1 . PHE A 1 33  ? 0.942   -2.601  1.511   1.00 26.11  ? 126 PHE A CE1 1 
ATOM   243  C CE2 . PHE A 1 33  ? 2.481   -2.084  -0.235  1.00 23.46  ? 126 PHE A CE2 1 
ATOM   244  C CZ  . PHE A 1 33  ? 2.123   -2.883  0.833   1.00 26.19  ? 126 PHE A CZ  1 
ATOM   245  N N   . PRO A 1 34  ? -3.451  1.295   -0.587  1.00 23.25  ? 127 PRO A N   1 
ATOM   246  C CA  . PRO A 1 34  ? -4.337  2.404   -0.706  1.00 25.64  ? 127 PRO A CA  1 
ATOM   247  C C   . PRO A 1 34  ? -3.584  3.722   -0.472  1.00 25.63  ? 127 PRO A C   1 
ATOM   248  O O   . PRO A 1 34  ? -2.829  3.857   0.476   1.00 27.32  ? 127 PRO A O   1 
ATOM   249  C CB  . PRO A 1 34  ? -5.403  2.129   0.328   1.00 22.58  ? 127 PRO A CB  1 
ATOM   250  C CG  . PRO A 1 34  ? -4.774  1.254   1.325   1.00 26.53  ? 127 PRO A CG  1 
ATOM   251  C CD  . PRO A 1 34  ? -3.672  0.520   0.640   1.00 24.69  ? 127 PRO A CD  1 
ATOM   252  N N   . LYS A 1 35  ? -3.700  4.619   -1.441  1.00 26.52  ? 128 LYS A N   1 
ATOM   253  C CA  . LYS A 1 35  ? -2.993  5.897   -1.413  1.00 28.53  ? 128 LYS A CA  1 
ATOM   254  C C   . LYS A 1 35  ? -3.551  6.812   -2.495  1.00 31.42  ? 128 LYS A C   1 
ATOM   255  O O   . LYS A 1 35  ? -4.221  6.367   -3.394  1.00 30.54  ? 128 LYS A O   1 
ATOM   256  C CB  . LYS A 1 35  ? -1.492  5.700   -1.658  1.00 30.74  ? 128 LYS A CB  1 
ATOM   257  C CG  . LYS A 1 35  ? -1.137  5.230   -3.057  1.00 29.57  ? 128 LYS A CG  1 
ATOM   258  C CD  . LYS A 1 35  ? 0.352   5.196   -3.247  1.00 37.43  ? 128 LYS A CD  1 
ATOM   259  C CE  . LYS A 1 35  ? 0.701   4.774   -4.678  1.00 39.35  ? 128 LYS A CE  1 
ATOM   260  N NZ  . LYS A 1 35  ? 0.723   5.998   -5.525  1.00 46.67  ? 128 LYS A NZ  1 
ATOM   261  N N   . GLY A 1 36  ? -3.199  8.079   -2.437  1.00 33.49  ? 129 GLY A N   1 
ATOM   262  C CA  . GLY A 1 36  ? -3.632  8.985   -3.479  1.00 31.82  ? 129 GLY A CA  1 
ATOM   263  C C   . GLY A 1 36  ? -2.988  10.365  -3.305  1.00 33.73  ? 129 GLY A C   1 
ATOM   264  O O   . GLY A 1 36  ? -2.279  10.641  -2.326  1.00 31.51  ? 129 GLY A O   1 
ATOM   265  N N   . LYS A 1 37  ? -3.292  11.239  -4.255  1.00 38.24  ? 130 LYS A N   1 
ATOM   266  C CA  . LYS A 1 37  ? -2.630  12.533  -4.415  1.00 39.49  ? 130 LYS A CA  1 
ATOM   267  C C   . LYS A 1 37  ? -3.036  13.515  -3.318  1.00 34.20  ? 130 LYS A C   1 
ATOM   268  O O   . LYS A 1 37  ? -4.191  13.581  -2.944  1.00 37.55  ? 130 LYS A O   1 
ATOM   269  C CB  . LYS A 1 37  ? -2.926  13.067  -5.822  1.00 46.67  ? 130 LYS A CB  1 
ATOM   270  C CG  . LYS A 1 37  ? -2.040  12.446  -6.923  1.00 51.14  ? 130 LYS A CG  1 
ATOM   271  C CD  . LYS A 1 37  ? -2.049  13.257  -8.218  1.00 54.18  ? 130 LYS A CD  1 
ATOM   272  N N   . VAL A 1 38  ? -2.057  14.187  -2.743  1.00 36.54  ? 131 VAL A N   1 
ATOM   273  C CA  . VAL A 1 38  ? -2.307  15.227  -1.742  1.00 43.21  ? 131 VAL A CA  1 
ATOM   274  C C   . VAL A 1 38  ? -3.093  16.423  -2.367  1.00 43.86  ? 131 VAL A C   1 
ATOM   275  O O   . VAL A 1 38  ? -2.748  16.850  -3.468  1.00 43.55  ? 131 VAL A O   1 
ATOM   276  C CB  . VAL A 1 38  ? -0.981  15.687  -1.086  1.00 45.26  ? 131 VAL A CB  1 
ATOM   277  C CG1 . VAL A 1 38  ? -0.068  16.459  -2.060  1.00 45.67  ? 131 VAL A CG1 1 
ATOM   278  C CG2 . VAL A 1 38  ? -1.253  16.512  0.165   1.00 44.25  ? 131 VAL A CG2 1 
ATOM   279  N N   . ASN A 1 39  ? -4.146  16.902  -1.687  1.00 46.32  ? 132 ASN A N   1 
ATOM   280  C CA  . ASN A 1 39  ? -4.855  18.184  -2.061  1.00 49.64  ? 132 ASN A CA  1 
ATOM   281  C C   . ASN A 1 39  ? -4.052  19.412  -1.586  1.00 52.17  ? 132 ASN A C   1 
ATOM   282  O O   . ASN A 1 39  ? -3.302  19.303  -0.617  1.00 54.13  ? 132 ASN A O   1 
ATOM   283  C CB  . ASN A 1 39  ? -6.250  18.252  -1.433  1.00 47.72  ? 132 ASN A CB  1 
ATOM   284  C CG  . ASN A 1 39  ? -7.192  17.216  -1.982  1.00 44.38  ? 132 ASN A CG  1 
ATOM   285  O OD1 . ASN A 1 39  ? -7.101  16.827  -3.122  1.00 54.51  ? 132 ASN A OD1 1 
ATOM   286  N ND2 . ASN A 1 39  ? -8.138  16.813  -1.186  1.00 43.97  ? 132 ASN A ND2 1 
ATOM   287  N N   . LYS A 1 40  ? -4.202  20.568  -2.259  1.00 58.17  ? 133 LYS A N   1 
ATOM   288  C CA  . LYS A 1 40  ? -3.473  21.817  -1.882  1.00 61.52  ? 133 LYS A CA  1 
ATOM   289  C C   . LYS A 1 40  ? -3.732  22.215  -0.422  1.00 54.23  ? 133 LYS A C   1 
ATOM   290  O O   . LYS A 1 40  ? -4.867  22.175  0.031   1.00 56.22  ? 133 LYS A O   1 
ATOM   291  C CB  . LYS A 1 40  ? -3.847  22.994  -2.814  1.00 70.08  ? 133 LYS A CB  1 
ATOM   292  N N   . GLU A 1 41  ? -2.671  22.548  0.312   1.00 58.32  ? 134 GLU A N   1 
ATOM   293  C CA  . GLU A 1 41  ? -2.756  22.886  1.756   1.00 67.10  ? 134 GLU A CA  1 
ATOM   294  C C   . GLU A 1 41  ? -3.082  21.693  2.729   1.00 69.84  ? 134 GLU A C   1 
ATOM   295  O O   . GLU A 1 41  ? -3.006  21.871  3.961   1.00 64.09  ? 134 GLU A O   1 
ATOM   296  C CB  . GLU A 1 41  ? -3.708  24.081  1.996   1.00 69.73  ? 134 GLU A CB  1 
ATOM   297  N N   . GLU A 1 42  ? -3.366  20.487  2.195   1.00 60.37  ? 135 GLU A N   1 
ATOM   298  C CA  . GLU A 1 42  ? -3.715  19.299  3.021   1.00 48.37  ? 135 GLU A CA  1 
ATOM   299  C C   . GLU A 1 42  ? -2.460  18.713  3.654   1.00 44.53  ? 135 GLU A C   1 
ATOM   300  O O   . GLU A 1 42  ? -1.435  18.600  2.984   1.00 43.56  ? 135 GLU A O   1 
ATOM   301  C CB  . GLU A 1 42  ? -4.406  18.249  2.159   1.00 46.83  ? 135 GLU A CB  1 
ATOM   302  C CG  . GLU A 1 42  ? -4.832  16.972  2.877   1.00 43.78  ? 135 GLU A CG  1 
ATOM   303  C CD  . GLU A 1 42  ? -5.524  16.005  1.958   1.00 42.08  ? 135 GLU A CD  1 
ATOM   304  O OE1 . GLU A 1 42  ? -5.055  15.845  0.801   1.00 42.86  ? 135 GLU A OE1 1 
ATOM   305  O OE2 . GLU A 1 42  ? -6.538  15.406  2.395   1.00 43.41  ? 135 GLU A OE2 1 
ATOM   306  N N   . ALA A 1 43  ? -2.529  18.379  4.951   1.00 43.17  ? 136 ALA A N   1 
ATOM   307  C CA  . ALA A 1 43  ? -1.383  17.792  5.649   1.00 45.10  ? 136 ALA A CA  1 
ATOM   308  C C   . ALA A 1 43  ? -1.207  16.292  5.226   1.00 41.82  ? 136 ALA A C   1 
ATOM   309  O O   . ALA A 1 43  ? -2.186  15.595  4.991   1.00 40.17  ? 136 ALA A O   1 
ATOM   310  C CB  . ALA A 1 43  ? -1.532  17.902  7.156   1.00 40.19  ? 136 ALA A CB  1 
ATOM   311  N N   . PRO A 1 44  ? 0.032   15.822  5.197   1.00 45.43  ? 137 PRO A N   1 
ATOM   312  C CA  . PRO A 1 44  ? 0.300   14.400  4.841   1.00 45.09  ? 137 PRO A CA  1 
ATOM   313  C C   . PRO A 1 44  ? -0.554  13.393  5.628   1.00 41.40  ? 137 PRO A C   1 
ATOM   314  O O   . PRO A 1 44  ? -1.205  12.576  5.002   1.00 38.87  ? 137 PRO A O   1 
ATOM   315  C CB  . PRO A 1 44  ? 1.811   14.243  5.120   1.00 48.31  ? 137 PRO A CB  1 
ATOM   316  C CG  . PRO A 1 44  ? 2.371   15.652  5.023   1.00 44.96  ? 137 PRO A CG  1 
ATOM   317  C CD  . PRO A 1 44  ? 1.268   16.517  5.626   1.00 47.01  ? 137 PRO A CD  1 
ATOM   318  N N   . HIS A 1 45  ? -0.646  13.509  6.956   1.00 38.76  ? 138 HIS A N   1 
ATOM   319  C CA  . HIS A 1 45  ? -1.499  12.587  7.741   1.00 37.43  ? 138 HIS A CA  1 
ATOM   320  C C   . HIS A 1 45  ? -2.973  12.642  7.379   1.00 34.10  ? 138 HIS A C   1 
ATOM   321  O O   . HIS A 1 45  ? -3.667  11.605  7.406   1.00 29.32  ? 138 HIS A O   1 
ATOM   322  C CB  . HIS A 1 45  ? -1.251  12.714  9.254   1.00 45.17  ? 138 HIS A CB  1 
ATOM   323  C CG  . HIS A 1 45  ? -1.907  13.890  9.903   1.00 56.56  ? 138 HIS A CG  1 
ATOM   324  N ND1 . HIS A 1 45  ? -1.262  15.105  10.072  1.00 63.25  ? 138 HIS A ND1 1 
ATOM   325  C CD2 . HIS A 1 45  ? -3.136  14.033  10.466  1.00 58.62  ? 138 HIS A CD2 1 
ATOM   326  C CE1 . HIS A 1 45  ? -2.067  15.941  10.713  1.00 56.89  ? 138 HIS A CE1 1 
ATOM   327  N NE2 . HIS A 1 45  ? -3.205  15.314  10.969  1.00 61.38  ? 138 HIS A NE2 1 
ATOM   328  N N   . ASP A 1 46  ? -3.475  13.829  6.987   1.00 32.69  ? 139 ASP A N   1 
ATOM   329  C CA  . ASP A 1 46  ? -4.865  13.926  6.601   1.00 33.56  ? 139 ASP A CA  1 
ATOM   330  C C   . ASP A 1 46  ? -5.105  13.347  5.209   1.00 29.64  ? 139 ASP A C   1 
ATOM   331  O O   . ASP A 1 46  ? -6.137  12.777  4.962   1.00 31.50  ? 139 ASP A O   1 
ATOM   332  C CB  . ASP A 1 46  ? -5.353  15.368  6.621   1.00 38.23  ? 139 ASP A CB  1 
ATOM   333  C CG  . ASP A 1 46  ? -5.521  15.912  8.052   1.00 41.67  ? 139 ASP A CG  1 
ATOM   334  O OD1 . ASP A 1 46  ? -6.119  15.239  8.899   1.00 43.66  ? 139 ASP A OD1 1 
ATOM   335  O OD2 . ASP A 1 46  ? -5.044  17.022  8.297   1.00 45.63  ? 139 ASP A OD2 1 
ATOM   336  N N   . CYS A 1 47  ? -4.182  13.548  4.279   1.00 31.05  ? 140 CYS A N   1 
ATOM   337  C CA  . CYS A 1 47  ? -4.323  12.954  2.959   1.00 29.70  ? 140 CYS A CA  1 
ATOM   338  C C   . CYS A 1 47  ? -4.337  11.389  3.100   1.00 28.43  ? 140 CYS A C   1 
ATOM   339  O O   . CYS A 1 47  ? -5.254  10.713  2.613   1.00 29.97  ? 140 CYS A O   1 
ATOM   340  C CB  . CYS A 1 47  ? -3.153  13.393  2.102   1.00 31.62  ? 140 CYS A CB  1 
ATOM   341  S SG  . CYS A 1 47  ? -3.146  12.611  0.491   1.00 34.62  ? 140 CYS A SG  1 
ATOM   342  N N   . ALA A 1 48  ? -3.395  10.854  3.873   1.00 29.97  ? 141 ALA A N   1 
ATOM   343  C CA  . ALA A 1 48  ? -3.341  9.398   4.055   1.00 28.17  ? 141 ALA A CA  1 
ATOM   344  C C   . ALA A 1 48  ? -4.678  8.848   4.553   1.00 26.97  ? 141 ALA A C   1 
ATOM   345  O O   . ALA A 1 48  ? -5.191  7.904   4.004   1.00 26.00  ? 141 ALA A O   1 
ATOM   346  C CB  . ALA A 1 48  ? -2.231  9.033   5.001   1.00 28.14  ? 141 ALA A CB  1 
ATOM   347  N N   . ALA A 1 49  ? -5.245  9.458   5.592   1.00 27.63  ? 142 ALA A N   1 
ATOM   348  C CA  . ALA A 1 49  ? -6.526  9.021   6.159   1.00 26.30  ? 142 ALA A CA  1 
ATOM   349  C C   . ALA A 1 49  ? -7.690  9.164   5.214   1.00 25.49  ? 142 ALA A C   1 
ATOM   350  O O   . ALA A 1 49  ? -8.521  8.253   5.133   1.00 25.28  ? 142 ALA A O   1 
ATOM   351  C CB  . ALA A 1 49  ? -6.832  9.750   7.457   1.00 29.03  ? 142 ALA A CB  1 
ATOM   352  N N   . ARG A 1 50  ? -7.715  10.260  4.467   1.00 25.46  ? 143 ARG A N   1 
ATOM   353  C CA  . ARG A 1 50  ? -8.748  10.504  3.485   1.00 27.64  ? 143 ARG A CA  1 
ATOM   354  C C   . ARG A 1 50  ? -8.658  9.483   2.366   1.00 28.44  ? 143 ARG A C   1 
ATOM   355  O O   . ARG A 1 50  ? -9.655  8.869   1.975   1.00 27.56  ? 143 ARG A O   1 
ATOM   356  C CB  . ARG A 1 50  ? -8.586  11.893  2.894   1.00 31.51  ? 143 ARG A CB  1 
ATOM   357  C CG  . ARG A 1 50  ? -9.638  12.242  1.825   1.00 34.46  ? 143 ARG A CG  1 
ATOM   358  C CD  . ARG A 1 50  ? -9.492  13.675  1.308   1.00 36.07  ? 143 ARG A CD  1 
ATOM   359  N NE  . ARG A 1 50  ? -8.136  13.971  0.792   1.00 36.78  ? 143 ARG A NE  1 
ATOM   360  C CZ  . ARG A 1 50  ? -7.663  13.599  -0.413  1.00 36.56  ? 143 ARG A CZ  1 
ATOM   361  N NH1 . ARG A 1 50  ? -8.409  12.915  -1.262  1.00 37.32  ? 143 ARG A NH1 1 
ATOM   362  N NH2 . ARG A 1 50  ? -6.436  13.941  -0.779  1.00 37.75  ? 143 ARG A NH2 1 
ATOM   363  N N   . GLU A 1 51  ? -7.456  9.282   1.822   1.00 29.89  ? 144 GLU A N   1 
ATOM   364  C CA  . GLU A 1 51  ? -7.377  8.343   0.680   1.00 28.29  ? 144 GLU A CA  1 
ATOM   365  C C   . GLU A 1 51  ? -7.688  6.951   1.150   1.00 26.17  ? 144 GLU A C   1 
ATOM   366  O O   . GLU A 1 51  ? -8.366  6.174   0.452   1.00 27.62  ? 144 GLU A O   1 
ATOM   367  C CB  . GLU A 1 51  ? -6.027  8.395   0.039   1.00 30.99  ? 144 GLU A CB  1 
ATOM   368  C CG  . GLU A 1 51  ? -5.775  9.704   -0.658  1.00 33.64  ? 144 GLU A CG  1 
ATOM   369  C CD  . GLU A 1 51  ? -6.464  9.841   -1.983  1.00 37.92  ? 144 GLU A CD  1 
ATOM   370  O OE1 . GLU A 1 51  ? -7.128  8.888   -2.407  1.00 41.01  ? 144 GLU A OE1 1 
ATOM   371  O OE2 . GLU A 1 51  ? -6.327  10.922  -2.620  1.00 44.08  ? 144 GLU A OE2 1 
ATOM   372  N N   . VAL A 1 52  ? -7.241  6.615   2.354   1.00 25.69  ? 145 VAL A N   1 
ATOM   373  C CA  . VAL A 1 52  ? -7.478  5.229   2.843   1.00 23.94  ? 145 VAL A CA  1 
ATOM   374  C C   . VAL A 1 52  ? -8.947  5.004   3.140   1.00 26.33  ? 145 VAL A C   1 
ATOM   375  O O   . VAL A 1 52  ? -9.492  3.876   2.894   1.00 28.06  ? 145 VAL A O   1 
ATOM   376  C CB  . VAL A 1 52  ? -6.538  4.873   3.993   1.00 25.03  ? 145 VAL A CB  1 
ATOM   377  C CG1 . VAL A 1 52  ? -6.928  3.544   4.617   1.00 27.98  ? 145 VAL A CG1 1 
ATOM   378  C CG2 . VAL A 1 52  ? -5.105  4.831   3.527   1.00 27.44  ? 145 VAL A CG2 1 
ATOM   379  N N   . PHE A 1 53  ? -9.577  6.022   3.730   1.00 28.07  ? 146 PHE A N   1 
ATOM   380  C CA  . PHE A 1 53  ? -10.993 5.941   3.970   1.00 28.49  ? 146 PHE A CA  1 
ATOM   381  C C   . PHE A 1 53  ? -11.812 5.832   2.656   1.00 27.45  ? 146 PHE A C   1 
ATOM   382  O O   . PHE A 1 53  ? -12.706 5.014   2.594   1.00 30.06  ? 146 PHE A O   1 
ATOM   383  C CB  . PHE A 1 53  ? -11.495 7.108   4.872   1.00 28.40  ? 146 PHE A CB  1 
ATOM   384  C CG  . PHE A 1 53  ? -12.917 6.918   5.312   1.00 31.46  ? 146 PHE A CG  1 
ATOM   385  C CD1 . PHE A 1 53  ? -13.208 6.105   6.378   1.00 34.28  ? 146 PHE A CD1 1 
ATOM   386  C CD2 . PHE A 1 53  ? -13.966 7.488   4.592   1.00 38.82  ? 146 PHE A CD2 1 
ATOM   387  C CE1 . PHE A 1 53  ? -14.516 5.854   6.744   1.00 38.79  ? 146 PHE A CE1 1 
ATOM   388  C CE2 . PHE A 1 53  ? -15.292 7.257   4.955   1.00 42.05  ? 146 PHE A CE2 1 
ATOM   389  C CZ  . PHE A 1 53  ? -15.564 6.427   6.043   1.00 39.96  ? 146 PHE A CZ  1 
ATOM   390  N N   . GLU A 1 54  ? -11.509 6.655   1.659   1.00 29.51  ? 147 GLU A N   1 
ATOM   391  C CA  . GLU A 1 54  ? -12.181 6.576   0.309   1.00 33.73  ? 147 GLU A CA  1 
ATOM   392  C C   . GLU A 1 54  ? -12.037 5.230   -0.346  1.00 34.25  ? 147 GLU A C   1 
ATOM   393  O O   . GLU A 1 54  ? -12.964 4.728   -0.999  1.00 32.76  ? 147 GLU A O   1 
ATOM   394  C CB  . GLU A 1 54  ? -11.580 7.576   -0.690  1.00 41.30  ? 147 GLU A CB  1 
ATOM   395  C CG  . GLU A 1 54  ? -11.900 9.054   -0.453  1.00 47.04  ? 147 GLU A CG  1 
ATOM   396  C CD  . GLU A 1 54  ? -11.092 10.031  -1.360  1.00 56.64  ? 147 GLU A CD  1 
ATOM   397  O OE1 . GLU A 1 54  ? -10.320 9.591   -2.293  1.00 55.90  ? 147 GLU A OE1 1 
ATOM   398  O OE2 . GLU A 1 54  ? -11.244 11.279  -1.146  1.00 57.95  ? 147 GLU A OE2 1 
ATOM   399  N N   . GLU A 1 55  ? -10.848 4.649   -0.201  1.00 28.22  ? 148 GLU A N   1 
ATOM   400  C CA  . GLU A 1 55  ? -10.554 3.391   -0.882  1.00 29.83  ? 148 GLU A CA  1 
ATOM   401  C C   . GLU A 1 55  ? -10.890 2.101   -0.125  1.00 27.45  ? 148 GLU A C   1 
ATOM   402  O O   . GLU A 1 55  ? -10.991 1.096   -0.768  1.00 30.67  ? 148 GLU A O   1 
ATOM   403  C CB  . GLU A 1 55  ? -9.096  3.364   -1.357  1.00 30.05  ? 148 GLU A CB  1 
ATOM   404  C CG  . GLU A 1 55  ? -8.807  4.422   -2.401  1.00 33.39  ? 148 GLU A CG  1 
ATOM   405  C CD  . GLU A 1 55  ? -7.334  4.612   -2.630  1.00 36.70  ? 148 GLU A CD  1 
ATOM   406  O OE1 . GLU A 1 55  ? -6.581  3.653   -2.353  1.00 33.69  ? 148 GLU A OE1 1 
ATOM   407  O OE2 . GLU A 1 55  ? -6.931  5.721   -3.069  1.00 37.97  ? 148 GLU A OE2 1 
ATOM   408  N N   . THR A 1 56  ? -11.056 2.129   1.197   1.00 27.11  ? 149 THR A N   1 
ATOM   409  C CA  . THR A 1 56  ? -11.262 0.904   2.020   1.00 29.87  ? 149 THR A CA  1 
ATOM   410  C C   . THR A 1 56  ? -12.427 0.990   2.984   1.00 30.18  ? 149 THR A C   1 
ATOM   411  O O   . THR A 1 56  ? -12.785 0.008   3.604   1.00 31.54  ? 149 THR A O   1 
ATOM   412  C CB  . THR A 1 56  ? -10.025 0.594   2.911   1.00 28.41  ? 149 THR A CB  1 
ATOM   413  O OG1 . THR A 1 56  ? -9.870  1.588   3.955   1.00 28.54  ? 149 THR A OG1 1 
ATOM   414  C CG2 . THR A 1 56  ? -8.755  0.625   2.080   1.00 28.55  ? 149 THR A CG2 1 
ATOM   415  N N   . GLY A 1 57  ? -12.930 2.169   3.226   1.00 29.16  ? 150 GLY A N   1 
ATOM   416  C CA  . GLY A 1 57  ? -13.952 2.320   4.268   1.00 34.03  ? 150 GLY A CA  1 
ATOM   417  C C   . GLY A 1 57  ? -13.412 2.338   5.706   1.00 34.83  ? 150 GLY A C   1 
ATOM   418  O O   . GLY A 1 57  ? -14.198 2.312   6.640   1.00 35.34  ? 150 GLY A O   1 
ATOM   419  N N   . PHE A 1 58  ? -12.101 2.345   5.908   1.00 30.49  ? 151 PHE A N   1 
ATOM   420  C CA  . PHE A 1 58  ? -11.570 2.183   7.235   1.00 30.24  ? 151 PHE A CA  1 
ATOM   421  C C   . PHE A 1 58  ? -10.862 3.432   7.581   1.00 30.41  ? 151 PHE A C   1 
ATOM   422  O O   . PHE A 1 58  ? -10.047 3.938   6.780   1.00 29.60  ? 151 PHE A O   1 
ATOM   423  C CB  . PHE A 1 58  ? -10.657 0.985   7.324   1.00 29.80  ? 151 PHE A CB  1 
ATOM   424  C CG  . PHE A 1 58  ? -10.101 0.761   8.692   1.00 31.79  ? 151 PHE A CG  1 
ATOM   425  C CD1 . PHE A 1 58  ? -10.878 0.162   9.672   1.00 32.87  ? 151 PHE A CD1 1 
ATOM   426  C CD2 . PHE A 1 58  ? -8.827  1.220   9.032   1.00 33.67  ? 151 PHE A CD2 1 
ATOM   427  C CE1 . PHE A 1 58  ? -10.404 -0.006  10.951  1.00 34.40  ? 151 PHE A CE1 1 
ATOM   428  C CE2 . PHE A 1 58  ? -8.316  1.000   10.310  1.00 30.43  ? 151 PHE A CE2 1 
ATOM   429  C CZ  . PHE A 1 58  ? -9.123  0.412   11.274  1.00 32.60  ? 151 PHE A CZ  1 
ATOM   430  N N   . ASP A 1 59  ? -11.120 3.932   8.801   1.00 31.01  ? 152 ASP A N   1 
ATOM   431  C CA  . ASP A 1 59  ? -10.600 5.231   9.217   1.00 32.87  ? 152 ASP A CA  1 
ATOM   432  C C   . ASP A 1 59  ? -9.364  5.027   10.071  1.00 32.52  ? 152 ASP A C   1 
ATOM   433  O O   . ASP A 1 59  ? -9.423  4.437   11.187  1.00 31.87  ? 152 ASP A O   1 
ATOM   434  C CB  . ASP A 1 59  ? -11.678 5.993   9.985   1.00 35.66  ? 152 ASP A CB  1 
ATOM   435  C CG  . ASP A 1 59  ? -11.241 7.418   10.388  1.00 39.96  ? 152 ASP A CG  1 
ATOM   436  O OD1 . ASP A 1 59  ? -10.109 7.871   10.112  1.00 37.84  ? 152 ASP A OD1 1 
ATOM   437  O OD2 . ASP A 1 59  ? -12.049 8.098   11.052  1.00 46.18  ? 152 ASP A OD2 1 
ATOM   438  N N   . ILE A 1 60  ? -8.243  5.491   9.547   1.00 28.75  ? 153 ILE A N   1 
ATOM   439  C CA  . ILE A 1 60  ? -6.955  5.260   10.216  1.00 31.25  ? 153 ILE A CA  1 
ATOM   440  C C   . ILE A 1 60  ? -6.562  6.424   11.125  1.00 31.30  ? 153 ILE A C   1 
ATOM   441  O O   . ILE A 1 60  ? -5.514  6.402   11.711  1.00 28.90  ? 153 ILE A O   1 
ATOM   442  C CB  . ILE A 1 60  ? -5.775  4.981   9.268   1.00 27.66  ? 153 ILE A CB  1 
ATOM   443  C CG1 . ILE A 1 60  ? -5.434  6.151   8.395   1.00 28.54  ? 153 ILE A CG1 1 
ATOM   444  C CG2 . ILE A 1 60  ? -5.967  3.716   8.453   1.00 30.09  ? 153 ILE A CG2 1 
ATOM   445  C CD1 . ILE A 1 60  ? -4.169  5.897   7.600   1.00 29.91  ? 153 ILE A CD1 1 
ATOM   446  N N   . LYS A 1 61  ? -7.371  7.455   11.203  1.00 31.96  ? 154 LYS A N   1 
ATOM   447  C CA  . LYS A 1 61  ? -6.891  8.697   11.781  1.00 38.68  ? 154 LYS A CA  1 
ATOM   448  C C   . LYS A 1 61  ? -6.416  8.478   13.234  1.00 33.74  ? 154 LYS A C   1 
ATOM   449  O O   . LYS A 1 61  ? -5.349  8.984   13.613  1.00 31.86  ? 154 LYS A O   1 
ATOM   450  C CB  . LYS A 1 61  ? -7.987  9.783   11.664  1.00 43.07  ? 154 LYS A CB  1 
ATOM   451  C CG  . LYS A 1 61  ? -8.026  10.848  12.752  1.00 57.94  ? 154 LYS A CG  1 
ATOM   452  C CD  . LYS A 1 61  ? -9.107  11.937  12.532  1.00 64.13  ? 154 LYS A CD  1 
ATOM   453  C CE  . LYS A 1 61  ? -10.529 11.388  12.297  1.00 71.00  ? 154 LYS A CE  1 
ATOM   454  N NZ  . LYS A 1 61  ? -11.105 10.569  13.409  1.00 72.70  ? 154 LYS A NZ  1 
ATOM   455  N N   . ASP A 1 62  ? -7.174  7.689   14.008  1.00 30.80  ? 155 ASP A N   1 
ATOM   456  C CA  . ASP A 1 62  ? -6.807  7.445   15.418  1.00 32.89  ? 155 ASP A CA  1 
ATOM   457  C C   . ASP A 1 62  ? -5.551  6.579   15.579  1.00 36.58  ? 155 ASP A C   1 
ATOM   458  O O   . ASP A 1 62  ? -5.024  6.506   16.678  1.00 37.88  ? 155 ASP A O   1 
ATOM   459  C CB  . ASP A 1 62  ? -7.951  6.699   16.107  1.00 38.60  ? 155 ASP A CB  1 
ATOM   460  C CG  . ASP A 1 62  ? -9.207  7.582   16.368  1.00 44.35  ? 155 ASP A CG  1 
ATOM   461  O OD1 . ASP A 1 62  ? -9.168  8.834   16.233  1.00 45.05  ? 155 ASP A OD1 1 
ATOM   462  O OD2 . ASP A 1 62  ? -10.230 6.977   16.742  1.00 46.33  ? 155 ASP A OD2 1 
ATOM   463  N N   . TYR A 1 63  ? -5.073  5.913   14.493  1.00 33.04  ? 156 TYR A N   1 
ATOM   464  C CA  . TYR A 1 63  ? -3.954  4.943   14.572  1.00 33.26  ? 156 TYR A CA  1 
ATOM   465  C C   . TYR A 1 63  ? -2.663  5.362   13.901  1.00 35.23  ? 156 TYR A C   1 
ATOM   466  O O   . TYR A 1 63  ? -1.594  4.765   14.138  1.00 39.54  ? 156 TYR A O   1 
ATOM   467  C CB  . TYR A 1 63  ? -4.377  3.629   13.978  1.00 33.35  ? 156 TYR A CB  1 
ATOM   468  C CG  . TYR A 1 63  ? -5.634  3.211   14.515  1.00 31.88  ? 156 TYR A CG  1 
ATOM   469  C CD1 . TYR A 1 63  ? -5.782  3.062   15.912  1.00 39.49  ? 156 TYR A CD1 1 
ATOM   470  C CD2 . TYR A 1 63  ? -6.698  3.020   13.716  1.00 34.99  ? 156 TYR A CD2 1 
ATOM   471  C CE1 . TYR A 1 63  ? -6.987  2.723   16.467  1.00 38.46  ? 156 TYR A CE1 1 
ATOM   472  C CE2 . TYR A 1 63  ? -7.930  2.679   14.239  1.00 36.01  ? 156 TYR A CE2 1 
ATOM   473  C CZ  . TYR A 1 63  ? -8.058  2.521   15.605  1.00 42.03  ? 156 TYR A CZ  1 
ATOM   474  O OH  . TYR A 1 63  ? -9.252  2.189   16.103  1.00 45.48  ? 156 TYR A OH  1 
ATOM   475  N N   . ILE A 1 64  ? -2.728  6.384   13.071  1.00 32.75  ? 157 ILE A N   1 
ATOM   476  C CA  . ILE A 1 64  ? -1.492  6.906   12.462  1.00 35.00  ? 157 ILE A CA  1 
ATOM   477  C C   . ILE A 1 64  ? -0.517  7.340   13.493  1.00 37.24  ? 157 ILE A C   1 
ATOM   478  O O   . ILE A 1 64  ? -0.887  8.109   14.424  1.00 36.96  ? 157 ILE A O   1 
ATOM   479  C CB  . ILE A 1 64  ? -1.722  8.156   11.572  1.00 38.16  ? 157 ILE A CB  1 
ATOM   480  C CG1 . ILE A 1 64  ? -2.349  7.753   10.246  1.00 42.37  ? 157 ILE A CG1 1 
ATOM   481  C CG2 . ILE A 1 64  ? -0.409  8.880   11.232  1.00 40.42  ? 157 ILE A CG2 1 
ATOM   482  C CD1 . ILE A 1 64  ? -2.974  8.909   9.473   1.00 45.38  ? 157 ILE A CD1 1 
ATOM   483  N N   A CYS A 1 65  ? 0.715   6.855   13.360  0.25 33.67  ? 158 CYS A N   1 
ATOM   484  N N   B CYS A 1 65  ? 0.724   6.879   13.352  0.25 38.21  ? 158 CYS A N   1 
ATOM   485  C CA  A CYS A 1 65  ? 1.850   7.340   14.110  0.25 33.11  ? 158 CYS A CA  1 
ATOM   486  C CA  B CYS A 1 65  ? 1.843   7.314   14.163  0.25 40.63  ? 158 CYS A CA  1 
ATOM   487  C C   A CYS A 1 65  ? 2.744   8.115   13.173  0.25 37.26  ? 158 CYS A C   1 
ATOM   488  C C   B CYS A 1 65  ? 2.817   8.072   13.257  0.25 41.65  ? 158 CYS A C   1 
ATOM   489  O O   A CYS A 1 65  ? 3.214   7.585   12.160  0.25 37.67  ? 158 CYS A O   1 
ATOM   490  O O   B CYS A 1 65  ? 3.419   7.480   12.353  0.25 41.85  ? 158 CYS A O   1 
ATOM   491  C CB  A CYS A 1 65  ? 2.628   6.197   14.713  0.25 30.52  ? 158 CYS A CB  1 
ATOM   492  C CB  B CYS A 1 65  ? 2.509   6.110   14.827  0.25 42.58  ? 158 CYS A CB  1 
ATOM   493  S SG  A CYS A 1 65  ? 1.684   5.286   15.922  0.25 26.90  ? 158 CYS A SG  1 
ATOM   494  S SG  B CYS A 1 65  ? 4.067   6.472   15.672  0.25 51.84  ? 158 CYS A SG  1 
ATOM   495  N N   . LYS A 1 66  ? 2.983   9.370   13.527  1.00 39.42  ? 159 LYS A N   1 
ATOM   496  C CA  . LYS A 1 66  ? 3.680   10.309  12.661  1.00 42.38  ? 159 LYS A CA  1 
ATOM   497  C C   . LYS A 1 66  ? 5.025   9.937   12.106  1.00 37.73  ? 159 LYS A C   1 
ATOM   498  O O   . LYS A 1 66  ? 5.333   10.335  10.979  1.00 39.29  ? 159 LYS A O   1 
ATOM   499  C CB  . LYS A 1 66  ? 3.812   11.670  13.384  1.00 46.03  ? 159 LYS A CB  1 
ATOM   500  C CG  . LYS A 1 66  ? 4.856   11.694  14.489  1.00 49.62  ? 159 LYS A CG  1 
ATOM   501  N N   . ASP A 1 67  ? 5.798   9.171   12.858  1.00 40.72  ? 160 ASP A N   1 
ATOM   502  C CA  . ASP A 1 67  ? 7.126   8.736   12.414  1.00 44.34  ? 160 ASP A CA  1 
ATOM   503  C C   . ASP A 1 67  ? 7.177   7.331   11.890  1.00 41.13  ? 160 ASP A C   1 
ATOM   504  O O   . ASP A 1 67  ? 8.255   6.869   11.551  1.00 41.48  ? 160 ASP A O   1 
ATOM   505  C CB  . ASP A 1 67  ? 8.099   8.825   13.594  1.00 56.59  ? 160 ASP A CB  1 
ATOM   506  C CG  . ASP A 1 67  ? 8.197   10.233  14.118  1.00 64.00  ? 160 ASP A CG  1 
ATOM   507  O OD1 . ASP A 1 67  ? 8.620   11.090  13.314  1.00 69.35  ? 160 ASP A OD1 1 
ATOM   508  O OD2 . ASP A 1 67  ? 7.773   10.482  15.270  1.00 65.97  ? 160 ASP A OD2 1 
ATOM   509  N N   . ASP A 1 68  ? 6.041   6.637   11.833  1.00 37.85  ? 161 ASP A N   1 
ATOM   510  C CA  . ASP A 1 68  ? 5.985   5.249   11.330  1.00 33.62  ? 161 ASP A CA  1 
ATOM   511  C C   . ASP A 1 68  ? 5.430   5.220   9.934   1.00 30.33  ? 161 ASP A C   1 
ATOM   512  O O   . ASP A 1 68  ? 4.199   5.121   9.739   1.00 26.35  ? 161 ASP A O   1 
ATOM   513  C CB  . ASP A 1 68  ? 5.079   4.395   12.208  1.00 34.21  ? 161 ASP A CB  1 
ATOM   514  C CG  . ASP A 1 68  ? 5.595   4.227   13.616  1.00 37.37  ? 161 ASP A CG  1 
ATOM   515  O OD1 . ASP A 1 68  ? 6.694   4.642   13.867  1.00 34.07  ? 161 ASP A OD1 1 
ATOM   516  O OD2 . ASP A 1 68  ? 4.920   3.606   14.474  1.00 36.00  ? 161 ASP A OD2 1 
ATOM   517  N N   . TYR A 1 69  ? 6.318   5.380   8.957   1.00 32.56  ? 162 TYR A N   1 
ATOM   518  C CA  . TYR A 1 69  ? 5.928   5.329   7.557   1.00 29.15  ? 162 TYR A CA  1 
ATOM   519  C C   . TYR A 1 69  ? 7.086   4.800   6.714   1.00 32.16  ? 162 TYR A C   1 
ATOM   520  O O   . TYR A 1 69  ? 8.209   4.716   7.191   1.00 31.78  ? 162 TYR A O   1 
ATOM   521  C CB  . TYR A 1 69  ? 5.443   6.711   7.086   1.00 32.16  ? 162 TYR A CB  1 
ATOM   522  C CG  . TYR A 1 69  ? 6.503   7.809   7.225   1.00 38.78  ? 162 TYR A CG  1 
ATOM   523  C CD1 . TYR A 1 69  ? 7.554   7.931   6.288   1.00 39.11  ? 162 TYR A CD1 1 
ATOM   524  C CD2 . TYR A 1 69  ? 6.459   8.706   8.309   1.00 40.29  ? 162 TYR A CD2 1 
ATOM   525  C CE1 . TYR A 1 69  ? 8.500   8.917   6.401   1.00 40.26  ? 162 TYR A CE1 1 
ATOM   526  C CE2 . TYR A 1 69  ? 7.423   9.693   8.459   1.00 42.81  ? 162 TYR A CE2 1 
ATOM   527  C CZ  . TYR A 1 69  ? 8.431   9.793   7.518   1.00 46.82  ? 162 TYR A CZ  1 
ATOM   528  O OH  . TYR A 1 69  ? 9.347   10.774  7.670   1.00 53.59  ? 162 TYR A OH  1 
ATOM   529  N N   . ILE A 1 70  ? 6.797   4.423   5.476   1.00 32.57  ? 163 ILE A N   1 
ATOM   530  C CA  . ILE A 1 70  ? 7.787   4.143   4.465   1.00 32.55  ? 163 ILE A CA  1 
ATOM   531  C C   . ILE A 1 70  ? 7.545   5.074   3.323   1.00 31.68  ? 163 ILE A C   1 
ATOM   532  O O   . ILE A 1 70  ? 6.431   5.216   2.854   1.00 30.64  ? 163 ILE A O   1 
ATOM   533  C CB  . ILE A 1 70  ? 7.697   2.669   4.022   1.00 36.55  ? 163 ILE A CB  1 
ATOM   534  C CG1 . ILE A 1 70  ? 8.321   1.829   5.124   1.00 39.74  ? 163 ILE A CG1 1 
ATOM   535  C CG2 . ILE A 1 70  ? 8.516   2.411   2.761   1.00 41.11  ? 163 ILE A CG2 1 
ATOM   536  C CD1 . ILE A 1 70  ? 7.891   0.400   5.051   1.00 43.02  ? 163 ILE A CD1 1 
ATOM   537  N N   . GLU A 1 71  ? 8.612   5.719   2.875   1.00 31.41  ? 164 GLU A N   1 
ATOM   538  C CA  . GLU A 1 71  ? 8.540   6.756   1.867   1.00 34.43  ? 164 GLU A CA  1 
ATOM   539  C C   . GLU A 1 71  ? 9.479   6.369   0.728   1.00 36.09  ? 164 GLU A C   1 
ATOM   540  O O   . GLU A 1 71  ? 10.610  6.033   0.984   1.00 38.61  ? 164 GLU A O   1 
ATOM   541  C CB  . GLU A 1 71  ? 8.962   8.053   2.487   1.00 38.54  ? 164 GLU A CB  1 
ATOM   542  C CG  . GLU A 1 71  ? 8.852   9.259   1.583   1.00 46.57  ? 164 GLU A CG  1 
ATOM   543  C CD  . GLU A 1 71  ? 9.115   10.542  2.358   1.00 52.50  ? 164 GLU A CD  1 
ATOM   544  O OE1 . GLU A 1 71  ? 10.315  10.858  2.597   1.00 58.15  ? 164 GLU A OE1 1 
ATOM   545  O OE2 . GLU A 1 71  ? 8.124   11.218  2.724   1.00 47.44  ? 164 GLU A OE2 1 
ATOM   546  N N   . LEU A 1 72  ? 8.991   6.351   -0.499  1.00 33.28  ? 165 LEU A N   1 
ATOM   547  C CA  . LEU A 1 72  ? 9.830   6.102   -1.650  1.00 35.78  ? 165 LEU A CA  1 
ATOM   548  C C   . LEU A 1 72  ? 9.613   7.166   -2.710  1.00 38.79  ? 165 LEU A C   1 
ATOM   549  O O   . LEU A 1 72  ? 8.524   7.681   -2.900  1.00 36.00  ? 165 LEU A O   1 
ATOM   550  C CB  . LEU A 1 72  ? 9.502   4.770   -2.309  1.00 36.68  ? 165 LEU A CB  1 
ATOM   551  C CG  . LEU A 1 72  ? 9.669   3.563   -1.441  1.00 41.27  ? 165 LEU A CG  1 
ATOM   552  C CD1 . LEU A 1 72  ? 9.150   2.361   -2.218  1.00 39.85  ? 165 LEU A CD1 1 
ATOM   553  C CD2 . LEU A 1 72  ? 11.138  3.392   -0.991  1.00 43.90  ? 165 LEU A CD2 1 
ATOM   554  N N   . ARG A 1 73  ? 10.667  7.424   -3.467  1.00 43.49  ? 166 ARG A N   1 
ATOM   555  C CA  . ARG A 1 73  ? 10.567  8.330   -4.568  1.00 48.33  ? 166 ARG A CA  1 
ATOM   556  C C   . ARG A 1 73  ? 10.730  7.463   -5.788  1.00 43.02  ? 166 ARG A C   1 
ATOM   557  O O   . ARG A 1 73  ? 11.730  6.799   -5.988  1.00 45.86  ? 166 ARG A O   1 
ATOM   558  C CB  . ARG A 1 73  ? 11.611  9.444   -4.495  1.00 54.45  ? 166 ARG A CB  1 
ATOM   559  C CG  . ARG A 1 73  ? 11.326  10.557  -5.497  1.00 62.37  ? 166 ARG A CG  1 
ATOM   560  C CD  . ARG A 1 73  ? 12.464  11.566  -5.549  1.00 75.61  ? 166 ARG A CD  1 
ATOM   561  N NE  . ARG A 1 73  ? 13.749  10.933  -5.911  1.00 72.28  ? 166 ARG A NE  1 
ATOM   562  C CZ  . ARG A 1 73  ? 14.949  11.300  -5.452  1.00 78.75  ? 166 ARG A CZ  1 
ATOM   563  N NH1 . ARG A 1 73  ? 15.105  12.322  -4.608  1.00 82.37  ? 166 ARG A NH1 1 
ATOM   564  N NH2 . ARG A 1 73  ? 16.030  10.642  -5.853  1.00 85.69  ? 166 ARG A NH2 1 
ATOM   565  N N   . ILE A 1 74  ? 9.705   7.468   -6.586  1.00 39.00  ? 167 ILE A N   1 
ATOM   566  C CA  . ILE A 1 74  ? 9.623   6.643   -7.735  1.00 47.05  ? 167 ILE A CA  1 
ATOM   567  C C   . ILE A 1 74  ? 9.455   7.630   -8.877  1.00 48.03  ? 167 ILE A C   1 
ATOM   568  O O   . ILE A 1 74  ? 8.473   8.393   -8.889  1.00 45.46  ? 167 ILE A O   1 
ATOM   569  C CB  . ILE A 1 74  ? 8.398   5.726   -7.591  1.00 50.98  ? 167 ILE A CB  1 
ATOM   570  C CG1 . ILE A 1 74  ? 8.752   4.604   -6.574  1.00 53.49  ? 167 ILE A CG1 1 
ATOM   571  C CG2 . ILE A 1 74  ? 7.960   5.193   -8.950  1.00 53.52  ? 167 ILE A CG2 1 
ATOM   572  C CD1 . ILE A 1 74  ? 7.596   3.686   -6.254  1.00 54.05  ? 167 ILE A CD1 1 
ATOM   573  N N   . ASN A 1 75  ? 10.432  7.673   -9.784  1.00 45.71  ? 168 ASN A N   1 
ATOM   574  C CA  . ASN A 1 75  ? 10.387  8.634   -10.909 1.00 47.40  ? 168 ASN A CA  1 
ATOM   575  C C   . ASN A 1 75  ? 9.998   10.002  -10.519 1.00 44.64  ? 168 ASN A C   1 
ATOM   576  O O   . ASN A 1 75  ? 9.063   10.586  -11.063 1.00 54.04  ? 168 ASN A O   1 
ATOM   577  C CB  . ASN A 1 75  ? 9.420   8.125   -11.963 1.00 52.27  ? 168 ASN A CB  1 
ATOM   578  C CG  . ASN A 1 75  ? 9.878   6.814   -12.514 1.00 51.15  ? 168 ASN A CG  1 
ATOM   579  O OD1 . ASN A 1 75  ? 11.087  6.622   -12.709 1.00 50.89  ? 168 ASN A OD1 1 
ATOM   580  N ND2 . ASN A 1 75  ? 8.960   5.888   -12.688 1.00 54.27  ? 168 ASN A ND2 1 
ATOM   581  N N   . ASP A 1 76  ? 10.715  10.473  -9.533  1.00 44.15  ? 169 ASP A N   1 
ATOM   582  C CA  . ASP A 1 76  ? 10.614  11.803  -9.020  1.00 61.78  ? 169 ASP A CA  1 
ATOM   583  C C   . ASP A 1 76  ? 9.213   12.168  -8.426  1.00 62.49  ? 169 ASP A C   1 
ATOM   584  O O   . ASP A 1 76  ? 8.881   13.343  -8.323  1.00 71.71  ? 169 ASP A O   1 
ATOM   585  C CB  . ASP A 1 76  ? 11.125  12.790  -10.091 1.00 67.35  ? 169 ASP A CB  1 
ATOM   586  C CG  . ASP A 1 76  ? 12.149  13.759  -9.526  1.00 74.35  ? 169 ASP A CG  1 
ATOM   587  O OD1 . ASP A 1 76  ? 13.391  13.415  -9.338  1.00 61.83  ? 169 ASP A OD1 1 
ATOM   588  O OD2 . ASP A 1 76  ? 11.658  14.866  -9.236  1.00 75.83  ? 169 ASP A OD2 1 
ATOM   589  N N   . GLN A 1 77  ? 8.431   11.161  -8.023  1.00 60.94  ? 170 GLN A N   1 
ATOM   590  C CA  . GLN A 1 77  ? 7.192   11.343  -7.239  1.00 56.26  ? 170 GLN A CA  1 
ATOM   591  C C   . GLN A 1 77  ? 7.367   10.640  -5.884  1.00 53.22  ? 170 GLN A C   1 
ATOM   592  O O   . GLN A 1 77  ? 7.776   9.475   -5.808  1.00 48.93  ? 170 GLN A O   1 
ATOM   593  C CB  . GLN A 1 77  ? 5.983   10.792  -7.983  1.00 63.69  ? 170 GLN A CB  1 
ATOM   594  C CG  . GLN A 1 77  ? 4.688   10.740  -7.146  1.00 77.35  ? 170 GLN A CG  1 
ATOM   595  C CD  . GLN A 1 77  ? 3.428   11.183  -7.886  1.00 80.29  ? 170 GLN A CD  1 
ATOM   596  O OE1 . GLN A 1 77  ? 3.477   11.744  -8.978  1.00 92.57  ? 170 GLN A OE1 1 
ATOM   597  N NE2 . GLN A 1 77  ? 2.288   10.960  -7.264  1.00 92.57  ? 170 GLN A NE2 1 
ATOM   598  N N   . LEU A 1 78  ? 7.057   11.371  -4.827  1.00 42.14  ? 171 LEU A N   1 
ATOM   599  C CA  . LEU A 1 78  ? 7.190   10.907  -3.483  1.00 45.32  ? 171 LEU A CA  1 
ATOM   600  C C   . LEU A 1 78  ? 5.893   10.148  -3.155  1.00 40.04  ? 171 LEU A C   1 
ATOM   601  O O   . LEU A 1 78  ? 4.837   10.574  -3.562  1.00 38.20  ? 171 LEU A O   1 
ATOM   602  C CB  . LEU A 1 78  ? 7.367   12.095  -2.570  1.00 53.97  ? 171 LEU A CB  1 
ATOM   603  C CG  . LEU A 1 78  ? 7.818   11.768  -1.160  1.00 62.18  ? 171 LEU A CG  1 
ATOM   604  C CD1 . LEU A 1 78  ? 9.330   11.944  -1.100  1.00 71.66  ? 171 LEU A CD1 1 
ATOM   605  C CD2 . LEU A 1 78  ? 7.065   12.626  -0.125  1.00 65.58  ? 171 LEU A CD2 1 
ATOM   606  N N   . ALA A 1 79  ? 6.012   8.965   -2.548  1.00 35.38  ? 172 ALA A N   1 
ATOM   607  C CA  . ALA A 1 79  ? 4.843   8.185   -2.061  1.00 35.36  ? 172 ALA A CA  1 
ATOM   608  C C   . ALA A 1 79  ? 5.203   7.784   -0.649  1.00 34.23  ? 172 ALA A C   1 
ATOM   609  O O   . ALA A 1 79  ? 6.250   7.167   -0.416  1.00 33.40  ? 172 ALA A O   1 
ATOM   610  C CB  . ALA A 1 79  ? 4.512   6.968   -2.936  1.00 35.66  ? 172 ALA A CB  1 
ATOM   611  N N   . ARG A 1 80  ? 4.379   8.228   0.309   1.00 30.96  ? 173 ARG A N   1 
ATOM   612  C CA  . ARG A 1 80  ? 4.584   7.905   1.689   1.00 29.82  ? 173 ARG A CA  1 
ATOM   613  C C   . ARG A 1 80  ? 3.387   7.136   2.228   1.00 29.07  ? 173 ARG A C   1 
ATOM   614  O O   . ARG A 1 80  ? 2.239   7.601   2.131   1.00 32.17  ? 173 ARG A O   1 
ATOM   615  C CB  . ARG A 1 80  ? 4.815   9.164   2.529   1.00 32.47  ? 173 ARG A CB  1 
ATOM   616  C CG  . ARG A 1 80  ? 4.855   8.843   4.032   1.00 33.83  ? 173 ARG A CG  1 
ATOM   617  C CD  . ARG A 1 80  ? 4.713   10.108  4.844   1.00 34.83  ? 173 ARG A CD  1 
ATOM   618  N NE  . ARG A 1 80  ? 5.882   10.964  4.596   1.00 39.09  ? 173 ARG A NE  1 
ATOM   619  C CZ  . ARG A 1 80  ? 6.067   12.140  5.209   1.00 47.13  ? 173 ARG A CZ  1 
ATOM   620  N NH1 . ARG A 1 80  ? 5.169   12.589  6.110   1.00 43.64  ? 173 ARG A NH1 1 
ATOM   621  N NH2 . ARG A 1 80  ? 7.141   12.849  4.929   1.00 46.16  ? 173 ARG A NH2 1 
ATOM   622  N N   . LEU A 1 81  ? 3.673   5.998   2.856   1.00 27.01  ? 174 LEU A N   1 
ATOM   623  C CA  . LEU A 1 81  ? 2.631   5.108   3.389   1.00 25.73  ? 174 LEU A CA  1 
ATOM   624  C C   . LEU A 1 81  ? 2.899   4.958   4.811   1.00 24.48  ? 174 LEU A C   1 
ATOM   625  O O   . LEU A 1 81  ? 3.950   4.460   5.177   1.00 24.68  ? 174 LEU A O   1 
ATOM   626  C CB  . LEU A 1 81  ? 2.671   3.729   2.762   1.00 25.47  ? 174 LEU A CB  1 
ATOM   627  C CG  . LEU A 1 81  ? 2.466   3.732   1.255   1.00 27.79  ? 174 LEU A CG  1 
ATOM   628  C CD1 . LEU A 1 81  ? 2.638   2.320   0.700   1.00 27.74  ? 174 LEU A CD1 1 
ATOM   629  C CD2 . LEU A 1 81  ? 1.138   4.330   0.772   1.00 25.42  ? 174 LEU A CD2 1 
ATOM   630  N N   . TYR A 1 82  ? 1.947   5.391   5.629   1.00 24.27  ? 175 TYR A N   1 
ATOM   631  C CA  . TYR A 1 82  ? 1.992   5.229   7.068   1.00 23.09  ? 175 TYR A CA  1 
ATOM   632  C C   . TYR A 1 82  ? 1.723   3.816   7.443   1.00 25.40  ? 175 TYR A C   1 
ATOM   633  O O   . TYR A 1 82  ? 0.848   3.170   6.861   1.00 28.24  ? 175 TYR A O   1 
ATOM   634  C CB  . TYR A 1 82  ? 0.918   6.137   7.714   1.00 25.32  ? 175 TYR A CB  1 
ATOM   635  C CG  . TYR A 1 82  ? 1.336   7.555   7.624   1.00 27.34  ? 175 TYR A CG  1 
ATOM   636  C CD1 . TYR A 1 82  ? 2.201   8.098   8.573   1.00 31.21  ? 175 TYR A CD1 1 
ATOM   637  C CD2 . TYR A 1 82  ? 0.979   8.338   6.544   1.00 31.55  ? 175 TYR A CD2 1 
ATOM   638  C CE1 . TYR A 1 82  ? 2.656   9.421   8.466   1.00 33.09  ? 175 TYR A CE1 1 
ATOM   639  C CE2 . TYR A 1 82  ? 1.442   9.617   6.418   1.00 32.88  ? 175 TYR A CE2 1 
ATOM   640  C CZ  . TYR A 1 82  ? 2.255   10.163  7.411   1.00 32.14  ? 175 TYR A CZ  1 
ATOM   641  O OH  . TYR A 1 82  ? 2.669   11.437  7.252   1.00 36.43  ? 175 TYR A OH  1 
ATOM   642  N N   . ILE A 1 83  ? 2.491   3.298   8.396   1.00 22.76  ? 176 ILE A N   1 
ATOM   643  C CA  . ILE A 1 83  ? 2.384   1.921   8.791   1.00 24.04  ? 176 ILE A CA  1 
ATOM   644  C C   . ILE A 1 83  ? 1.367   1.810   9.925   1.00 23.55  ? 176 ILE A C   1 
ATOM   645  O O   . ILE A 1 83  ? 1.519   2.434   10.949  1.00 27.42  ? 176 ILE A O   1 
ATOM   646  C CB  . ILE A 1 83  ? 3.767   1.360   9.127   1.00 26.88  ? 176 ILE A CB  1 
ATOM   647  C CG1 . ILE A 1 83  ? 4.583   1.367   7.838   1.00 31.59  ? 176 ILE A CG1 1 
ATOM   648  C CG2 . ILE A 1 83  ? 3.707   -0.089  9.606   1.00 27.43  ? 176 ILE A CG2 1 
ATOM   649  C CD1 . ILE A 1 83  ? 6.033   1.157   8.099   1.00 41.40  ? 176 ILE A CD1 1 
ATOM   650  N N   . ILE A 1 84  ? 0.330   0.997   9.713   1.00 24.84  ? 177 ILE A N   1 
ATOM   651  C CA  . ILE A 1 84  ? -0.764  0.818   10.628  1.00 24.45  ? 177 ILE A CA  1 
ATOM   652  C C   . ILE A 1 84  ? -0.962  -0.652  11.056  1.00 23.80  ? 177 ILE A C   1 
ATOM   653  O O   . ILE A 1 84  ? -1.759  -1.351  10.489  1.00 24.18  ? 177 ILE A O   1 
ATOM   654  C CB  . ILE A 1 84  ? -2.047  1.362   10.032  1.00 26.09  ? 177 ILE A CB  1 
ATOM   655  C CG1 . ILE A 1 84  ? -1.854  2.753   9.386   1.00 28.28  ? 177 ILE A CG1 1 
ATOM   656  C CG2 . ILE A 1 84  ? -3.125  1.401   11.095  1.00 28.66  ? 177 ILE A CG2 1 
ATOM   657  C CD1 . ILE A 1 84  ? -1.674  3.899   10.343  1.00 31.60  ? 177 ILE A CD1 1 
ATOM   658  N N   . PRO A 1 85  ? -0.258  -1.124  12.106  1.00 24.65  ? 178 PRO A N   1 
ATOM   659  C CA  . PRO A 1 85  ? -0.343  -2.560  12.471  1.00 24.59  ? 178 PRO A CA  1 
ATOM   660  C C   . PRO A 1 85  ? -1.562  -2.832  13.281  1.00 25.89  ? 178 PRO A C   1 
ATOM   661  O O   . PRO A 1 85  ? -2.173  -1.909  13.803  1.00 25.97  ? 178 PRO A O   1 
ATOM   662  C CB  . PRO A 1 85  ? 0.847   -2.758  13.411  1.00 25.73  ? 178 PRO A CB  1 
ATOM   663  C CG  . PRO A 1 85  ? 1.740   -1.622  13.120  1.00 26.64  ? 178 PRO A CG  1 
ATOM   664  C CD  . PRO A 1 85  ? 0.852   -0.469  12.805  1.00 26.23  ? 178 PRO A CD  1 
ATOM   665  N N   . GLY A 1 86  ? -1.880  -4.100  13.437  1.00 28.17  ? 179 GLY A N   1 
ATOM   666  C CA  . GLY A 1 86  ? -2.863  -4.525  14.404  1.00 29.60  ? 179 GLY A CA  1 
ATOM   667  C C   . GLY A 1 86  ? -4.316  -4.384  14.083  1.00 28.31  ? 179 GLY A C   1 
ATOM   668  O O   . GLY A 1 86  ? -5.171  -4.298  14.978  1.00 32.41  ? 179 GLY A O   1 
ATOM   669  N N   . ILE A 1 87  ? -4.631  -4.303  12.825  1.00 28.11  ? 180 ILE A N   1 
ATOM   670  C CA  . ILE A 1 87  ? -6.012  -4.117  12.422  1.00 28.86  ? 180 ILE A CA  1 
ATOM   671  C C   . ILE A 1 87  ? -6.623  -5.504  12.188  1.00 30.68  ? 180 ILE A C   1 
ATOM   672  O O   . ILE A 1 87  ? -6.109  -6.227  11.381  1.00 31.09  ? 180 ILE A O   1 
ATOM   673  C CB  . ILE A 1 87  ? -6.129  -3.286  11.163  1.00 26.81  ? 180 ILE A CB  1 
ATOM   674  C CG1 . ILE A 1 87  ? -5.484  -1.906  11.379  1.00 28.36  ? 180 ILE A CG1 1 
ATOM   675  C CG2 . ILE A 1 87  ? -7.566  -3.179  10.722  1.00 30.64  ? 180 ILE A CG2 1 
ATOM   676  C CD1 . ILE A 1 87  ? -5.886  -1.147  12.663  1.00 27.78  ? 180 ILE A CD1 1 
ATOM   677  N N   . PRO A 1 88  ? -7.720  -5.852  12.900  1.00 34.01  ? 181 PRO A N   1 
ATOM   678  C CA  . PRO A 1 88  ? -8.237  -7.224  12.834  1.00 35.59  ? 181 PRO A CA  1 
ATOM   679  C C   . PRO A 1 88  ? -8.590  -7.659  11.416  1.00 35.96  ? 181 PRO A C   1 
ATOM   680  O O   . PRO A 1 88  ? -9.218  -6.871  10.646  1.00 33.39  ? 181 PRO A O   1 
ATOM   681  C CB  . PRO A 1 88  ? -9.501  -7.188  13.738  1.00 39.40  ? 181 PRO A CB  1 
ATOM   682  C CG  . PRO A 1 88  ? -9.295  -6.031  14.677  1.00 43.35  ? 181 PRO A CG  1 
ATOM   683  C CD  . PRO A 1 88  ? -8.406  -5.035  13.938  1.00 39.40  ? 181 PRO A CD  1 
ATOM   684  N N   . LYS A 1 89  ? -8.199  -8.894  11.082  1.00 38.22  ? 182 LYS A N   1 
ATOM   685  C CA  . LYS A 1 89  ? -8.485  -9.488  9.797   1.00 43.63  ? 182 LYS A CA  1 
ATOM   686  C C   . LYS A 1 89  ? -9.963  -9.579  9.485   1.00 40.95  ? 182 LYS A C   1 
ATOM   687  O O   . LYS A 1 89  ? -10.289 -9.664  8.334   1.00 40.69  ? 182 LYS A O   1 
ATOM   688  C CB  . LYS A 1 89  ? -7.831  -10.880 9.601   1.00 57.64  ? 182 LYS A CB  1 
ATOM   689  C CG  . LYS A 1 89  ? -6.655  -10.905 8.611   1.00 68.18  ? 182 LYS A CG  1 
ATOM   690  C CD  . LYS A 1 89  ? -6.385  -12.274 7.977   1.00 74.72  ? 182 LYS A CD  1 
ATOM   691  C CE  . LYS A 1 89  ? -6.080  -13.342 9.015   1.00 80.99  ? 182 LYS A CE  1 
ATOM   692  N NZ  . LYS A 1 89  ? -4.981  -12.976 9.969   1.00 83.28  ? 182 LYS A NZ  1 
ATOM   693  N N   . ASP A 1 90  ? -10.852 -9.565  10.467  1.00 40.80  ? 183 ASP A N   1 
ATOM   694  C CA  . ASP A 1 90  ? -12.298 -9.573  10.178  1.00 43.89  ? 183 ASP A CA  1 
ATOM   695  C C   . ASP A 1 90  ? -12.963 -8.175  10.058  1.00 42.00  ? 183 ASP A C   1 
ATOM   696  O O   . ASP A 1 90  ? -14.183 -8.064  9.961   1.00 45.73  ? 183 ASP A O   1 
ATOM   697  C CB  . ASP A 1 90  ? -13.022 -10.452 11.204  1.00 45.81  ? 183 ASP A CB  1 
ATOM   698  C CG  . ASP A 1 90  ? -12.968 -9.881  12.605  1.00 52.33  ? 183 ASP A CG  1 
ATOM   699  O OD1 . ASP A 1 90  ? -12.390 -8.793  12.835  1.00 58.45  ? 183 ASP A OD1 1 
ATOM   700  O OD2 . ASP A 1 90  ? -13.499 -10.531 13.508  1.00 61.05  ? 183 ASP A OD2 1 
ATOM   701  N N   . THR A 1 91  ? -12.170 -7.108  10.034  1.00 41.85  ? 184 THR A N   1 
ATOM   702  C CA  . THR A 1 91  ? -12.677 -5.776  9.685   1.00 36.46  ? 184 THR A CA  1 
ATOM   703  C C   . THR A 1 91  ? -13.381 -5.756  8.313   1.00 41.86  ? 184 THR A C   1 
ATOM   704  O O   . THR A 1 91  ? -12.874 -6.253  7.315   1.00 45.21  ? 184 THR A O   1 
ATOM   705  C CB  . THR A 1 91  ? -11.531 -4.771  9.641   1.00 33.65  ? 184 THR A CB  1 
ATOM   706  O OG1 . THR A 1 91  ? -10.756 -4.839  10.869  1.00 36.06  ? 184 THR A OG1 1 
ATOM   707  C CG2 . THR A 1 91  ? -12.027 -3.370  9.400   1.00 32.54  ? 184 THR A CG2 1 
ATOM   708  N N   . LYS A 1 92  ? -14.546 -5.154  8.266   1.00 46.27  ? 185 LYS A N   1 
ATOM   709  C CA  . LYS A 1 92  ? -15.319 -5.072  7.044   1.00 46.14  ? 185 LYS A CA  1 
ATOM   710  C C   . LYS A 1 92  ? -14.859 -3.833  6.324   1.00 40.75  ? 185 LYS A C   1 
ATOM   711  O O   . LYS A 1 92  ? -14.997 -2.736  6.832   1.00 43.26  ? 185 LYS A O   1 
ATOM   712  C CB  . LYS A 1 92  ? -16.843 -5.030  7.381   1.00 51.45  ? 185 LYS A CB  1 
ATOM   713  C CG  . LYS A 1 92  ? -17.406 -6.350  7.959   1.00 54.59  ? 185 LYS A CG  1 
ATOM   714  C CD  . LYS A 1 92  ? -16.779 -7.640  7.377   1.00 55.81  ? 185 LYS A CD  1 
ATOM   715  N N   . PHE A 1 93  ? -14.251 -4.025  5.160   1.00 38.37  ? 186 PHE A N   1 
ATOM   716  C CA  . PHE A 1 93  ? -13.717 -2.952  4.378   1.00 37.42  ? 186 PHE A CA  1 
ATOM   717  C C   . PHE A 1 93  ? -14.683 -2.755  3.239   1.00 41.52  ? 186 PHE A C   1 
ATOM   718  O O   . PHE A 1 93  ? -15.117 -3.728  2.641   1.00 46.22  ? 186 PHE A O   1 
ATOM   719  C CB  . PHE A 1 93  ? -12.366 -3.314  3.824   1.00 32.34  ? 186 PHE A CB  1 
ATOM   720  C CG  . PHE A 1 93  ? -11.314 -3.454  4.882   1.00 32.37  ? 186 PHE A CG  1 
ATOM   721  C CD1 . PHE A 1 93  ? -10.830 -2.337  5.517   1.00 32.04  ? 186 PHE A CD1 1 
ATOM   722  C CD2 . PHE A 1 93  ? -10.855 -4.706  5.267   1.00 29.67  ? 186 PHE A CD2 1 
ATOM   723  C CE1 . PHE A 1 93  ? -9.902  -2.448  6.514   1.00 30.84  ? 186 PHE A CE1 1 
ATOM   724  C CE2 . PHE A 1 93  ? -9.916  -4.834  6.256   1.00 29.53  ? 186 PHE A CE2 1 
ATOM   725  C CZ  . PHE A 1 93  ? -9.415  -3.716  6.866   1.00 29.29  ? 186 PHE A CZ  1 
ATOM   726  N N   . ASN A 1 94  ? -14.992 -1.509  2.936   1.00 45.80  ? 187 ASN A N   1 
ATOM   727  C CA  . ASN A 1 94  ? -15.909 -1.154  1.859   1.00 48.66  ? 187 ASN A CA  1 
ATOM   728  C C   . ASN A 1 94  ? -15.577 0.193   1.252   1.00 42.35  ? 187 ASN A C   1 
ATOM   729  O O   . ASN A 1 94  ? -15.799 1.216   1.871   1.00 45.50  ? 187 ASN A O   1 
ATOM   730  C CB  . ASN A 1 94  ? -17.332 -1.122  2.425   1.00 55.74  ? 187 ASN A CB  1 
ATOM   731  C CG  . ASN A 1 94  ? -17.899 -2.510  2.597   1.00 67.03  ? 187 ASN A CG  1 
ATOM   732  O OD1 . ASN A 1 94  ? -18.125 -2.992  3.728   1.00 69.52  ? 187 ASN A OD1 1 
ATOM   733  N ND2 . ASN A 1 94  ? -18.093 -3.192  1.470   1.00 70.71  ? 187 ASN A ND2 1 
ATOM   734  N N   . PRO A 1 95  ? -15.112 0.213   0.001   1.00 43.70  ? 188 PRO A N   1 
ATOM   735  C CA  . PRO A 1 95  ? -14.790 1.485   -0.616  1.00 41.33  ? 188 PRO A CA  1 
ATOM   736  C C   . PRO A 1 95  ? -16.002 2.367   -0.717  1.00 48.89  ? 188 PRO A C   1 
ATOM   737  O O   . PRO A 1 95  ? -17.140 1.884   -0.821  1.00 46.14  ? 188 PRO A O   1 
ATOM   738  C CB  . PRO A 1 95  ? -14.291 1.092   -1.999  1.00 43.78  ? 188 PRO A CB  1 
ATOM   739  C CG  . PRO A 1 95  ? -15.034 -0.135  -2.262  1.00 47.71  ? 188 PRO A CG  1 
ATOM   740  C CD  . PRO A 1 95  ? -15.109 -0.877  -0.983  1.00 46.23  ? 188 PRO A CD  1 
ATOM   741  N N   . LYS A 1 96  ? -15.745 3.667   -0.636  1.00 52.44  ? 189 LYS A N   1 
ATOM   742  C CA  . LYS A 1 96  ? -16.754 4.659   -0.933  1.00 59.97  ? 189 LYS A CA  1 
ATOM   743  C C   . LYS A 1 96  ? -17.129 4.586   -2.423  1.00 63.91  ? 189 LYS A C   1 
ATOM   744  O O   . LYS A 1 96  ? -18.299 4.631   -2.777  1.00 61.50  ? 189 LYS A O   1 
ATOM   745  C CB  . LYS A 1 96  ? -16.255 6.066   -0.581  1.00 69.23  ? 189 LYS A CB  1 
ATOM   746  C CG  . LYS A 1 96  ? -15.930 6.325   0.921   1.00 77.55  ? 189 LYS A CG  1 
ATOM   747  C CD  . LYS A 1 96  ? -16.887 5.696   1.951   1.00 82.98  ? 189 LYS A CD  1 
ATOM   748  C CE  . LYS A 1 96  ? -16.349 4.402   2.563   1.00 80.88  ? 189 LYS A CE  1 
ATOM   749  N NZ  . LYS A 1 96  ? -17.406 3.406   2.914   1.00 81.94  ? 189 LYS A NZ  1 
ATOM   750  N N   A THR A 1 97  ? -16.088 4.299   -3.199  0.25 62.63  ? 190 THR A N   1 
ATOM   751  N N   B THR A 1 97  ? -16.143 4.547   -3.314  0.25 63.33  ? 190 THR A N   1 
ATOM   752  C CA  A THR A 1 97  ? -15.973 4.530   -4.603  0.25 60.09  ? 190 THR A CA  1 
ATOM   753  C CA  B THR A 1 97  ? -16.428 4.577   -4.758  0.25 61.42  ? 190 THR A CA  1 
ATOM   754  C C   A THR A 1 97  ? -15.795 3.205   -5.368  0.25 57.79  ? 190 THR A C   1 
ATOM   755  C C   B THR A 1 97  ? -15.960 3.298   -5.417  0.25 58.86  ? 190 THR A C   1 
ATOM   756  O O   A THR A 1 97  ? -14.654 2.882   -5.735  0.25 48.91  ? 190 THR A O   1 
ATOM   757  O O   B THR A 1 97  ? -14.765 3.108   -5.705  0.25 51.04  ? 190 THR A O   1 
ATOM   758  C CB  A THR A 1 97  ? -14.676 5.370   -4.787  0.25 60.37  ? 190 THR A CB  1 
ATOM   759  C CB  B THR A 1 97  ? -15.777 5.789   -5.454  0.25 61.72  ? 190 THR A CB  1 
ATOM   760  O OG1 A THR A 1 97  ? -13.591 4.778   -4.041  0.25 51.71  ? 190 THR A OG1 1 
ATOM   761  O OG1 B THR A 1 97  ? -16.095 6.985   -4.729  0.25 67.74  ? 190 THR A OG1 1 
ATOM   762  C CG2 A THR A 1 97  ? -14.861 6.794   -4.266  0.25 60.89  ? 190 THR A CG2 1 
ATOM   763  C CG2 B THR A 1 97  ? -16.281 5.919   -6.870  0.25 57.42  ? 190 THR A CG2 1 
ATOM   764  N N   . ARG A 1 98  ? -16.865 2.433   -5.627  0.50 53.38  ? 191 ARG A N   1 
ATOM   765  C CA  . ARG A 1 98  ? -16.646 1.186   -6.371  0.50 52.34  ? 191 ARG A CA  1 
ATOM   766  C C   . ARG A 1 98  ? -16.482 1.385   -7.885  0.50 48.72  ? 191 ARG A C   1 
ATOM   767  O O   . ARG A 1 98  ? -16.174 0.423   -8.615  0.50 45.07  ? 191 ARG A O   1 
ATOM   768  C CB  . ARG A 1 98  ? -17.639 0.073   -6.001  0.50 53.68  ? 191 ARG A CB  1 
ATOM   769  C CG  . ARG A 1 98  ? -17.176 -0.649  -4.738  0.50 55.42  ? 191 ARG A CG  1 
ATOM   770  C CD  . ARG A 1 98  ? -17.402 -2.158  -4.707  0.50 54.69  ? 191 ARG A CD  1 
ATOM   771  N NE  . ARG A 1 98  ? -16.613 -2.895  -5.698  0.50 51.91  ? 191 ARG A NE  1 
ATOM   772  C CZ  . ARG A 1 98  ? -16.887 -4.145  -6.062  0.50 51.57  ? 191 ARG A CZ  1 
ATOM   773  N NH1 . ARG A 1 98  ? -17.914 -4.771  -5.507  0.50 53.61  ? 191 ARG A NH1 1 
ATOM   774  N NH2 . ARG A 1 98  ? -16.161 -4.772  -6.974  0.50 49.23  ? 191 ARG A NH2 1 
ATOM   775  N N   . ARG A 1 99  ? -16.639 2.630   -8.344  1.00 44.31  ? 192 ARG A N   1 
ATOM   776  C CA  . ARG A 1 99  ? -16.177 3.040   -9.651  1.00 41.54  ? 192 ARG A CA  1 
ATOM   777  C C   . ARG A 1 99  ? -14.666 3.108   -9.706  1.00 37.71  ? 192 ARG A C   1 
ATOM   778  O O   . ARG A 1 99  ? -14.143 3.168   -10.804 1.00 35.08  ? 192 ARG A O   1 
ATOM   779  C CB  . ARG A 1 99  ? -16.798 4.395   -10.109 1.00 50.37  ? 192 ARG A CB  1 
ATOM   780  C CG  . ARG A 1 99  ? -18.285 4.353   -10.495 1.00 54.34  ? 192 ARG A CG  1 
ATOM   781  C CD  . ARG A 1 99  ? -18.806 5.768   -10.822 1.00 61.52  ? 192 ARG A CD  1 
ATOM   782  N NE  . ARG A 1 99  ? -19.705 5.742   -11.973 1.00 72.42  ? 192 ARG A NE  1 
ATOM   783  C CZ  . ARG A 1 99  ? -20.982 5.362   -11.946 1.00 77.40  ? 192 ARG A CZ  1 
ATOM   784  N NH1 . ARG A 1 99  ? -21.579 5.004   -10.810 1.00 85.88  ? 192 ARG A NH1 1 
ATOM   785  N NH2 . ARG A 1 99  ? -21.690 5.370   -13.065 1.00 78.16  ? 192 ARG A NH2 1 
ATOM   786  N N   . GLU A 1 100 ? -13.941 3.104   -8.556  1.00 35.31  ? 193 GLU A N   1 
ATOM   787  C CA  . GLU A 1 100 ? -12.454 3.147   -8.552  1.00 35.41  ? 193 GLU A CA  1 
ATOM   788  C C   . GLU A 1 100 ? -11.773 1.898   -8.021  1.00 29.06  ? 193 GLU A C   1 
ATOM   789  O O   . GLU A 1 100 ? -10.682 1.639   -8.447  1.00 30.92  ? 193 GLU A O   1 
ATOM   790  C CB  . GLU A 1 100 ? -11.954 4.357   -7.779  1.00 43.63  ? 193 GLU A CB  1 
ATOM   791  C CG  . GLU A 1 100 ? -12.761 5.595   -8.162  1.00 58.00  ? 193 GLU A CG  1 
ATOM   792  C CD  . GLU A 1 100 ? -12.267 6.873   -7.507  1.00 65.04  ? 193 GLU A CD  1 
ATOM   793  O OE1 . GLU A 1 100 ? -11.078 7.201   -7.726  1.00 65.90  ? 193 GLU A OE1 1 
ATOM   794  O OE2 . GLU A 1 100 ? -13.076 7.522   -6.787  1.00 69.83  ? 193 GLU A OE2 1 
ATOM   795  N N   . ILE A 1 101 ? -12.457 1.119   -7.172  1.00 25.68  ? 194 ILE A N   1 
ATOM   796  C CA  . ILE A 1 101 ? -11.885 0.002   -6.436  1.00 28.00  ? 194 ILE A CA  1 
ATOM   797  C C   . ILE A 1 101 ? -12.688 -1.275  -6.735  1.00 26.89  ? 194 ILE A C   1 
ATOM   798  O O   . ILE A 1 101 ? -13.907 -1.365  -6.439  1.00 26.25  ? 194 ILE A O   1 
ATOM   799  C CB  . ILE A 1 101 ? -11.843 0.217   -4.895  1.00 29.40  ? 194 ILE A CB  1 
ATOM   800  C CG1 . ILE A 1 101 ? -10.988 1.441   -4.503  1.00 28.42  ? 194 ILE A CG1 1 
ATOM   801  C CG2 . ILE A 1 101 ? -11.350 -1.056  -4.182  1.00 29.66  ? 194 ILE A CG2 1 
ATOM   802  C CD1 . ILE A 1 101 ? -9.555  1.435   -5.012  1.00 29.02  ? 194 ILE A CD1 1 
ATOM   803  N N   . ARG A 1 102 ? -11.998 -2.231  -7.332  1.00 24.81  ? 195 ARG A N   1 
ATOM   804  C CA  . ARG A 1 102 ? -12.588 -3.513  -7.714  1.00 28.81  ? 195 ARG A CA  1 
ATOM   805  C C   . ARG A 1 102 ? -12.720 -4.380  -6.505  1.00 27.63  ? 195 ARG A C   1 
ATOM   806  O O   . ARG A 1 102 ? -13.706 -4.996  -6.317  1.00 30.24  ? 195 ARG A O   1 
ATOM   807  C CB  . ARG A 1 102 ? -11.780 -4.261  -8.790  1.00 26.40  ? 195 ARG A CB  1 
ATOM   808  C CG  . ARG A 1 102 ? -12.588 -5.415  -9.414  1.00 26.21  ? 195 ARG A CG  1 
ATOM   809  C CD  . ARG A 1 102 ? -11.748 -6.375  -10.170 1.00 25.90  ? 195 ARG A CD  1 
ATOM   810  N NE  . ARG A 1 102 ? -11.241 -5.742  -11.364 1.00 29.32  ? 195 ARG A NE  1 
ATOM   811  C CZ  . ARG A 1 102 ? -11.988 -5.627  -12.469 1.00 30.44  ? 195 ARG A CZ  1 
ATOM   812  N NH1 . ARG A 1 102 ? -13.240 -6.103  -12.496 1.00 28.65  ? 195 ARG A NH1 1 
ATOM   813  N NH2 . ARG A 1 102 ? -11.508 -5.023  -13.522 1.00 30.09  ? 195 ARG A NH2 1 
ATOM   814  N N   . ASN A 1 103 ? -11.668 -4.430  -5.703  1.00 30.68  ? 196 ASN A N   1 
ATOM   815  C CA  . ASN A 1 103 ? -11.549 -5.394  -4.666  1.00 28.82  ? 196 ASN A CA  1 
ATOM   816  C C   . ASN A 1 103 ? -10.510 -4.958  -3.633  1.00 28.40  ? 196 ASN A C   1 
ATOM   817  O O   . ASN A 1 103 ? -9.710  -4.082  -3.887  1.00 24.23  ? 196 ASN A O   1 
ATOM   818  C CB  . ASN A 1 103 ? -11.118 -6.725  -5.301  1.00 30.29  ? 196 ASN A CB  1 
ATOM   819  C CG  . ASN A 1 103 ? -11.653 -7.883  -4.529  1.00 36.55  ? 196 ASN A CG  1 
ATOM   820  O OD1 . ASN A 1 103 ? -12.221 -7.694  -3.440  1.00 34.15  ? 196 ASN A OD1 1 
ATOM   821  N ND2 . ASN A 1 103 ? -11.450 -9.091  -5.037  1.00 38.32  ? 196 ASN A ND2 1 
ATOM   822  N N   . ILE A 1 104 ? -10.625 -5.528  -2.449  1.00 27.10  ? 197 ILE A N   1 
ATOM   823  C CA  . ILE A 1 104 ? -9.827  -5.230  -1.275  1.00 27.35  ? 197 ILE A CA  1 
ATOM   824  C C   . ILE A 1 104 ? -9.545  -6.563  -0.622  1.00 26.74  ? 197 ILE A C   1 
ATOM   825  O O   . ILE A 1 104 ? -10.477 -7.253  -0.278  1.00 26.58  ? 197 ILE A O   1 
ATOM   826  C CB  . ILE A 1 104 ? -10.604 -4.389  -0.233  1.00 26.29  ? 197 ILE A CB  1 
ATOM   827  C CG1 . ILE A 1 104 ? -10.994 -3.047  -0.809  1.00 30.20  ? 197 ILE A CG1 1 
ATOM   828  C CG2 . ILE A 1 104 ? -9.749  -4.173  1.019   1.00 26.35  ? 197 ILE A CG2 1 
ATOM   829  C CD1 . ILE A 1 104 ? -12.031 -2.307  -0.020  1.00 33.85  ? 197 ILE A CD1 1 
ATOM   830  N N   . GLU A 1 105 ? -8.287  -6.902  -0.401  1.00 26.86  ? 198 GLU A N   1 
ATOM   831  C CA  . GLU A 1 105 ? -7.924  -8.218  0.145   1.00 25.91  ? 198 GLU A CA  1 
ATOM   832  C C   . GLU A 1 105 ? -6.723  -8.141  1.011   1.00 23.11  ? 198 GLU A C   1 
ATOM   833  O O   . GLU A 1 105 ? -5.811  -7.317  0.765   1.00 24.19  ? 198 GLU A O   1 
ATOM   834  C CB  . GLU A 1 105 ? -7.644  -9.258  -0.934  1.00 28.11  ? 198 GLU A CB  1 
ATOM   835  C CG  . GLU A 1 105 ? -8.869  -9.875  -1.569  1.00 33.31  ? 198 GLU A CG  1 
ATOM   836  C CD  . GLU A 1 105 ? -8.517  -10.778 -2.751  1.00 38.95  ? 198 GLU A CD  1 
ATOM   837  O OE1 . GLU A 1 105 ? -7.421  -11.404 -2.741  1.00 38.26  ? 198 GLU A OE1 1 
ATOM   838  O OE2 . GLU A 1 105 ? -9.367  -10.886 -3.672  1.00 52.13  ? 198 GLU A OE2 1 
ATOM   839  N N   . TRP A 1 106 ? -6.664  -9.081  1.940   1.00 22.41  ? 199 TRP A N   1 
ATOM   840  C CA  . TRP A 1 106 ? -5.451  -9.372  2.702   1.00 25.65  ? 199 TRP A CA  1 
ATOM   841  C C   . TRP A 1 106 ? -4.499  -10.256 1.928   1.00 27.78  ? 199 TRP A C   1 
ATOM   842  O O   . TRP A 1 106 ? -4.928  -11.248 1.347   1.00 31.69  ? 199 TRP A O   1 
ATOM   843  C CB  . TRP A 1 106 ? -5.750  -10.080 4.054   1.00 26.72  ? 199 TRP A CB  1 
ATOM   844  C CG  . TRP A 1 106 ? -6.468  -9.222  5.054   1.00 27.45  ? 199 TRP A CG  1 
ATOM   845  C CD1 . TRP A 1 106 ? -7.814  -9.302  5.384   1.00 30.61  ? 199 TRP A CD1 1 
ATOM   846  C CD2 . TRP A 1 106 ? -5.926  -8.150  5.872   1.00 27.30  ? 199 TRP A CD2 1 
ATOM   847  N NE1 . TRP A 1 106 ? -8.120  -8.337  6.332   1.00 32.13  ? 199 TRP A NE1 1 
ATOM   848  C CE2 . TRP A 1 106 ? -6.990  -7.632  6.651   1.00 28.15  ? 199 TRP A CE2 1 
ATOM   849  C CE3 . TRP A 1 106 ? -4.679  -7.577  6.005   1.00 27.84  ? 199 TRP A CE3 1 
ATOM   850  C CZ2 . TRP A 1 106 ? -6.813  -6.588  7.579   1.00 30.37  ? 199 TRP A CZ2 1 
ATOM   851  C CZ3 . TRP A 1 106 ? -4.481  -6.554  6.937   1.00 28.33  ? 199 TRP A CZ3 1 
ATOM   852  C CH2 . TRP A 1 106 ? -5.548  -6.076  7.727   1.00 32.12  ? 199 TRP A CH2 1 
ATOM   853  N N   . PHE A 1 107 ? -3.209  -9.937  1.971   1.00 26.75  ? 200 PHE A N   1 
ATOM   854  C CA  . PHE A 1 107 ? -2.191  -10.748 1.358   1.00 26.96  ? 200 PHE A CA  1 
ATOM   855  C C   . PHE A 1 107 ? -1.138  -11.025 2.348   1.00 30.38  ? 200 PHE A C   1 
ATOM   856  O O   . PHE A 1 107 ? -0.756  -10.121 3.107   1.00 29.44  ? 200 PHE A O   1 
ATOM   857  C CB  . PHE A 1 107 ? -1.550  -10.117 0.103   1.00 26.11  ? 200 PHE A CB  1 
ATOM   858  C CG  . PHE A 1 107 ? -2.516  -10.002 -1.064  1.00 24.00  ? 200 PHE A CG  1 
ATOM   859  C CD1 . PHE A 1 107 ? -3.404  -8.936  -1.159  1.00 23.94  ? 200 PHE A CD1 1 
ATOM   860  C CD2 . PHE A 1 107 ? -2.617  -11.036 -1.998  1.00 24.87  ? 200 PHE A CD2 1 
ATOM   861  C CE1 . PHE A 1 107 ? -4.315  -8.886  -2.208  1.00 26.77  ? 200 PHE A CE1 1 
ATOM   862  C CE2 . PHE A 1 107 ? -3.556  -10.999 -3.046  1.00 25.41  ? 200 PHE A CE2 1 
ATOM   863  C CZ  . PHE A 1 107 ? -4.377  -9.896  -3.154  1.00 24.52  ? 200 PHE A CZ  1 
ATOM   864  N N   . SER A 1 108 ? -0.608  -12.264 2.278   1.00 25.29  ? 201 SER A N   1 
ATOM   865  C CA  . SER A 1 108 ? 0.514   -12.688 3.096   1.00 28.06  ? 201 SER A CA  1 
ATOM   866  C C   . SER A 1 108 ? 1.758   -11.967 2.652   1.00 25.46  ? 201 SER A C   1 
ATOM   867  O O   . SER A 1 108 ? 2.168   -12.099 1.507   1.00 26.09  ? 201 SER A O   1 
ATOM   868  C CB  . SER A 1 108 ? 0.783   -14.210 2.943   1.00 30.89  ? 201 SER A CB  1 
ATOM   869  O OG  . SER A 1 108 ? 2.074   -14.491 3.380   1.00 33.19  ? 201 SER A OG  1 
ATOM   870  N N   . ILE A 1 109 ? 2.417   -11.299 3.585   1.00 25.58  ? 202 ILE A N   1 
ATOM   871  C CA  . ILE A 1 109 ? 3.669   -10.599 3.295   1.00 32.93  ? 202 ILE A CA  1 
ATOM   872  C C   . ILE A 1 109 ? 4.762   -11.498 2.779   1.00 35.70  ? 202 ILE A C   1 
ATOM   873  O O   . ILE A 1 109 ? 5.497   -11.153 1.838   1.00 32.84  ? 202 ILE A O   1 
ATOM   874  C CB  . ILE A 1 109 ? 4.194   -9.887  4.539   1.00 36.85  ? 202 ILE A CB  1 
ATOM   875  C CG1 . ILE A 1 109 ? 3.319   -8.685  4.852   1.00 44.77  ? 202 ILE A CG1 1 
ATOM   876  C CG2 . ILE A 1 109 ? 5.585   -9.350  4.279   1.00 42.37  ? 202 ILE A CG2 1 
ATOM   877  C CD1 . ILE A 1 109 ? 3.680   -8.026  6.160   1.00 45.62  ? 202 ILE A CD1 1 
ATOM   878  N N   . GLU A 1 110 ? 4.873   -12.686 3.368   1.00 36.49  ? 203 GLU A N   1 
ATOM   879  C CA  . GLU A 1 110 ? 6.010   -13.494 2.997   1.00 38.71  ? 203 GLU A CA  1 
ATOM   880  C C   . GLU A 1 110 ? 5.838   -14.105 1.604   1.00 35.56  ? 203 GLU A C   1 
ATOM   881  O O   . GLU A 1 110 ? 6.803   -14.434 0.954   1.00 37.45  ? 203 GLU A O   1 
ATOM   882  C CB  . GLU A 1 110 ? 6.348   -14.461 4.127   1.00 45.02  ? 203 GLU A CB  1 
ATOM   883  C CG  . GLU A 1 110 ? 5.393   -15.596 4.335   1.00 49.89  ? 203 GLU A CG  1 
ATOM   884  C CD  . GLU A 1 110 ? 5.887   -16.503 5.451   1.00 59.74  ? 203 GLU A CD  1 
ATOM   885  O OE1 . GLU A 1 110 ? 6.657   -16.026 6.315   1.00 68.20  ? 203 GLU A OE1 1 
ATOM   886  O OE2 . GLU A 1 110 ? 5.531   -17.692 5.430   1.00 63.73  ? 203 GLU A OE2 1 
ATOM   887  N N   . LYS A 1 111 ? 4.592   -14.193 1.124   1.00 33.82  ? 204 LYS A N   1 
ATOM   888  C CA  . LYS A 1 111 ? 4.298   -14.652 -0.246  1.00 34.23  ? 204 LYS A CA  1 
ATOM   889  C C   . LYS A 1 111 ? 4.291   -13.564 -1.313  1.00 33.23  ? 204 LYS A C   1 
ATOM   890  O O   . LYS A 1 111 ? 4.288   -13.881 -2.466  1.00 30.27  ? 204 LYS A O   1 
ATOM   891  C CB  . LYS A 1 111 ? 2.923   -15.257 -0.283  1.00 38.65  ? 204 LYS A CB  1 
ATOM   892  C CG  . LYS A 1 111 ? 2.830   -16.488 0.604   1.00 47.74  ? 204 LYS A CG  1 
ATOM   893  C CD  . LYS A 1 111 ? 1.486   -17.143 0.352   1.00 53.21  ? 204 LYS A CD  1 
ATOM   894  C CE  . LYS A 1 111 ? 1.348   -18.419 1.133   1.00 61.47  ? 204 LYS A CE  1 
ATOM   895  N NZ  . LYS A 1 111 ? 0.007   -18.962 0.789   1.00 72.73  ? 204 LYS A NZ  1 
ATOM   896  N N   . LEU A 1 112 ? 4.252   -12.279 -0.942  1.00 33.06  ? 205 LEU A N   1 
ATOM   897  C CA  . LEU A 1 112 ? 4.289   -11.203 -1.948  1.00 28.96  ? 205 LEU A CA  1 
ATOM   898  C C   . LEU A 1 112 ? 5.685   -11.117 -2.484  1.00 33.90  ? 205 LEU A C   1 
ATOM   899  O O   . LEU A 1 112 ? 6.657   -11.358 -1.761  1.00 34.08  ? 205 LEU A O   1 
ATOM   900  C CB  . LEU A 1 112 ? 3.916   -9.843  -1.347  1.00 28.72  ? 205 LEU A CB  1 
ATOM   901  C CG  . LEU A 1 112 ? 2.424   -9.764  -0.982  1.00 27.43  ? 205 LEU A CG  1 
ATOM   902  C CD1 . LEU A 1 112 ? 2.159   -8.517  -0.146  1.00 27.24  ? 205 LEU A CD1 1 
ATOM   903  C CD2 . LEU A 1 112 ? 1.603   -9.729  -2.278  1.00 29.36  ? 205 LEU A CD2 1 
ATOM   904  N N   . PRO A 1 113 ? 5.811   -10.766 -3.768  1.00 34.62  ? 206 PRO A N   1 
ATOM   905  C CA  . PRO A 1 113 ? 7.146   -10.605 -4.344  1.00 35.73  ? 206 PRO A CA  1 
ATOM   906  C C   . PRO A 1 113 ? 7.771   -9.287  -3.865  1.00 37.91  ? 206 PRO A C   1 
ATOM   907  O O   . PRO A 1 113 ? 7.047   -8.328  -3.585  1.00 33.02  ? 206 PRO A O   1 
ATOM   908  C CB  . PRO A 1 113 ? 6.881   -10.587 -5.852  1.00 34.28  ? 206 PRO A CB  1 
ATOM   909  C CG  . PRO A 1 113 ? 5.479   -10.001 -5.942  1.00 37.58  ? 206 PRO A CG  1 
ATOM   910  C CD  . PRO A 1 113 ? 4.728   -10.571 -4.756  1.00 35.99  ? 206 PRO A CD  1 
ATOM   911  N N   . CYS A 1 114 ? 9.083   -9.235  -3.727  1.00 34.83  ? 207 CYS A N   1 
ATOM   912  C CA  . CYS A 1 114 ? 9.717   -7.958  -3.465  1.00 42.48  ? 207 CYS A CA  1 
ATOM   913  C C   . CYS A 1 114 ? 10.537  -7.507  -4.677  1.00 42.28  ? 207 CYS A C   1 
ATOM   914  O O   . CYS A 1 114 ? 11.289  -6.540  -4.595  1.00 42.33  ? 207 CYS A O   1 
ATOM   915  C CB  . CYS A 1 114 ? 10.539  -8.038  -2.223  1.00 44.95  ? 207 CYS A CB  1 
ATOM   916  S SG  . CYS A 1 114 ? 11.862  -9.200  -2.475  1.00 56.26  ? 207 CYS A SG  1 
ATOM   917  N N   . HIS A 1 115 ? 10.327  -8.158  -5.827  1.00 42.73  ? 208 HIS A N   1 
ATOM   918  C CA  . HIS A 1 115 ? 10.900  -7.660  -7.110  1.00 43.83  ? 208 HIS A CA  1 
ATOM   919  C C   . HIS A 1 115 ? 10.085  -8.372  -8.161  1.00 44.62  ? 208 HIS A C   1 
ATOM   920  O O   . HIS A 1 115 ? 9.499   -9.434  -7.862  1.00 42.95  ? 208 HIS A O   1 
ATOM   921  C CB  . HIS A 1 115 ? 12.394  -8.057  -7.197  1.00 42.58  ? 208 HIS A CB  1 
ATOM   922  C CG  . HIS A 1 115 ? 12.593  -9.546  -7.183  1.00 50.38  ? 208 HIS A CG  1 
ATOM   923  N ND1 . HIS A 1 115 ? 12.322  -10.340 -8.286  1.00 51.96  ? 208 HIS A ND1 1 
ATOM   924  C CD2 . HIS A 1 115 ? 12.888  -10.402 -6.174  1.00 47.75  ? 208 HIS A CD2 1 
ATOM   925  C CE1 . HIS A 1 115 ? 12.503  -11.612 -7.971  1.00 46.96  ? 208 HIS A CE1 1 
ATOM   926  N NE2 . HIS A 1 115 ? 12.863  -11.674 -6.704  1.00 46.16  ? 208 HIS A NE2 1 
ATOM   927  N N   . ARG A 1 116 ? 10.002  -7.823  -9.372  0.56 46.49  ? 209 ARG A N   1 
ATOM   928  C CA  . ARG A 1 116 ? 9.435   -8.588  -10.497 0.56 47.36  ? 209 ARG A CA  1 
ATOM   929  C C   . ARG A 1 116 ? 10.495  -9.520  -11.072 0.56 48.23  ? 209 ARG A C   1 
ATOM   930  O O   . ARG A 1 116 ? 11.684  -9.330  -10.852 0.56 46.77  ? 209 ARG A O   1 
ATOM   931  C CB  . ARG A 1 116 ? 8.885   -7.668  -11.568 0.56 47.81  ? 209 ARG A CB  1 
ATOM   932  C CG  . ARG A 1 116 ? 7.613   -6.979  -11.122 0.56 47.41  ? 209 ARG A CG  1 
ATOM   933  C CD  . ARG A 1 116 ? 7.455   -5.628  -11.751 0.56 48.77  ? 209 ARG A CD  1 
ATOM   934  N NE  . ARG A 1 116 ? 6.938   -5.711  -13.110 0.56 51.31  ? 209 ARG A NE  1 
ATOM   935  C CZ  . ARG A 1 116 ? 7.219   -4.868  -14.109 0.56 50.44  ? 209 ARG A CZ  1 
ATOM   936  N NH1 . ARG A 1 116 ? 8.067   -3.847  -13.960 0.56 51.00  ? 209 ARG A NH1 1 
ATOM   937  N NH2 . ARG A 1 116 ? 6.652   -5.065  -15.290 0.56 49.42  ? 209 ARG A NH2 1 
ATOM   938  N N   . ASN A 1 117 ? 10.046  -10.554 -11.771 1.00 51.88  ? 210 ASN A N   1 
ATOM   939  C CA  . ASN A 1 117 ? 10.943  -11.500 -12.429 1.00 55.39  ? 210 ASN A CA  1 
ATOM   940  C C   . ASN A 1 117 ? 11.365  -10.949 -13.751 1.00 54.68  ? 210 ASN A C   1 
ATOM   941  O O   . ASN A 1 117 ? 10.575  -10.293 -14.482 1.00 46.28  ? 210 ASN A O   1 
ATOM   942  C CB  . ASN A 1 117 ? 10.263  -12.851 -12.633 1.00 60.82  ? 210 ASN A CB  1 
ATOM   943  C CG  . ASN A 1 117 ? 9.775   -13.414 -11.342 1.00 58.82  ? 210 ASN A CG  1 
ATOM   944  O OD1 . ASN A 1 117 ? 10.405  -13.211 -10.287 1.00 51.34  ? 210 ASN A OD1 1 
ATOM   945  N ND2 . ASN A 1 117 ? 8.637   -14.064 -11.394 1.00 55.78  ? 210 ASN A ND2 1 
ATOM   946  N N   . ASP A 1 118 ? 12.614  -11.262 -14.079 1.00 60.72  ? 211 ASP A N   1 
ATOM   947  C CA  . ASP A 1 118 ? 13.142  -10.933 -15.386 1.00 62.48  ? 211 ASP A CA  1 
ATOM   948  C C   . ASP A 1 118 ? 12.531  -11.920 -16.412 1.00 64.87  ? 211 ASP A C   1 
ATOM   949  O O   . ASP A 1 118 ? 11.538  -12.641 -16.089 1.00 48.25  ? 211 ASP A O   1 
ATOM   950  C CB  . ASP A 1 118 ? 14.693  -10.772 -15.365 1.00 61.77  ? 211 ASP A CB  1 
ATOM   951  C CG  . ASP A 1 118 ? 15.445  -12.028 -15.016 1.00 62.81  ? 211 ASP A CG  1 
ATOM   952  O OD1 . ASP A 1 118 ? 14.904  -13.170 -15.081 1.00 56.84  ? 211 ASP A OD1 1 
ATOM   953  O OD2 . ASP A 1 118 ? 16.639  -11.829 -14.707 1.00 68.21  ? 211 ASP A OD2 1 
ATOM   954  N N   . MET A 1 119 ? 13.036  -11.857 -17.651 1.00 64.06  ? 212 MET A N   1 
ATOM   955  C CA  . MET A 1 119 ? 12.604  -12.735 -18.748 1.00 67.06  ? 212 MET A CA  1 
ATOM   956  C C   . MET A 1 119 ? 13.821  -13.416 -19.386 1.00 78.67  ? 212 MET A C   1 
ATOM   957  O O   . MET A 1 119 ? 13.805  -13.762 -20.579 1.00 80.66  ? 212 MET A O   1 
ATOM   958  C CB  . MET A 1 119 ? 11.810  -11.898 -19.741 1.00 57.68  ? 212 MET A CB  1 
ATOM   959  C CG  . MET A 1 119 ? 10.580  -11.353 -19.048 1.00 58.46  ? 212 MET A CG  1 
ATOM   960  S SD  . MET A 1 119 ? 9.373   -10.603 -20.101 1.00 59.51  ? 212 MET A SD  1 
ATOM   961  C CE  . MET A 1 119 ? 10.192  -9.047  -20.481 1.00 68.40  ? 212 MET A CE  1 
ATOM   962  N N   . THR A 1 120 ? 14.857  -13.623 -18.557 1.00 82.14  ? 213 THR A N   1 
ATOM   963  C CA  . THR A 1 120 ? 16.101  -14.296 -18.937 1.00 83.45  ? 213 THR A CA  1 
ATOM   964  C C   . THR A 1 120 ? 15.897  -15.760 -19.386 1.00 85.40  ? 213 THR A C   1 
ATOM   965  O O   . THR A 1 120 ? 16.706  -16.247 -20.162 1.00 86.02  ? 213 THR A O   1 
ATOM   966  C CB  . THR A 1 120 ? 17.177  -14.226 -17.813 1.00 84.74  ? 213 THR A CB  1 
ATOM   967  O OG1 . THR A 1 120 ? 16.681  -14.830 -16.611 1.00 95.42  ? 213 THR A OG1 1 
ATOM   968  C CG2 . THR A 1 120 ? 17.603  -12.773 -17.507 1.00 83.79  ? 213 THR A CG2 1 
ATOM   969  N N   . PRO A 1 121 ? 14.822  -16.461 -18.908 1.00 100.87 ? 214 PRO A N   1 
ATOM   970  C CA  . PRO A 1 121 ? 14.421  -17.676 -19.650 1.00 92.81  ? 214 PRO A CA  1 
ATOM   971  C C   . PRO A 1 121 ? 14.171  -17.469 -21.170 1.00 87.33  ? 214 PRO A C   1 
ATOM   972  O O   . PRO A 1 121 ? 14.368  -18.402 -21.941 1.00 83.01  ? 214 PRO A O   1 
ATOM   973  C CB  . PRO A 1 121 ? 13.126  -18.135 -18.925 1.00 94.48  ? 214 PRO A CB  1 
ATOM   974  C CG  . PRO A 1 121 ? 12.803  -17.074 -17.910 1.00 100.34 ? 214 PRO A CG  1 
ATOM   975  C CD  . PRO A 1 121 ? 14.111  -16.398 -17.608 1.00 101.94 ? 214 PRO A CD  1 
ATOM   976  N N   . LYS A 1 122 ? 13.758  -16.273 -21.592 1.00 79.51  ? 215 LYS A N   1 
ATOM   977  C CA  . LYS A 1 122 ? 13.492  -15.963 -23.009 1.00 75.46  ? 215 LYS A CA  1 
ATOM   978  C C   . LYS A 1 122 ? 14.593  -15.078 -23.707 1.00 74.04  ? 215 LYS A C   1 
ATOM   979  O O   . LYS A 1 122 ? 14.370  -14.578 -24.821 1.00 76.44  ? 215 LYS A O   1 
ATOM   980  C CB  . LYS A 1 122 ? 12.104  -15.300 -23.097 1.00 73.79  ? 215 LYS A CB  1 
ATOM   981  C CG  . LYS A 1 122 ? 11.421  -15.384 -24.448 1.00 73.71  ? 215 LYS A CG  1 
ATOM   982  N N   . SER A 1 123 ? 15.767  -14.890 -23.077 1.00 63.56  ? 216 SER A N   1 
ATOM   983  C CA  . SER A 1 123 ? 16.796  -13.949 -23.576 1.00 55.23  ? 216 SER A CA  1 
ATOM   984  C C   . SER A 1 123 ? 16.216  -12.579 -24.029 1.00 48.85  ? 216 SER A C   1 
ATOM   985  O O   . SER A 1 123 ? 16.604  -12.029 -25.050 1.00 47.63  ? 216 SER A O   1 
ATOM   986  C CB  . SER A 1 123 ? 17.563  -14.598 -24.721 1.00 56.01  ? 216 SER A CB  1 
ATOM   987  O OG  . SER A 1 123 ? 18.213  -15.778 -24.303 1.00 60.62  ? 216 SER A OG  1 
ATOM   988  N N   . LYS A 1 124 ? 15.244  -12.075 -23.262 1.00 36.11  ? 217 LYS A N   1 
ATOM   989  C CA  . LYS A 1 124 ? 14.580  -10.866 -23.515 1.00 38.06  ? 217 LYS A CA  1 
ATOM   990  C C   . LYS A 1 124 ? 14.855  -9.920  -22.337 1.00 36.25  ? 217 LYS A C   1 
ATOM   991  O O   . LYS A 1 124 ? 14.901  -10.351 -21.154 1.00 36.49  ? 217 LYS A O   1 
ATOM   992  C CB  . LYS A 1 124 ? 13.090  -11.169 -23.666 1.00 46.17  ? 217 LYS A CB  1 
ATOM   993  C CG  . LYS A 1 124 ? 12.231  -10.031 -24.180 1.00 50.86  ? 217 LYS A CG  1 
ATOM   994  C CD  . LYS A 1 124 ? 10.932  -10.584 -24.768 1.00 56.43  ? 217 LYS A CD  1 
ATOM   995  N N   . LEU A 1 125 ? 15.029  -8.642  -22.654 1.00 32.30  ? 218 LEU A N   1 
ATOM   996  C CA  . LEU A 1 125 ? 15.214  -7.639  -21.605 1.00 34.44  ? 218 LEU A CA  1 
ATOM   997  C C   . LEU A 1 125 ? 13.883  -7.221  -20.993 1.00 30.86  ? 218 LEU A C   1 
ATOM   998  O O   . LEU A 1 125 ? 12.897  -7.055  -21.687 1.00 34.58  ? 218 LEU A O   1 
ATOM   999  C CB  . LEU A 1 125 ? 15.897  -6.364  -22.122 1.00 29.42  ? 218 LEU A CB  1 
ATOM   1000 C CG  . LEU A 1 125 ? 17.261  -6.595  -22.810 1.00 30.44  ? 218 LEU A CG  1 
ATOM   1001 C CD1 . LEU A 1 125 ? 17.935  -5.297  -23.108 1.00 35.17  ? 218 LEU A CD1 1 
ATOM   1002 C CD2 . LEU A 1 125 ? 18.197  -7.479  -22.040 1.00 34.89  ? 218 LEU A CD2 1 
ATOM   1003 N N   . GLY A 1 126 ? 13.975  -6.874  -19.728 1.00 31.23  ? 219 GLY A N   1 
ATOM   1004 C CA  . GLY A 1 126 ? 12.895  -6.185  -19.045 1.00 31.67  ? 219 GLY A CA  1 
ATOM   1005 C C   . GLY A 1 126 ? 12.343  -7.099  -17.973 1.00 31.40  ? 219 GLY A C   1 
ATOM   1006 O O   . GLY A 1 126 ? 12.987  -8.063  -17.543 1.00 33.74  ? 219 GLY A O   1 
ATOM   1007 N N   . LEU A 1 127 ? 11.131  -6.778  -17.554 1.00 35.63  ? 220 LEU A N   1 
ATOM   1008 C CA  . LEU A 1 127 ? 10.458  -7.498  -16.466 1.00 35.36  ? 220 LEU A CA  1 
ATOM   1009 C C   . LEU A 1 127 ? 9.134   -8.088  -16.945 1.00 31.17  ? 220 LEU A C   1 
ATOM   1010 O O   . LEU A 1 127 ? 8.449   -7.446  -17.681 1.00 32.55  ? 220 LEU A O   1 
ATOM   1011 C CB  . LEU A 1 127 ? 10.240  -6.484  -15.314 1.00 34.62  ? 220 LEU A CB  1 
ATOM   1012 C CG  . LEU A 1 127 ? 11.513  -6.059  -14.549 1.00 38.01  ? 220 LEU A CG  1 
ATOM   1013 C CD1 . LEU A 1 127 ? 11.146  -4.962  -13.567 1.00 39.86  ? 220 LEU A CD1 1 
ATOM   1014 C CD2 . LEU A 1 127 ? 12.195  -7.268  -13.856 1.00 40.42  ? 220 LEU A CD2 1 
ATOM   1015 N N   . ALA A 1 128 ? 8.760   -9.266  -16.450 1.00 33.86  ? 221 ALA A N   1 
ATOM   1016 C CA  . ALA A 1 128 ? 7.456   -9.864  -16.693 1.00 38.57  ? 221 ALA A CA  1 
ATOM   1017 C C   . ALA A 1 128 ? 6.398   -9.039  -15.956 1.00 37.78  ? 221 ALA A C   1 
ATOM   1018 O O   . ALA A 1 128 ? 6.674   -8.460  -14.902 1.00 35.57  ? 221 ALA A O   1 
ATOM   1019 C CB  . ALA A 1 128 ? 7.419   -11.307 -16.175 1.00 40.54  ? 221 ALA A CB  1 
ATOM   1020 N N   . PRO A 1 129 ? 5.194   -8.984  -16.501 1.00 42.95  ? 222 PRO A N   1 
ATOM   1021 C CA  . PRO A 1 129 ? 4.105   -8.345  -15.761 1.00 40.36  ? 222 PRO A CA  1 
ATOM   1022 C C   . PRO A 1 129 ? 3.863   -9.029  -14.432 1.00 33.55  ? 222 PRO A C   1 
ATOM   1023 O O   . PRO A 1 129 ? 4.176   -10.223 -14.266 1.00 31.42  ? 222 PRO A O   1 
ATOM   1024 C CB  . PRO A 1 129 ? 2.901   -8.522  -16.700 1.00 42.44  ? 222 PRO A CB  1 
ATOM   1025 C CG  . PRO A 1 129 ? 3.506   -8.661  -18.079 1.00 46.26  ? 222 PRO A CG  1 
ATOM   1026 C CD  . PRO A 1 129 ? 4.713   -9.518  -17.805 1.00 44.72  ? 222 PRO A CD  1 
ATOM   1027 N N   . ASN A 1 130 ? 3.420   -8.232  -13.449 1.00 34.64  ? 223 ASN A N   1 
ATOM   1028 C CA  . ASN A 1 130 ? 3.125   -8.763  -12.118 1.00 32.04  ? 223 ASN A CA  1 
ATOM   1029 C C   . ASN A 1 130 ? 2.022   -7.935  -11.590 1.00 28.26  ? 223 ASN A C   1 
ATOM   1030 O O   . ASN A 1 130 ? 2.089   -6.735  -11.628 1.00 28.41  ? 223 ASN A O   1 
ATOM   1031 C CB  . ASN A 1 130 ? 4.340   -8.686  -11.224 1.00 38.07  ? 223 ASN A CB  1 
ATOM   1032 C CG  . ASN A 1 130 ? 4.168   -9.424  -9.927  1.00 38.91  ? 223 ASN A CG  1 
ATOM   1033 O OD1 . ASN A 1 130 ? 3.402   -9.016  -9.086  1.00 36.20  ? 223 ASN A OD1 1 
ATOM   1034 N ND2 . ASN A 1 130 ? 4.848   -10.533 -9.777  1.00 41.00  ? 223 ASN A ND2 1 
ATOM   1035 N N   . LYS A 1 131 ? 0.956   -8.579  -11.150 1.00 27.62  ? 224 LYS A N   1 
ATOM   1036 C CA  . LYS A 1 131 ? -0.211  -7.845  -10.680 1.00 28.76  ? 224 LYS A CA  1 
ATOM   1037 C C   . LYS A 1 131 ? 0.068   -7.071  -9.369  1.00 25.15  ? 224 LYS A C   1 
ATOM   1038 O O   . LYS A 1 131 ? -0.714  -6.232  -8.997  1.00 27.29  ? 224 LYS A O   1 
ATOM   1039 C CB  . LYS A 1 131 ? -1.426  -8.754  -10.510 1.00 29.25  ? 224 LYS A CB  1 
ATOM   1040 C CG  . LYS A 1 131 ? -1.154  -9.901  -9.553  1.00 31.61  ? 224 LYS A CG  1 
ATOM   1041 C CD  . LYS A 1 131 ? -2.461  -10.594 -9.293  1.00 34.75  ? 224 LYS A CD  1 
ATOM   1042 C CE  . LYS A 1 131 ? -2.311  -11.709 -8.276  1.00 39.01  ? 224 LYS A CE  1 
ATOM   1043 N NZ  . LYS A 1 131 ? -3.663  -12.377 -8.181  1.00 42.90  ? 224 LYS A NZ  1 
ATOM   1044 N N   . PHE A 1 132 ? 1.187   -7.353  -8.699  1.00 24.32  ? 225 PHE A N   1 
ATOM   1045 C CA  . PHE A 1 132 ? 1.577   -6.600  -7.512  1.00 27.43  ? 225 PHE A CA  1 
ATOM   1046 C C   . PHE A 1 132 ? 2.593   -5.464  -7.778  1.00 27.93  ? 225 PHE A C   1 
ATOM   1047 O O   . PHE A 1 132 ? 3.178   -4.950  -6.820  1.00 26.17  ? 225 PHE A O   1 
ATOM   1048 C CB  . PHE A 1 132 ? 2.156   -7.566  -6.517  1.00 23.89  ? 225 PHE A CB  1 
ATOM   1049 C CG  . PHE A 1 132 ? 1.197   -8.605  -6.111  1.00 26.82  ? 225 PHE A CG  1 
ATOM   1050 C CD1 . PHE A 1 132 ? 0.087   -8.254  -5.325  1.00 26.36  ? 225 PHE A CD1 1 
ATOM   1051 C CD2 . PHE A 1 132 ? 1.383   -9.923  -6.460  1.00 29.61  ? 225 PHE A CD2 1 
ATOM   1052 C CE1 . PHE A 1 132 ? -0.805  -9.192  -4.922  1.00 26.44  ? 225 PHE A CE1 1 
ATOM   1053 C CE2 . PHE A 1 132 ? 0.468   -10.882 -6.050  1.00 30.90  ? 225 PHE A CE2 1 
ATOM   1054 C CZ  . PHE A 1 132 ? -0.620  -10.504 -5.298  1.00 29.90  ? 225 PHE A CZ  1 
ATOM   1055 N N   . PHE A 1 133 ? 2.767   -5.089  -9.053  0.56 28.21  ? 226 PHE A N   1 
ATOM   1056 C CA  . PHE A 1 133 ? 3.704   -4.031  -9.487  0.56 29.31  ? 226 PHE A CA  1 
ATOM   1057 C C   . PHE A 1 133 ? 3.779   -2.833  -8.540  0.56 28.47  ? 226 PHE A C   1 
ATOM   1058 O O   . PHE A 1 133 ? 4.866   -2.446  -8.128  0.56 28.07  ? 226 PHE A O   1 
ATOM   1059 C CB  . PHE A 1 133 ? 3.325   -3.541  -10.900 0.56 31.82  ? 226 PHE A CB  1 
ATOM   1060 C CG  . PHE A 1 133 ? 4.197   -2.420  -11.428 0.56 33.94  ? 226 PHE A CG  1 
ATOM   1061 C CD1 . PHE A 1 133 ? 5.556   -2.623  -11.641 0.56 38.00  ? 226 PHE A CD1 1 
ATOM   1062 C CD2 . PHE A 1 133 ? 3.667   -1.181  -11.733 0.56 36.69  ? 226 PHE A CD2 1 
ATOM   1063 C CE1 . PHE A 1 133 ? 6.381   -1.612  -12.132 0.56 37.86  ? 226 PHE A CE1 1 
ATOM   1064 C CE2 . PHE A 1 133 ? 4.486   -0.161  -12.233 0.56 38.98  ? 226 PHE A CE2 1 
ATOM   1065 C CZ  . PHE A 1 133 ? 5.839   -0.375  -12.424 0.56 38.12  ? 226 PHE A CZ  1 
ATOM   1066 N N   . MET A 1 134 ? 2.637   -2.252  -8.199  0.56 28.05  ? 227 MET A N   1 
ATOM   1067 C CA  . MET A 1 134 ? 2.635   -1.054  -7.347  0.56 29.69  ? 227 MET A CA  1 
ATOM   1068 C C   . MET A 1 134 ? 2.991   -1.311  -5.888  0.56 29.18  ? 227 MET A C   1 
ATOM   1069 O O   . MET A 1 134 ? 3.516   -0.425  -5.227  0.56 29.66  ? 227 MET A O   1 
ATOM   1070 C CB  . MET A 1 134 ? 1.309   -0.318  -7.439  0.56 31.99  ? 227 MET A CB  1 
ATOM   1071 C CG  . MET A 1 134 ? 1.130   0.399   -8.761  0.56 35.03  ? 227 MET A CG  1 
ATOM   1072 S SD  . MET A 1 134 ? 2.094   1.906   -8.892  0.56 38.76  ? 227 MET A SD  1 
ATOM   1073 C CE  . MET A 1 134 ? 3.313   1.458   -10.061 0.56 38.48  ? 227 MET A CE  1 
ATOM   1074 N N   . ALA A 1 135 ? 2.721   -2.510  -5.382  1.00 29.18  ? 228 ALA A N   1 
ATOM   1075 C CA  . ALA A 1 135 ? 3.128   -2.856  -4.004  1.00 27.63  ? 228 ALA A CA  1 
ATOM   1076 C C   . ALA A 1 135 ? 4.568   -3.183  -3.849  1.00 26.73  ? 228 ALA A C   1 
ATOM   1077 O O   . ALA A 1 135 ? 5.185   -2.890  -2.811  1.00 23.87  ? 228 ALA A O   1 
ATOM   1078 C CB  . ALA A 1 135 ? 2.331   -3.992  -3.514  1.00 24.60  ? 228 ALA A CB  1 
ATOM   1079 N N   . ILE A 1 136 ? 5.127   -3.821  -4.884  1.00 26.16  ? 229 ILE A N   1 
ATOM   1080 C CA  . ILE A 1 136 ? 6.439   -4.408  -4.808  1.00 24.58  ? 229 ILE A CA  1 
ATOM   1081 C C   . ILE A 1 136 ? 7.533   -3.549  -4.218  1.00 23.33  ? 229 ILE A C   1 
ATOM   1082 O O   . ILE A 1 136 ? 8.324   -4.018  -3.379  1.00 25.00  ? 229 ILE A O   1 
ATOM   1083 C CB  . ILE A 1 136 ? 6.815   -4.957  -6.204  1.00 28.19  ? 229 ILE A CB  1 
ATOM   1084 C CG1 . ILE A 1 136 ? 6.187   -6.353  -6.315  1.00 29.48  ? 229 ILE A CG1 1 
ATOM   1085 C CG2 . ILE A 1 136 ? 8.321   -4.990  -6.435  1.00 28.61  ? 229 ILE A CG2 1 
ATOM   1086 C CD1 . ILE A 1 136 ? 6.193   -6.878  -7.752  1.00 32.01  ? 229 ILE A CD1 1 
ATOM   1087 N N   . PRO A 1 137 ? 7.628   -2.292  -4.637  1.00 28.12  ? 230 PRO A N   1 
ATOM   1088 C CA  . PRO A 1 137 ? 8.746   -1.445  -4.136  1.00 29.24  ? 230 PRO A CA  1 
ATOM   1089 C C   . PRO A 1 137 ? 8.744   -1.235  -2.620  1.00 28.85  ? 230 PRO A C   1 
ATOM   1090 O O   . PRO A 1 137 ? 9.781   -0.917  -2.053  1.00 30.60  ? 230 PRO A O   1 
ATOM   1091 C CB  . PRO A 1 137 ? 8.515   -0.100  -4.821  1.00 31.44  ? 230 PRO A CB  1 
ATOM   1092 C CG  . PRO A 1 137 ? 7.639   -0.377  -5.976  1.00 32.58  ? 230 PRO A CG  1 
ATOM   1093 C CD  . PRO A 1 137 ? 6.821   -1.596  -5.647  1.00 29.20  ? 230 PRO A CD  1 
ATOM   1094 N N   . PHE A 1 138 ? 7.601   -1.423  -1.957  1.00 25.93  ? 231 PHE A N   1 
ATOM   1095 C CA  . PHE A 1 138 ? 7.510   -1.238  -0.521  1.00 24.88  ? 231 PHE A CA  1 
ATOM   1096 C C   . PHE A 1 138 ? 7.776   -2.518  0.293   1.00 25.96  ? 231 PHE A C   1 
ATOM   1097 O O   . PHE A 1 138 ? 7.895   -2.428  1.494   1.00 25.29  ? 231 PHE A O   1 
ATOM   1098 C CB  . PHE A 1 138 ? 6.096   -0.720  -0.172  1.00 25.35  ? 231 PHE A CB  1 
ATOM   1099 C CG  . PHE A 1 138 ? 5.800   0.654   -0.739  1.00 29.69  ? 231 PHE A CG  1 
ATOM   1100 C CD1 . PHE A 1 138 ? 6.116   1.804   -0.012  1.00 27.64  ? 231 PHE A CD1 1 
ATOM   1101 C CD2 . PHE A 1 138 ? 5.249   0.797   -2.012  1.00 28.25  ? 231 PHE A CD2 1 
ATOM   1102 C CE1 . PHE A 1 138 ? 5.869   3.039   -0.552  1.00 28.74  ? 231 PHE A CE1 1 
ATOM   1103 C CE2 . PHE A 1 138 ? 4.976   2.040   -2.523  1.00 32.18  ? 231 PHE A CE2 1 
ATOM   1104 C CZ  . PHE A 1 138 ? 5.306   3.153   -1.790  1.00 29.69  ? 231 PHE A CZ  1 
ATOM   1105 N N   . ILE A 1 139 ? 7.820   -3.688  -0.327  1.00 24.78  ? 232 ILE A N   1 
ATOM   1106 C CA  . ILE A 1 139 ? 7.799   -4.931  0.395   1.00 26.54  ? 232 ILE A CA  1 
ATOM   1107 C C   . ILE A 1 139 ? 9.130   -5.193  1.154   1.00 32.91  ? 232 ILE A C   1 
ATOM   1108 O O   . ILE A 1 139 ? 9.121   -5.547  2.312   1.00 28.45  ? 232 ILE A O   1 
ATOM   1109 C CB  . ILE A 1 139 ? 7.461   -6.107  -0.518  1.00 27.83  ? 232 ILE A CB  1 
ATOM   1110 C CG1 . ILE A 1 139 ? 6.053   -5.998  -1.085  1.00 29.28  ? 232 ILE A CG1 1 
ATOM   1111 C CG2 . ILE A 1 139 ? 7.604   -7.412  0.211   1.00 31.44  ? 232 ILE A CG2 1 
ATOM   1112 C CD1 . ILE A 1 139 ? 4.911   -5.788  -0.081  1.00 28.64  ? 232 ILE A CD1 1 
ATOM   1113 N N   . ARG A 1 140 ? 10.267  -5.010  0.506   1.00 33.28  ? 233 ARG A N   1 
ATOM   1114 C CA  . ARG A 1 140 ? 11.519  -5.160  1.209   1.00 33.33  ? 233 ARG A CA  1 
ATOM   1115 C C   . ARG A 1 140 ? 11.687  -4.094  2.324   1.00 30.08  ? 233 ARG A C   1 
ATOM   1116 O O   . ARG A 1 140 ? 12.039  -4.446  3.451   1.00 31.32  ? 233 ARG A O   1 
ATOM   1117 C CB  . ARG A 1 140 ? 12.693  -5.169  0.217   1.00 38.07  ? 233 ARG A CB  1 
ATOM   1118 C CG  . ARG A 1 140 ? 14.084  -5.151  0.822   1.00 45.92  ? 233 ARG A CG  1 
ATOM   1119 C CD  . ARG A 1 140 ? 14.259  -6.268  1.819   1.00 56.62  ? 233 ARG A CD  1 
ATOM   1120 N NE  . ARG A 1 140 ? 13.688  -7.540  1.343   1.00 67.73  ? 233 ARG A NE  1 
ATOM   1121 C CZ  . ARG A 1 140 ? 13.519  -8.615  2.115   1.00 77.62  ? 233 ARG A CZ  1 
ATOM   1122 N NH1 . ARG A 1 140 ? 13.876  -8.614  3.418   1.00 76.44  ? 233 ARG A NH1 1 
ATOM   1123 N NH2 . ARG A 1 140 ? 12.995  -9.707  1.573   1.00 79.75  ? 233 ARG A NH2 1 
ATOM   1124 N N   . PRO A 1 141 ? 11.451  -2.802  2.029   1.00 29.61  ? 234 PRO A N   1 
ATOM   1125 C CA  . PRO A 1 141 ? 11.520  -1.848  3.111   1.00 31.11  ? 234 PRO A CA  1 
ATOM   1126 C C   . PRO A 1 141 ? 10.538  -2.150  4.265   1.00 31.72  ? 234 PRO A C   1 
ATOM   1127 O O   . PRO A 1 141 ? 10.833  -1.885  5.455   1.00 30.47  ? 234 PRO A O   1 
ATOM   1128 C CB  . PRO A 1 141 ? 11.191  -0.509  2.425   1.00 33.12  ? 234 PRO A CB  1 
ATOM   1129 C CG  . PRO A 1 141 ? 11.555  -0.713  1.046   1.00 33.27  ? 234 PRO A CG  1 
ATOM   1130 C CD  . PRO A 1 141 ? 11.393  -2.150  0.720   1.00 30.44  ? 234 PRO A CD  1 
ATOM   1131 N N   . LEU A 1 142 ? 9.369   -2.664  3.954   1.00 28.97  ? 235 LEU A N   1 
ATOM   1132 C CA  . LEU A 1 142 ? 8.431   -2.994  5.035   1.00 29.45  ? 235 LEU A CA  1 
ATOM   1133 C C   . LEU A 1 142 ? 8.947   -4.162  5.858   1.00 30.42  ? 235 LEU A C   1 
ATOM   1134 O O   . LEU A 1 142 ? 8.833   -4.136  7.065   1.00 28.50  ? 235 LEU A O   1 
ATOM   1135 C CB  . LEU A 1 142 ? 7.017   -3.300  4.497   1.00 28.77  ? 235 LEU A CB  1 
ATOM   1136 C CG  . LEU A 1 142 ? 6.043   -3.928  5.488   1.00 26.51  ? 235 LEU A CG  1 
ATOM   1137 C CD1 . LEU A 1 142 ? 5.635   -2.875  6.538   1.00 25.93  ? 235 LEU A CD1 1 
ATOM   1138 C CD2 . LEU A 1 142 ? 4.848   -4.500  4.730   1.00 25.59  ? 235 LEU A CD2 1 
ATOM   1139 N N   . ARG A 1 143 ? 9.470   -5.194  5.200   1.00 30.34  ? 236 ARG A N   1 
ATOM   1140 C CA  . ARG A 1 143 ? 10.043  -6.321  5.931   1.00 31.67  ? 236 ARG A CA  1 
ATOM   1141 C C   . ARG A 1 143 ? 11.184  -5.833  6.845   1.00 32.07  ? 236 ARG A C   1 
ATOM   1142 O O   . ARG A 1 143 ? 11.212  -6.194  8.013   1.00 31.49  ? 236 ARG A O   1 
ATOM   1143 C CB  . ARG A 1 143 ? 10.546  -7.399  5.007   1.00 31.34  ? 236 ARG A CB  1 
ATOM   1144 C CG  . ARG A 1 143 ? 9.447   -8.143  4.291   1.00 33.74  ? 236 ARG A CG  1 
ATOM   1145 C CD  . ARG A 1 143 ? 10.028  -9.139  3.309   1.00 39.94  ? 236 ARG A CD  1 
ATOM   1146 N NE  . ARG A 1 143 ? 8.946   -9.851  2.621   1.00 45.09  ? 236 ARG A NE  1 
ATOM   1147 C CZ  . ARG A 1 143 ? 9.001   -10.399 1.387   1.00 50.01  ? 236 ARG A CZ  1 
ATOM   1148 N NH1 . ARG A 1 143 ? 10.107  -10.314 0.629   1.00 43.45  ? 236 ARG A NH1 1 
ATOM   1149 N NH2 . ARG A 1 143 ? 7.909   -11.022 0.893   1.00 42.45  ? 236 ARG A NH2 1 
ATOM   1150 N N   . ASP A 1 144 ? 12.055  -4.966  6.340   1.00 35.22  ? 237 ASP A N   1 
ATOM   1151 C CA  . ASP A 1 144 ? 13.179  -4.460  7.125   1.00 37.68  ? 237 ASP A CA  1 
ATOM   1152 C C   . ASP A 1 144 ? 12.721  -3.567  8.247   1.00 38.53  ? 237 ASP A C   1 
ATOM   1153 O O   . ASP A 1 144 ? 13.299  -3.578  9.301   1.00 40.56  ? 237 ASP A O   1 
ATOM   1154 C CB  . ASP A 1 144 ? 14.183  -3.677  6.249   1.00 39.39  ? 237 ASP A CB  1 
ATOM   1155 C CG  . ASP A 1 144 ? 14.931  -4.586  5.235   1.00 44.66  ? 237 ASP A CG  1 
ATOM   1156 O OD1 . ASP A 1 144 ? 14.859  -5.843  5.338   1.00 47.55  ? 237 ASP A OD1 1 
ATOM   1157 O OD2 . ASP A 1 144 ? 15.514  -4.030  4.275   1.00 52.82  ? 237 ASP A OD2 1 
ATOM   1158 N N   . TRP A 1 145 ? 11.690  -2.777  8.008   1.00 37.48  ? 238 TRP A N   1 
ATOM   1159 C CA  . TRP A 1 145 ? 11.081  -1.973  9.053   1.00 36.31  ? 238 TRP A CA  1 
ATOM   1160 C C   . TRP A 1 145 ? 10.390  -2.803  10.134  1.00 36.21  ? 238 TRP A C   1 
ATOM   1161 O O   . TRP A 1 145 ? 10.533  -2.486  11.328  1.00 40.94  ? 238 TRP A O   1 
ATOM   1162 C CB  . TRP A 1 145 ? 10.112  -0.964  8.429   1.00 36.97  ? 238 TRP A CB  1 
ATOM   1163 C CG  . TRP A 1 145 ? 9.589   0.124   9.317   1.00 36.13  ? 238 TRP A CG  1 
ATOM   1164 C CD1 . TRP A 1 145 ? 9.964   1.447   9.307   1.00 35.02  ? 238 TRP A CD1 1 
ATOM   1165 C CD2 . TRP A 1 145 ? 8.540   0.010   10.269  1.00 35.62  ? 238 TRP A CD2 1 
ATOM   1166 N NE1 . TRP A 1 145 ? 9.218   2.157   10.201  1.00 38.18  ? 238 TRP A NE1 1 
ATOM   1167 C CE2 . TRP A 1 145 ? 8.338   1.297   10.818  1.00 38.35  ? 238 TRP A CE2 1 
ATOM   1168 C CE3 . TRP A 1 145 ? 7.724   -1.047  10.699  1.00 33.03  ? 238 TRP A CE3 1 
ATOM   1169 C CZ2 . TRP A 1 145 ? 7.366   1.540   11.785  1.00 36.81  ? 238 TRP A CZ2 1 
ATOM   1170 C CZ3 . TRP A 1 145 ? 6.739   -0.801  11.637  1.00 32.96  ? 238 TRP A CZ3 1 
ATOM   1171 C CH2 . TRP A 1 145 ? 6.607   0.458   12.218  1.00 33.70  ? 238 TRP A CH2 1 
ATOM   1172 N N   . LEU A 1 146 ? 9.661   -3.858  9.770   1.00 33.50  ? 239 LEU A N   1 
ATOM   1173 C CA  . LEU A 1 146 ? 9.045   -4.725  10.842  1.00 34.76  ? 239 LEU A CA  1 
ATOM   1174 C C   . LEU A 1 146 ? 10.096  -5.469  11.711  1.00 37.52  ? 239 LEU A C   1 
ATOM   1175 O O   . LEU A 1 146 ? 9.881   -5.675  12.903  1.00 38.59  ? 239 LEU A O   1 
ATOM   1176 C CB  . LEU A 1 146 ? 8.096   -5.729  10.280  1.00 29.69  ? 239 LEU A CB  1 
ATOM   1177 C CG  . LEU A 1 146 ? 6.882   -5.145  9.507   1.00 28.87  ? 239 LEU A CG  1 
ATOM   1178 C CD1 . LEU A 1 146 ? 6.210   -6.190  8.619   1.00 26.80  ? 239 LEU A CD1 1 
ATOM   1179 C CD2 . LEU A 1 146 ? 5.929   -4.565  10.538  1.00 30.97  ? 239 LEU A CD2 1 
ATOM   1180 N N   . SER A 1 147 ? 11.185  -5.893  11.086  1.00 40.62  ? 240 SER A N   1 
ATOM   1181 C CA  . SER A 1 147 ? 12.367  -6.459  11.789  1.00 44.75  ? 240 SER A CA  1 
ATOM   1182 C C   . SER A 1 147 ? 12.957  -5.528  12.825  1.00 41.98  ? 240 SER A C   1 
ATOM   1183 O O   . SER A 1 147 ? 13.094  -5.921  13.948  1.00 47.68  ? 240 SER A O   1 
ATOM   1184 C CB  . SER A 1 147 ? 13.474  -6.796  10.803  1.00 45.00  ? 240 SER A CB  1 
ATOM   1185 O OG  . SER A 1 147 ? 13.039  -7.871  10.034  1.00 58.84  ? 240 SER A OG  1 
ATOM   1186 N N   . ARG A 1 148 ? 13.283  -4.296  12.443  1.00 44.09  ? 241 ARG A N   1 
ATOM   1187 C CA  . ARG A 1 148 ? 13.753  -3.309  13.383  1.00 51.36  ? 241 ARG A CA  1 
ATOM   1188 C C   . ARG A 1 148 ? 12.733  -2.949  14.524  1.00 62.84  ? 241 ARG A C   1 
ATOM   1189 O O   . ARG A 1 148 ? 13.094  -2.978  15.713  1.00 68.23  ? 241 ARG A O   1 
ATOM   1190 C CB  . ARG A 1 148 ? 14.240  -2.036  12.663  1.00 54.37  ? 241 ARG A CB  1 
ATOM   1191 C CG  . ARG A 1 148 ? 15.434  -2.214  11.726  1.00 55.18  ? 241 ARG A CG  1 
ATOM   1192 N N   . ARG A 1 149 ? 11.494  -2.632  14.147  0.50 62.13  ? 242 ARG A N   1 
ATOM   1193 C CA  . ARG A 1 149 ? 10.472  -2.184  15.098  0.50 62.03  ? 242 ARG A CA  1 
ATOM   1194 C C   . ARG A 1 149 ? 9.918   -3.267  16.020  0.50 63.37  ? 242 ARG A C   1 
ATOM   1195 O O   . ARG A 1 149 ? 9.569   -2.969  17.162  0.50 68.84  ? 242 ARG A O   1 
ATOM   1196 C CB  . ARG A 1 149 ? 9.302   -1.553  14.357  0.50 64.02  ? 242 ARG A CB  1 
ATOM   1197 C CG  . ARG A 1 149 ? 8.019   -1.540  15.174  0.50 64.79  ? 242 ARG A CG  1 
ATOM   1198 C CD  . ARG A 1 149 ? 8.120   -0.627  16.379  0.50 64.45  ? 242 ARG A CD  1 
ATOM   1199 N NE  . ARG A 1 149 ? 8.617   0.693   16.013  0.50 64.99  ? 242 ARG A NE  1 
ATOM   1200 C CZ  . ARG A 1 149 ? 7.836   1.733   15.767  0.50 62.48  ? 242 ARG A CZ  1 
ATOM   1201 N NH1 . ARG A 1 149 ? 8.375   2.899   15.443  0.50 65.42  ? 242 ARG A NH1 1 
ATOM   1202 N NH2 . ARG A 1 149 ? 6.519   1.600   15.852  0.50 59.85  ? 242 ARG A NH2 1 
ATOM   1203 N N   . PHE A 1 150 ? 9.827   -4.503  15.533  1.00 63.02  ? 243 PHE A N   1 
ATOM   1204 C CA  . PHE A 1 150 ? 9.258   -5.630  16.312  1.00 58.33  ? 243 PHE A CA  1 
ATOM   1205 C C   . PHE A 1 150 ? 10.276  -6.731  16.623  1.00 69.53  ? 243 PHE A C   1 
ATOM   1206 O O   . PHE A 1 150 ? 10.511  -7.036  17.791  1.00 88.86  ? 243 PHE A O   1 
ATOM   1207 C CB  . PHE A 1 150 ? 8.048   -6.221  15.583  1.00 52.88  ? 243 PHE A CB  1 
ATOM   1208 C CG  . PHE A 1 150 ? 6.876   -5.271  15.483  1.00 59.98  ? 243 PHE A CG  1 
ATOM   1209 C CD1 . PHE A 1 150 ? 5.966   -5.142  16.537  1.00 64.31  ? 243 PHE A CD1 1 
ATOM   1210 C CD2 . PHE A 1 150 ? 6.667   -4.508  14.349  1.00 52.06  ? 243 PHE A CD2 1 
ATOM   1211 C CE1 . PHE A 1 150 ? 4.888   -4.256  16.461  1.00 61.71  ? 243 PHE A CE1 1 
ATOM   1212 C CE2 . PHE A 1 150 ? 5.604   -3.608  14.283  1.00 55.60  ? 243 PHE A CE2 1 
ATOM   1213 C CZ  . PHE A 1 150 ? 4.718   -3.477  15.336  1.00 58.84  ? 243 PHE A CZ  1 
ATOM   1214 N N   . GLY A 1 151 ? 10.839  -7.358  15.590  1.00 81.91  ? 244 GLY A N   1 
ATOM   1215 C CA  . GLY A 1 151 ? 11.833  -8.432  15.750  1.00 76.98  ? 244 GLY A CA  1 
ATOM   1216 C C   . GLY A 1 151 ? 11.237  -9.713  16.291  1.00 82.31  ? 244 GLY A C   1 
ATOM   1217 O O   . GLY A 1 151 ? 11.481  -10.793 15.756  1.00 90.55  ? 244 GLY A O   1 
HETATM 1218 C C1  . EDO B 2 .   ? -11.017 10.520  6.691   1.00 66.72  ? 301 EDO A C1  1 
HETATM 1219 O O1  . EDO B 2 .   ? -12.433 10.297  6.545   1.00 69.33  ? 301 EDO A O1  1 
HETATM 1220 C C2  . EDO B 2 .   ? -10.598 9.946   8.038   1.00 67.54  ? 301 EDO A C2  1 
HETATM 1221 O O2  . EDO B 2 .   ? -9.969  10.936  8.875   1.00 70.84  ? 301 EDO A O2  1 
HETATM 1222 C C1  . EDO C 2 .   ? -0.811  -7.927  -14.314 1.00 73.35  ? 302 EDO A C1  1 
HETATM 1223 O O1  . EDO C 2 .   ? 0.151   -6.851  -14.230 1.00 72.26  ? 302 EDO A O1  1 
HETATM 1224 C C2  . EDO C 2 .   ? -0.357  -9.128  -15.152 1.00 67.30  ? 302 EDO A C2  1 
HETATM 1225 O O2  . EDO C 2 .   ? 0.273   -10.162 -14.375 1.00 73.72  ? 302 EDO A O2  1 
HETATM 1226 S S   . DMS D 3 .   ? -5.082  -13.844 4.457   1.00 81.65  ? 303 DMS A S   1 
HETATM 1227 O O   . DMS D 3 .   ? -4.058  -13.693 3.421   1.00 71.30  ? 303 DMS A O   1 
HETATM 1228 C C1  . DMS D 3 .   ? -6.532  -14.441 3.771   1.00 69.77  ? 303 DMS A C1  1 
HETATM 1229 C C2  . DMS D 3 .   ? -4.601  -15.131 5.474   1.00 78.92  ? 303 DMS A C2  1 
HETATM 1230 C C   . ACT E 4 .   ? -7.947  -5.068  -16.905 1.00 56.24  ? 304 ACT A C   1 
HETATM 1231 O O   . ACT E 4 .   ? -7.729  -5.624  -15.840 1.00 68.38  ? 304 ACT A O   1 
HETATM 1232 O OXT . ACT E 4 .   ? -7.869  -3.823  -16.956 1.00 50.42  ? 304 ACT A OXT 1 
HETATM 1233 C CH3 . ACT E 4 .   ? -8.306  -5.958  -18.087 1.00 61.74  ? 304 ACT A CH3 1 
HETATM 1234 C C   . ACT F 4 .   ? 3.017   -4.311  -14.772 1.00 56.24  ? 305 ACT A C   1 
HETATM 1235 O O   . ACT F 4 .   ? 3.565   -5.300  -14.225 1.00 48.54  ? 305 ACT A O   1 
HETATM 1236 O OXT . ACT F 4 .   ? 1.781   -4.315  -14.983 1.00 70.00  ? 305 ACT A OXT 1 
HETATM 1237 C CH3 . ACT F 4 .   ? 3.838   -3.124  -15.213 1.00 55.33  ? 305 ACT A CH3 1 
HETATM 1238 N N1  . LEY G 5 .   ? -1.534  -0.078  -10.666 0.56 58.39  ? 306 LEY A N1  1 
HETATM 1239 N N3  . LEY G 5 .   ? -3.204  0.326   -8.375  0.56 53.37  ? 306 LEY A N3  1 
HETATM 1240 C C4  . LEY G 5 .   ? -0.820  0.127   -11.777 0.56 59.07  ? 306 LEY A C4  1 
HETATM 1241 C C5  . LEY G 5 .   ? -1.721  1.169   -10.075 0.56 58.10  ? 306 LEY A C5  1 
HETATM 1242 C C6  . LEY G 5 .   ? -1.080  2.104   -10.837 0.56 56.84  ? 306 LEY A C6  1 
HETATM 1243 C C7  . LEY G 5 .   ? -2.441  1.346   -8.799  0.56 58.83  ? 306 LEY A C7  1 
HETATM 1244 C C8  . LEY G 5 .   ? -3.669  0.232   -6.994  0.56 51.97  ? 306 LEY A C8  1 
HETATM 1245 C C10 . LEY G 5 .   ? -5.938  1.293   -7.247  0.56 47.24  ? 306 LEY A C10 1 
HETATM 1246 C C13 . LEY G 5 .   ? -5.377  3.203   -5.337  0.56 50.16  ? 306 LEY A C13 1 
HETATM 1247 C C1  . LEY G 5 .   ? -0.415  -0.505  -14.179 0.56 64.80  ? 306 LEY A C1  1 
HETATM 1248 C C11 . LEY G 5 .   ? -6.892  2.249   -6.933  0.56 46.40  ? 306 LEY A C11 1 
HETATM 1249 C C12 . LEY G 5 .   ? -6.581  3.178   -5.981  0.56 47.95  ? 306 LEY A C12 1 
HETATM 1250 C C14 . LEY G 5 .   ? -4.431  2.244   -5.673  0.56 50.57  ? 306 LEY A C14 1 
HETATM 1251 C C2  . LEY G 5 .   ? -0.375  -0.947  -12.715 0.56 62.80  ? 306 LEY A C2  1 
HETATM 1252 C C3  . LEY G 5 .   ? -1.166  -2.237  -12.513 0.56 63.59  ? 306 LEY A C3  1 
HETATM 1253 C C9  . LEY G 5 .   ? -4.698  1.278   -6.631  0.56 49.90  ? 306 LEY A C9  1 
HETATM 1254 F F1  . LEY G 5 .   ? -7.512  4.117   -5.659  0.56 45.45  ? 306 LEY A F1  1 
HETATM 1255 N N2  . LEY G 5 .   ? -0.522  1.445   -11.894 0.56 57.71  ? 306 LEY A N2  1 
HETATM 1256 O O1  . LEY G 5 .   ? -2.268  2.375   -8.126  0.56 63.12  ? 306 LEY A O1  1 
HETATM 1257 O O   . HOH H 6 .   ? -16.202 -2.038  -8.296  1.00 56.89  ? 401 HOH A O   1 
HETATM 1258 O O   . HOH H 6 .   ? 14.792  -2.305  2.722   1.00 53.22  ? 402 HOH A O   1 
HETATM 1259 O O   . HOH H 6 .   ? 10.322  -8.430  8.494   1.00 44.38  ? 403 HOH A O   1 
HETATM 1260 O O   . HOH H 6 .   ? -0.634  -14.903 5.908   1.00 49.15  ? 404 HOH A O   1 
HETATM 1261 O O   . HOH H 6 .   ? -11.452 -8.165  6.650   1.00 55.02  ? 405 HOH A O   1 
HETATM 1262 O O   . HOH H 6 .   ? -10.606 -9.168  -7.376  1.00 39.30  ? 406 HOH A O   1 
HETATM 1263 O O   . HOH H 6 .   ? -9.427  7.552   -3.425  1.00 52.90  ? 407 HOH A O   1 
HETATM 1264 O O   . HOH H 6 .   ? 12.778  5.682   -14.309 1.00 50.40  ? 408 HOH A O   1 
HETATM 1265 O O   . HOH H 6 .   ? 10.578  -14.941 -16.506 1.00 73.43  ? 409 HOH A O   1 
HETATM 1266 O O   . HOH H 6 .   ? 4.237   12.262  9.754   1.00 49.89  ? 410 HOH A O   1 
HETATM 1267 O O   . HOH H 6 .   ? 5.688   -10.213 9.284   1.00 47.30  ? 411 HOH A O   1 
HETATM 1268 O O   . HOH H 6 .   ? 2.851   16.915  0.689   1.00 46.09  ? 412 HOH A O   1 
HETATM 1269 O O   . HOH H 6 .   ? 14.321  -7.861  6.818   1.00 58.24  ? 413 HOH A O   1 
HETATM 1270 O O   . HOH H 6 .   ? 4.613   -12.091 12.822  1.00 50.02  ? 414 HOH A O   1 
HETATM 1271 O O   . HOH H 6 .   ? -9.091  2.502   -10.275 1.00 31.68  ? 415 HOH A O   1 
HETATM 1272 O O   . HOH H 6 .   ? -0.053  2.707   13.986  1.00 26.88  ? 416 HOH A O   1 
HETATM 1273 O O   . HOH H 6 .   ? 9.563   5.166   10.114  1.00 42.84  ? 417 HOH A O   1 
HETATM 1274 O O   . HOH H 6 .   ? -8.091  16.044  4.365   1.00 57.45  ? 418 HOH A O   1 
HETATM 1275 O O   . HOH H 6 .   ? 3.820   -12.430 -15.586 1.00 62.28  ? 419 HOH A O   1 
HETATM 1276 O O   . HOH H 6 .   ? -9.817  -2.896  -15.506 1.00 36.30  ? 420 HOH A O   1 
HETATM 1277 O O   . HOH H 6 .   ? -5.000  18.759  6.343   1.00 45.31  ? 421 HOH A O   1 
HETATM 1278 O O   . HOH H 6 .   ? 10.624  -4.542  -2.252  1.00 26.16  ? 422 HOH A O   1 
HETATM 1279 O O   . HOH H 6 .   ? -3.178  8.761   15.550  1.00 52.80  ? 423 HOH A O   1 
HETATM 1280 O O   . HOH H 6 .   ? -11.423 3.254   12.433  1.00 37.62  ? 424 HOH A O   1 
HETATM 1281 O O   . HOH H 6 .   ? -8.387  6.210   6.798   1.00 33.19  ? 425 HOH A O   1 
HETATM 1282 O O   . HOH H 6 .   ? 1.208   -18.664 10.723  1.00 42.21  ? 426 HOH A O   1 
HETATM 1283 O O   . HOH H 6 .   ? 0.024   -3.420  -8.952  1.00 25.46  ? 427 HOH A O   1 
HETATM 1284 O O   . HOH H 6 .   ? 12.098  -0.126  -3.059  1.00 35.77  ? 428 HOH A O   1 
HETATM 1285 O O   . HOH H 6 .   ? -8.923  -4.521  -12.112 1.00 26.11  ? 429 HOH A O   1 
HETATM 1286 O O   . HOH H 6 .   ? 1.040   15.248  8.750   1.00 48.16  ? 430 HOH A O   1 
HETATM 1287 O O   . HOH H 6 .   ? 3.509   -13.281 5.980   1.00 35.36  ? 431 HOH A O   1 
HETATM 1288 O O   . HOH H 6 .   ? 2.758   2.354   13.528  1.00 35.54  ? 432 HOH A O   1 
HETATM 1289 O O   . HOH H 6 .   ? 12.655  0.039   5.915   1.00 34.04  ? 433 HOH A O   1 
HETATM 1290 O O   . HOH H 6 .   ? -5.773  -12.518 -0.875  1.00 40.65  ? 434 HOH A O   1 
HETATM 1291 O O   . HOH H 6 .   ? 7.582   -3.591  -17.350 1.00 57.71  ? 435 HOH A O   1 
HETATM 1292 O O   . HOH H 6 .   ? -8.565  17.841  1.273   1.00 66.92  ? 436 HOH A O   1 
HETATM 1293 O O   . HOH H 6 .   ? 4.576   1.794   -6.357  1.00 44.37  ? 437 HOH A O   1 
HETATM 1294 O O   . HOH H 6 .   ? -0.892  1.745   -4.755  1.00 31.24  ? 438 HOH A O   1 
HETATM 1295 O O   . HOH H 6 .   ? 10.873  4.397   6.777   1.00 45.56  ? 439 HOH A O   1 
HETATM 1296 O O   . HOH H 6 .   ? -1.851  19.276  -4.297  1.00 60.14  ? 440 HOH A O   1 
HETATM 1297 O O   . HOH H 6 .   ? -7.660  11.093  16.132  1.00 54.45  ? 441 HOH A O   1 
HETATM 1298 O O   . HOH H 6 .   ? -9.448  6.336   13.380  1.00 38.56  ? 442 HOH A O   1 
HETATM 1299 O O   . HOH H 6 .   ? 8.791   -12.097 -8.383  1.00 48.16  ? 443 HOH A O   1 
HETATM 1300 O O   . HOH H 6 .   ? 10.347  -4.272  -18.325 1.00 42.19  ? 444 HOH A O   1 
HETATM 1301 O O   . HOH H 6 .   ? 14.898  -9.854  -18.345 1.00 37.38  ? 445 HOH A O   1 
HETATM 1302 O O   . HOH H 6 .   ? -0.895  21.509  5.699   1.00 61.19  ? 446 HOH A O   1 
HETATM 1303 O O   . HOH H 6 .   ? 7.937   -14.103 -1.539  1.00 42.90  ? 447 HOH A O   1 
HETATM 1304 O O   . HOH H 6 .   ? -6.407  20.303  -3.917  1.00 53.78  ? 448 HOH A O   1 
HETATM 1305 O O   . HOH H 6 .   ? 1.628   5.200   11.177  1.00 28.21  ? 449 HOH A O   1 
HETATM 1306 O O   . HOH H 6 .   ? -2.682  -1.115  3.386   1.00 24.44  ? 450 HOH A O   1 
HETATM 1307 O O   . HOH H 6 .   ? 7.462   -2.486  -9.159  1.00 52.64  ? 451 HOH A O   1 
HETATM 1308 O O   . HOH H 6 .   ? -10.336 5.833   -5.394  1.00 47.28  ? 452 HOH A O   1 
HETATM 1309 O O   . HOH H 6 .   ? -8.495  13.013  6.495   1.00 39.71  ? 453 HOH A O   1 
HETATM 1310 O O   . HOH H 6 .   ? 1.120   0.629   -3.538  1.00 27.93  ? 454 HOH A O   1 
HETATM 1311 O O   . HOH H 6 .   ? -5.925  -10.724 -8.683  1.00 33.99  ? 455 HOH A O   1 
HETATM 1312 O O   . HOH H 6 .   ? -13.169 2.716   10.411  1.00 33.78  ? 456 HOH A O   1 
HETATM 1313 O O   . HOH H 6 .   ? 10.973  5.863   4.520   1.00 45.75  ? 457 HOH A O   1 
HETATM 1314 O O   . HOH H 6 .   ? -4.525  11.460  12.389  1.00 54.79  ? 458 HOH A O   1 
HETATM 1315 O O   . HOH H 6 .   ? -5.004  11.538  9.965   1.00 46.85  ? 459 HOH A O   1 
HETATM 1316 O O   . HOH H 6 .   ? -1.542  -14.256 0.392   1.00 25.43  ? 460 HOH A O   1 
HETATM 1317 O O   . HOH H 6 .   ? -8.539  -12.014 -6.213  1.00 43.10  ? 461 HOH A O   1 
HETATM 1318 O O   . HOH H 6 .   ? 13.193  6.227   -2.689  1.00 39.97  ? 462 HOH A O   1 
HETATM 1319 O O   . HOH H 6 .   ? 16.126  -4.245  9.445   1.00 61.06  ? 463 HOH A O   1 
HETATM 1320 O O   . HOH H 6 .   ? 11.686  -4.266  -6.365  1.00 58.80  ? 464 HOH A O   1 
HETATM 1321 O O   . HOH H 6 .   ? -11.393 -3.000  13.036  1.00 49.34  ? 465 HOH A O   1 
HETATM 1322 O O   . HOH H 6 .   ? 13.424  -14.946 -13.302 1.00 77.91  ? 466 HOH A O   1 
HETATM 1323 O O   . HOH H 6 .   ? -5.085  10.100  -6.294  1.00 43.99  ? 467 HOH A O   1 
HETATM 1324 O O   . HOH H 6 .   ? -7.781  12.843  9.391   1.00 50.48  ? 468 HOH A O   1 
HETATM 1325 O O   . HOH H 6 .   ? -8.887  -11.000 2.332   1.00 35.17  ? 469 HOH A O   1 
HETATM 1326 O O   . HOH H 6 .   ? 2.024   10.120  16.272  1.00 53.28  ? 470 HOH A O   1 
HETATM 1327 O O   . HOH H 6 .   ? 4.526   -16.648 -3.635  1.00 61.93  ? 471 HOH A O   1 
HETATM 1328 O O   . HOH H 6 .   ? -15.804 -4.021  10.769  1.00 51.87  ? 472 HOH A O   1 
HETATM 1329 O O   . HOH H 6 .   ? -4.777  -7.642  -10.962 1.00 63.69  ? 473 HOH A O   1 
HETATM 1330 O O   . HOH H 6 .   ? 14.173  -7.594  -10.465 1.00 50.22  ? 474 HOH A O   1 
HETATM 1331 O O   . HOH H 6 .   ? 10.190  16.815  -7.388  1.00 67.18  ? 475 HOH A O   1 
HETATM 1332 O O   . HOH H 6 .   ? 13.658  -13.105 -11.818 1.00 61.66  ? 476 HOH A O   1 
HETATM 1333 O O   . HOH H 6 .   ? 1.000   -11.654 -11.615 1.00 43.67  ? 477 HOH A O   1 
HETATM 1334 O O   . HOH H 6 .   ? -16.150 -6.827  12.029  1.00 55.97  ? 478 HOH A O   1 
HETATM 1335 O O   . HOH H 6 .   ? 6.632   14.437  -4.483  1.00 55.81  ? 479 HOH A O   1 
HETATM 1336 O O   . HOH H 6 .   ? -12.230 9.066   17.942  1.00 52.27  ? 480 HOH A O   1 
HETATM 1337 O O   . HOH H 6 .   ? -11.790 -10.201 -0.736  1.00 68.41  ? 481 HOH A O   1 
HETATM 1338 O O   . HOH H 6 .   ? 11.974  3.450   2.546   1.00 63.43  ? 482 HOH A O   1 
HETATM 1339 O O   . HOH H 6 .   ? 3.911   -12.715 -7.460  1.00 34.09  ? 483 HOH A O   1 
HETATM 1340 O O   . HOH H 6 .   ? 15.732  -17.920 -25.017 1.00 73.92  ? 484 HOH A O   1 
HETATM 1341 O O   . HOH H 6 .   ? 11.258  8.061   9.613   1.00 54.66  ? 485 HOH A O   1 
HETATM 1342 O O   . HOH H 6 .   ? -14.119 0.314   10.083  1.00 52.05  ? 486 HOH A O   1 
HETATM 1343 O O   . HOH H 6 .   ? 14.942  -0.091  4.043   1.00 50.56  ? 487 HOH A O   1 
HETATM 1344 O O   . HOH H 6 .   ? 0.055   -13.869 -3.607  1.00 52.11  ? 488 HOH A O   1 
HETATM 1345 O O   . HOH H 6 .   ? 12.198  2.302   5.201   1.00 44.06  ? 489 HOH A O   1 
HETATM 1346 O O   . HOH H 6 .   ? -15.237 4.759   10.597  1.00 50.62  ? 490 HOH A O   1 
# 
